data_2I00
#
_entry.id   2I00
#
_cell.length_a   77.410
_cell.length_b   177.091
_cell.length_c   104.429
_cell.angle_alpha   90.00
_cell.angle_beta   94.89
_cell.angle_gamma   90.00
#
_symmetry.space_group_name_H-M   'P 1 21 1'
#
loop_
_entity.id
_entity.type
_entity.pdbx_description
1 polymer 'Acetyltransferase, GNAT family'
2 water water
#
_entity_poly.entity_id   1
_entity_poly.type   'polypeptide(L)'
_entity_poly.pdbx_seq_one_letter_code
;MDEQEFRKQLTLKPVEEEHIDQFNELLSYVFQVTEADIEESGFENKRAFIKSKQPILELSKVFGWFHENQLISQIAIYPC
EVNIHGALYKMGGVTGVGTYPEYANHGLMKDLIQTALEEMRQDKQWISYLFPYNIPYYRRKGWEIMSDKLSFKIRDTQLP
KTVPVPGMIERLAVDHPDVFDVYARFARQNHGALIRSAFNWEEYWRFENEEERTAAVYYGANQEPLGVLFYWVADEVFHI
KEMFYLNQEARNGLWNFITAHFSMVYWVKGDIYKNEPLAFLLEDSQIKESIEPYYMARIVDVKAFLENFPFESTAKPFHF
VVKDPVAEWNNGIFGLIWDENDQVTITDEPLGTAVHLDIQTLTCLVMNYRRPSYLHRIERIDTDKETLNSLERIFPDQEA
YFSDYF
;
_entity_poly.pdbx_strand_id   A,B,C,D,E,F
#
# COMPACT_ATOMS: atom_id res chain seq x y z
N LEU A 10 45.60 -11.44 21.88
CA LEU A 10 45.04 -10.20 21.26
C LEU A 10 45.90 -8.97 21.58
N THR A 11 46.16 -8.14 20.57
CA THR A 11 46.88 -6.88 20.81
C THR A 11 46.05 -5.64 20.42
N LEU A 12 45.97 -4.69 21.35
CA LEU A 12 45.34 -3.39 21.12
C LEU A 12 46.43 -2.38 20.80
N LYS A 13 46.42 -1.88 19.57
CA LYS A 13 47.44 -0.98 19.09
C LYS A 13 46.89 -0.08 17.99
N PRO A 14 47.59 1.00 17.69
CA PRO A 14 47.25 1.87 16.59
C PRO A 14 47.19 1.19 15.27
N VAL A 15 46.35 1.67 14.39
CA VAL A 15 46.28 1.10 13.08
C VAL A 15 46.87 2.04 12.08
N GLU A 16 47.61 1.50 11.13
CA GLU A 16 48.51 2.31 10.34
C GLU A 16 48.21 2.19 8.92
N GLU A 17 48.70 3.13 8.14
CA GLU A 17 48.95 2.91 6.75
C GLU A 17 48.80 1.49 6.25
N GLU A 18 49.56 0.56 6.80
CA GLU A 18 49.38 -0.82 6.38
C GLU A 18 47.95 -1.28 6.56
N HIS A 19 47.42 -1.11 7.77
CA HIS A 19 46.18 -1.78 8.15
C HIS A 19 44.95 -1.15 7.55
N ILE A 20 45.12 -0.07 6.81
CA ILE A 20 43.97 0.73 6.36
C ILE A 20 43.00 -0.05 5.48
N ASP A 21 43.52 -0.92 4.61
CA ASP A 21 42.65 -1.84 3.88
C ASP A 21 41.74 -2.61 4.84
N GLN A 22 42.33 -3.23 5.85
CA GLN A 22 41.58 -4.01 6.84
C GLN A 22 40.52 -3.16 7.57
N PHE A 23 40.94 -1.99 8.07
CA PHE A 23 40.02 -1.01 8.66
C PHE A 23 38.78 -0.85 7.80
N ASN A 24 38.99 -0.62 6.50
CA ASN A 24 37.88 -0.44 5.57
C ASN A 24 36.94 -1.65 5.47
N GLU A 25 37.52 -2.85 5.36
CA GLU A 25 36.76 -4.10 5.28
C GLU A 25 35.87 -4.30 6.50
N LEU A 26 36.40 -4.10 7.70
CA LEU A 26 35.60 -4.18 8.92
C LEU A 26 34.46 -3.17 8.82
N LEU A 27 34.77 -1.99 8.31
CA LEU A 27 33.83 -0.88 8.25
C LEU A 27 32.64 -1.15 7.34
N SER A 28 32.86 -1.86 6.22
CA SER A 28 31.73 -2.23 5.35
C SER A 28 30.82 -3.22 6.07
N TYR A 29 31.41 -4.14 6.81
CA TYR A 29 30.61 -5.15 7.54
C TYR A 29 29.75 -4.59 8.67
N VAL A 30 30.07 -3.39 9.17
CA VAL A 30 29.27 -2.75 10.21
C VAL A 30 28.51 -1.52 9.74
N PHE A 31 28.95 -0.91 8.63
CA PHE A 31 28.36 0.36 8.21
C PHE A 31 26.89 0.15 7.87
N GLN A 32 26.06 0.96 8.50
CA GLN A 32 24.62 0.84 8.40
C GLN A 32 24.13 1.94 7.50
N VAL A 33 24.63 1.94 6.26
CA VAL A 33 24.16 2.87 5.24
C VAL A 33 23.06 2.20 4.42
N THR A 34 22.05 2.97 4.09
CA THR A 34 20.89 2.48 3.38
C THR A 34 21.29 2.26 1.94
N GLU A 35 20.56 1.39 1.27
CA GLU A 35 20.80 1.07 -0.14
C GLU A 35 20.45 2.31 -0.98
N ALA A 36 19.40 3.03 -0.56
CA ALA A 36 18.96 4.27 -1.21
C ALA A 36 20.03 5.37 -1.20
N ASP A 37 20.72 5.49 -0.06
CA ASP A 37 21.77 6.49 0.09
C ASP A 37 23.03 6.17 -0.70
N ILE A 38 23.27 4.87 -0.97
CA ILE A 38 24.43 4.42 -1.76
C ILE A 38 24.20 4.72 -3.23
N GLU A 39 22.96 4.58 -3.67
CA GLU A 39 22.59 4.92 -5.04
C GLU A 39 22.72 6.43 -5.28
N GLU A 40 22.03 7.23 -4.46
CA GLU A 40 22.10 8.68 -4.54
C GLU A 40 23.52 9.23 -4.50
N SER A 41 24.41 8.55 -3.79
CA SER A 41 25.80 9.03 -3.63
C SER A 41 26.62 9.02 -4.91
N GLY A 42 26.20 8.23 -5.90
CA GLY A 42 26.97 8.06 -7.14
C GLY A 42 28.03 6.97 -7.10
N PHE A 43 28.16 6.28 -5.97
CA PHE A 43 29.07 5.13 -5.81
C PHE A 43 28.30 3.84 -6.12
N GLU A 44 28.92 2.96 -6.91
CA GLU A 44 28.26 1.75 -7.46
C GLU A 44 27.78 0.87 -6.32
N ASN A 45 28.72 0.52 -5.45
CA ASN A 45 28.46 -0.35 -4.34
C ASN A 45 28.98 0.36 -3.08
N LYS A 46 28.91 -0.31 -1.94
CA LYS A 46 29.32 0.30 -0.68
C LYS A 46 30.81 0.10 -0.31
N ARG A 47 31.58 -0.62 -1.14
CA ARG A 47 33.04 -0.70 -0.97
C ARG A 47 33.70 0.53 -1.60
N ALA A 48 33.22 0.90 -2.78
CA ALA A 48 33.61 2.17 -3.40
C ALA A 48 33.25 3.35 -2.50
N PHE A 49 32.10 3.27 -1.87
CA PHE A 49 31.60 4.31 -0.97
C PHE A 49 32.53 4.48 0.23
N ILE A 50 32.83 3.39 0.94
CA ILE A 50 33.73 3.48 2.10
C ILE A 50 35.19 3.86 1.74
N LYS A 51 35.62 3.58 0.50
CA LYS A 51 36.98 3.94 0.04
C LYS A 51 37.13 5.45 -0.17
N SER A 52 36.00 6.16 -0.29
CA SER A 52 36.00 7.62 -0.31
C SER A 52 36.17 8.25 1.10
N LYS A 53 35.86 7.50 2.16
CA LYS A 53 36.06 7.97 3.55
C LYS A 53 37.52 7.98 4.00
N GLN A 54 38.44 7.51 3.15
CA GLN A 54 39.81 7.23 3.58
C GLN A 54 40.64 8.50 3.94
N PRO A 55 40.42 9.61 3.21
CA PRO A 55 41.04 10.87 3.64
C PRO A 55 40.68 11.31 5.07
N ILE A 56 39.49 10.93 5.56
CA ILE A 56 39.13 11.18 6.96
C ILE A 56 40.07 10.41 7.88
N LEU A 57 40.16 9.11 7.62
CA LEU A 57 41.00 8.17 8.37
C LEU A 57 42.47 8.56 8.47
N GLU A 58 43.05 9.04 7.38
CA GLU A 58 44.44 9.50 7.46
C GLU A 58 44.58 10.80 8.29
N LEU A 59 43.48 11.51 8.57
CA LEU A 59 43.54 12.64 9.53
C LEU A 59 43.35 12.22 11.01
N SER A 60 42.75 11.06 11.21
CA SER A 60 42.27 10.66 12.52
C SER A 60 43.29 9.87 13.30
N LYS A 61 43.11 9.82 14.62
CA LYS A 61 43.78 8.84 15.46
C LYS A 61 42.94 7.56 15.39
N VAL A 62 43.55 6.47 14.94
CA VAL A 62 42.85 5.21 14.77
C VAL A 62 43.47 4.13 15.65
N PHE A 63 42.60 3.39 16.34
CA PHE A 63 43.01 2.29 17.20
C PHE A 63 42.18 1.06 16.91
N GLY A 64 42.72 -0.10 17.26
CA GLY A 64 42.06 -1.36 16.99
C GLY A 64 42.54 -2.53 17.81
N TRP A 65 41.73 -3.57 17.85
CA TRP A 65 42.10 -4.85 18.44
C TRP A 65 42.49 -5.80 17.32
N PHE A 66 43.54 -6.57 17.60
CA PHE A 66 44.16 -7.46 16.61
C PHE A 66 44.25 -8.90 17.15
N HIS A 67 43.51 -9.80 16.49
CA HIS A 67 43.68 -11.26 16.58
C HIS A 67 44.86 -11.54 15.66
N GLU A 68 46.03 -11.50 16.26
CA GLU A 68 47.27 -11.16 15.55
C GLU A 68 47.55 -11.97 14.27
N ASN A 69 47.57 -11.32 13.09
CA ASN A 69 47.57 -9.86 12.93
C ASN A 69 46.33 -9.42 12.17
N GLN A 70 45.17 -9.91 12.63
CA GLN A 70 43.87 -9.56 12.03
C GLN A 70 43.14 -8.45 12.83
N LEU A 71 42.67 -7.42 12.12
CA LEU A 71 41.89 -6.32 12.72
C LEU A 71 40.46 -6.80 12.96
N ILE A 72 40.06 -6.87 14.24
CA ILE A 72 38.71 -7.38 14.56
C ILE A 72 37.73 -6.35 15.18
N SER A 73 38.29 -5.26 15.70
CA SER A 73 37.51 -4.18 16.28
C SER A 73 38.29 -2.90 16.13
N GLN A 74 37.61 -1.77 16.05
CA GLN A 74 38.28 -0.50 15.79
C GLN A 74 37.46 0.74 16.15
N ILE A 75 38.19 1.84 16.33
CA ILE A 75 37.65 3.14 16.65
C ILE A 75 38.56 4.18 16.03
N ALA A 76 37.99 5.26 15.49
CA ALA A 76 38.80 6.40 15.02
C ALA A 76 38.33 7.72 15.67
N ILE A 77 39.26 8.65 15.87
CA ILE A 77 38.98 9.98 16.39
C ILE A 77 39.39 10.98 15.35
N TYR A 78 38.40 11.56 14.70
CA TYR A 78 38.58 12.60 13.70
C TYR A 78 38.65 14.01 14.35
N PRO A 79 39.77 14.73 14.16
CA PRO A 79 39.91 16.06 14.80
C PRO A 79 39.02 17.16 14.21
N CYS A 80 38.12 17.70 15.03
CA CYS A 80 37.29 18.81 14.60
C CYS A 80 37.35 20.02 15.51
N GLU A 81 36.56 21.01 15.15
CA GLU A 81 36.36 22.17 15.97
C GLU A 81 34.87 22.56 15.96
N VAL A 82 34.35 22.90 17.14
CA VAL A 82 32.92 23.22 17.32
C VAL A 82 32.66 24.48 18.14
N ASN A 83 31.45 25.03 17.99
CA ASN A 83 30.94 26.15 18.77
C ASN A 83 30.19 25.60 19.99
N ILE A 84 30.68 25.91 21.19
CA ILE A 84 29.97 25.60 22.43
C ILE A 84 29.60 26.95 23.05
N HIS A 85 28.33 27.32 22.90
CA HIS A 85 27.76 28.59 23.38
C HIS A 85 28.58 29.85 23.08
N GLY A 86 29.25 29.86 21.93
CA GLY A 86 30.08 30.99 21.49
C GLY A 86 31.58 30.78 21.61
N ALA A 87 32.00 29.72 22.28
CA ALA A 87 33.42 29.42 22.41
C ALA A 87 33.81 28.28 21.45
N LEU A 88 34.94 28.43 20.79
CA LEU A 88 35.45 27.43 19.88
C LEU A 88 36.22 26.38 20.67
N TYR A 89 35.76 25.13 20.59
CA TYR A 89 36.39 24.02 21.26
C TYR A 89 36.91 23.03 20.22
N LYS A 90 38.12 22.53 20.44
CA LYS A 90 38.59 21.32 19.78
C LYS A 90 37.71 20.12 20.13
N MET A 91 37.33 19.36 19.11
CA MET A 91 36.37 18.30 19.29
C MET A 91 36.91 16.97 18.73
N GLY A 92 36.70 15.88 19.48
CA GLY A 92 37.06 14.55 19.01
C GLY A 92 35.88 13.78 18.44
N GLY A 93 35.85 13.64 17.11
CA GLY A 93 34.74 12.99 16.40
C GLY A 93 34.93 11.50 16.24
N VAL A 94 34.15 10.69 16.96
CA VAL A 94 34.36 9.26 16.83
C VAL A 94 33.62 8.77 15.58
N THR A 95 34.42 8.11 14.73
CA THR A 95 33.98 7.45 13.49
C THR A 95 34.55 6.05 13.34
N GLY A 96 33.99 5.36 12.34
CA GLY A 96 34.50 4.09 11.88
C GLY A 96 34.43 3.02 12.95
N VAL A 97 33.59 3.21 13.96
CA VAL A 97 33.57 2.25 15.06
C VAL A 97 32.88 0.96 14.67
N GLY A 98 33.43 -0.14 15.16
CA GLY A 98 32.90 -1.45 14.81
C GLY A 98 33.67 -2.58 15.42
N THR A 99 32.95 -3.65 15.76
CA THR A 99 33.54 -4.94 16.10
C THR A 99 32.92 -5.94 15.13
N TYR A 100 33.68 -6.97 14.77
CA TYR A 100 33.14 -8.08 13.99
C TYR A 100 32.14 -8.85 14.87
N PRO A 101 30.90 -9.09 14.36
CA PRO A 101 29.80 -9.70 15.16
C PRO A 101 30.24 -10.88 16.04
N GLU A 102 31.18 -11.69 15.52
CA GLU A 102 31.82 -12.78 16.26
C GLU A 102 32.42 -12.37 17.62
N TYR A 103 33.03 -11.18 17.67
CA TYR A 103 33.87 -10.81 18.81
C TYR A 103 33.18 -9.87 19.80
N ALA A 104 31.85 -9.86 19.80
CA ALA A 104 31.09 -8.82 20.48
C ALA A 104 30.88 -9.03 22.00
N ASN A 105 31.24 -10.20 22.53
CA ASN A 105 30.97 -10.49 23.95
C ASN A 105 32.09 -10.03 24.89
N HIS A 106 33.23 -9.66 24.32
CA HIS A 106 34.51 -9.69 25.04
C HIS A 106 34.99 -8.36 25.64
N GLY A 107 34.09 -7.36 25.69
CA GLY A 107 34.45 -6.02 26.16
C GLY A 107 35.63 -5.41 25.38
N LEU A 108 35.70 -5.70 24.09
CA LEU A 108 36.72 -5.17 23.21
C LEU A 108 36.56 -3.65 23.04
N MET A 109 35.34 -3.20 22.79
CA MET A 109 35.10 -1.79 22.52
C MET A 109 35.35 -0.92 23.73
N LYS A 110 35.03 -1.44 24.91
CA LYS A 110 35.31 -0.72 26.17
C LYS A 110 36.74 -0.17 26.26
N ASP A 111 37.72 -1.00 25.88
CA ASP A 111 39.12 -0.61 26.01
C ASP A 111 39.56 0.36 24.91
N LEU A 112 39.01 0.15 23.72
CA LEU A 112 39.19 1.09 22.60
C LEU A 112 38.71 2.51 22.97
N ILE A 113 37.55 2.56 23.63
CA ILE A 113 36.95 3.79 24.10
C ILE A 113 37.79 4.43 25.21
N GLN A 114 38.22 3.57 26.13
CA GLN A 114 39.17 3.94 27.17
C GLN A 114 40.39 4.64 26.52
N THR A 115 41.01 3.94 25.58
CA THR A 115 42.15 4.40 24.81
C THR A 115 41.90 5.71 24.09
N ALA A 116 40.79 5.76 23.34
CA ALA A 116 40.34 6.94 22.62
C ALA A 116 40.19 8.17 23.52
N LEU A 117 39.49 7.99 24.65
CA LEU A 117 39.36 9.06 25.63
C LEU A 117 40.72 9.52 26.16
N GLU A 118 41.65 8.59 26.39
CA GLU A 118 43.01 8.98 26.78
C GLU A 118 43.67 9.84 25.72
N GLU A 119 43.47 9.45 24.45
CA GLU A 119 44.01 10.21 23.31
C GLU A 119 43.39 11.58 23.18
N MET A 120 42.08 11.63 23.33
CA MET A 120 41.34 12.89 23.18
C MET A 120 41.83 13.86 24.24
N ARG A 121 42.04 13.36 25.44
CA ARG A 121 42.50 14.23 26.52
C ARG A 121 43.87 14.85 26.25
N GLN A 122 44.81 14.04 25.78
CA GLN A 122 46.13 14.53 25.36
C GLN A 122 46.07 15.47 24.19
N ASP A 123 45.15 15.24 23.26
CA ASP A 123 44.98 16.15 22.13
C ASP A 123 44.22 17.44 22.50
N LYS A 124 43.96 17.64 23.79
CA LYS A 124 43.21 18.78 24.26
C LYS A 124 41.80 18.89 23.62
N GLN A 125 41.19 17.73 23.43
CA GLN A 125 39.81 17.62 22.93
C GLN A 125 38.89 17.36 24.13
N TRP A 126 38.29 18.41 24.68
CA TRP A 126 37.57 18.28 25.96
C TRP A 126 36.11 17.87 25.76
N ILE A 127 35.65 17.85 24.51
CA ILE A 127 34.30 17.40 24.12
C ILE A 127 34.44 16.49 22.89
N SER A 128 33.60 15.46 22.84
CA SER A 128 33.58 14.48 21.75
C SER A 128 32.14 14.35 21.21
N TYR A 129 31.98 14.41 19.89
CA TYR A 129 30.69 14.11 19.23
C TYR A 129 30.71 12.72 18.59
N LEU A 130 29.54 12.13 18.47
CA LEU A 130 29.35 10.74 18.04
C LEU A 130 27.97 10.61 17.41
N PHE A 131 27.89 10.10 16.17
CA PHE A 131 26.59 9.69 15.61
C PHE A 131 26.17 8.41 16.36
N PRO A 132 24.93 8.33 16.79
CA PRO A 132 24.56 7.18 17.60
C PRO A 132 24.19 5.90 16.81
N TYR A 133 25.12 4.97 16.63
CA TYR A 133 24.74 3.66 16.14
C TYR A 133 23.98 2.88 17.19
N ASN A 134 24.39 2.99 18.45
CA ASN A 134 23.76 2.27 19.56
C ASN A 134 23.72 3.18 20.75
N ILE A 135 22.60 3.85 20.90
CA ILE A 135 22.45 4.82 21.98
C ILE A 135 22.64 4.21 23.35
N PRO A 136 21.98 3.08 23.65
CA PRO A 136 22.12 2.48 24.96
C PRO A 136 23.59 2.12 25.28
N TYR A 137 24.29 1.56 24.30
CA TYR A 137 25.69 1.21 24.52
C TYR A 137 26.53 2.45 24.77
N TYR A 138 26.37 3.45 23.92
CA TYR A 138 27.19 4.65 24.04
C TYR A 138 26.86 5.50 25.25
N ARG A 139 25.59 5.48 25.67
CA ARG A 139 25.21 6.15 26.89
C ARG A 139 25.88 5.52 28.12
N ARG A 140 26.03 4.21 28.13
CA ARG A 140 26.73 3.51 29.19
C ARG A 140 28.22 3.85 29.22
N LYS A 141 28.77 4.22 28.06
CA LYS A 141 30.15 4.69 27.98
C LYS A 141 30.30 6.21 28.21
N GLY A 142 29.19 6.87 28.50
CA GLY A 142 29.19 8.21 29.05
C GLY A 142 28.65 9.30 28.13
N TRP A 143 28.29 8.92 26.89
CA TRP A 143 27.74 9.88 25.95
C TRP A 143 26.28 10.21 26.30
N GLU A 144 25.85 11.38 25.85
CA GLU A 144 24.46 11.75 25.93
C GLU A 144 24.06 12.47 24.66
N ILE A 145 22.76 12.45 24.36
CA ILE A 145 22.24 13.15 23.18
C ILE A 145 22.47 14.65 23.36
N MET A 146 22.96 15.31 22.32
CA MET A 146 23.27 16.73 22.33
C MET A 146 22.31 17.57 21.47
N SER A 147 21.59 16.94 20.55
CA SER A 147 20.82 17.65 19.54
C SER A 147 19.75 16.77 18.92
N ASP A 148 18.72 17.39 18.37
CA ASP A 148 17.63 16.71 17.68
C ASP A 148 17.65 17.13 16.19
N LYS A 149 17.06 16.30 15.35
CA LYS A 149 16.71 16.61 13.97
C LYS A 149 15.20 16.57 13.85
N LEU A 150 14.65 17.61 13.27
CA LEU A 150 13.23 17.73 13.03
C LEU A 150 12.94 17.50 11.56
N SER A 151 11.81 16.86 11.28
CA SER A 151 11.40 16.63 9.92
C SER A 151 9.94 17.02 9.79
N PHE A 152 9.64 17.71 8.70
CA PHE A 152 8.30 18.20 8.43
C PHE A 152 7.93 17.97 6.96
N LYS A 153 6.63 17.99 6.75
CA LYS A 153 6.05 17.81 5.44
C LYS A 153 4.82 18.68 5.47
N ILE A 154 4.85 19.84 4.79
CA ILE A 154 3.67 20.69 4.81
C ILE A 154 2.99 20.75 3.45
N ARG A 155 1.69 20.96 3.51
CA ARG A 155 0.86 21.04 2.31
C ARG A 155 1.14 22.37 1.64
N ASP A 156 1.06 22.40 0.31
CA ASP A 156 1.13 23.66 -0.48
C ASP A 156 0.16 24.71 0.07
N THR A 157 -0.95 24.19 0.54
CA THR A 157 -2.07 24.94 1.07
C THR A 157 -1.76 25.58 2.45
N GLN A 158 -0.67 25.11 3.08
CA GLN A 158 -0.20 25.56 4.39
C GLN A 158 1.03 26.46 4.30
N LEU A 159 1.46 26.81 3.09
CA LEU A 159 2.64 27.65 2.88
C LEU A 159 2.42 29.05 3.40
N PRO A 160 3.46 29.67 3.99
CA PRO A 160 3.30 30.96 4.65
C PRO A 160 3.08 32.10 3.68
N LYS A 161 2.40 33.14 4.14
CA LYS A 161 2.23 34.33 3.34
C LYS A 161 3.57 35.03 3.23
N THR A 162 3.74 35.70 2.11
CA THR A 162 4.88 36.51 1.81
C THR A 162 5.05 37.60 2.86
N VAL A 163 6.30 37.79 3.26
CA VAL A 163 6.70 38.88 4.14
C VAL A 163 7.55 39.83 3.30
N PRO A 164 7.20 41.13 3.31
CA PRO A 164 8.07 42.11 2.67
C PRO A 164 9.51 42.10 3.20
N VAL A 165 10.47 41.94 2.29
CA VAL A 165 11.87 42.01 2.61
C VAL A 165 12.57 42.87 1.57
N PRO A 166 13.61 43.59 1.98
CA PRO A 166 14.31 44.44 1.01
C PRO A 166 15.27 43.72 0.06
N GLY A 167 15.60 42.47 0.32
CA GLY A 167 16.66 41.82 -0.43
C GLY A 167 16.16 40.91 -1.52
N MET A 168 17.07 40.17 -2.11
CA MET A 168 16.73 39.28 -3.21
C MET A 168 17.40 37.89 -3.09
N ILE A 169 16.90 36.97 -3.92
CA ILE A 169 17.40 35.61 -3.96
C ILE A 169 18.13 35.34 -5.28
N GLU A 170 19.31 34.74 -5.17
CA GLU A 170 19.97 34.12 -6.32
C GLU A 170 20.06 32.61 -6.17
N ARG A 171 19.92 31.93 -7.30
CA ARG A 171 20.08 30.49 -7.39
C ARG A 171 21.52 30.22 -7.76
N LEU A 172 22.21 29.51 -6.86
CA LEU A 172 23.64 29.32 -6.97
C LEU A 172 24.01 27.85 -6.85
N ALA A 173 25.19 27.50 -7.37
CA ALA A 173 25.76 26.19 -7.12
C ALA A 173 26.02 26.08 -5.62
N VAL A 174 25.82 24.90 -5.05
CA VAL A 174 25.96 24.67 -3.61
C VAL A 174 27.38 24.93 -3.06
N ASP A 175 28.38 24.99 -3.93
CA ASP A 175 29.78 25.25 -3.50
C ASP A 175 30.26 26.66 -3.89
N HIS A 176 29.32 27.55 -4.21
CA HIS A 176 29.62 28.95 -4.47
C HIS A 176 30.21 29.53 -3.19
N PRO A 177 31.24 30.39 -3.30
CA PRO A 177 31.90 30.96 -2.11
C PRO A 177 30.99 31.64 -1.11
N ASP A 178 29.91 32.24 -1.58
CA ASP A 178 28.96 32.87 -0.65
C ASP A 178 28.32 31.87 0.31
N VAL A 179 28.05 30.64 -0.14
CA VAL A 179 27.46 29.62 0.74
C VAL A 179 28.37 29.38 1.96
N PHE A 180 29.67 29.17 1.68
CA PHE A 180 30.69 28.93 2.68
C PHE A 180 30.81 30.08 3.66
N ASP A 181 30.74 31.29 3.14
CA ASP A 181 30.86 32.49 3.95
C ASP A 181 29.68 32.61 4.91
N VAL A 182 28.47 32.34 4.45
CA VAL A 182 27.31 32.42 5.34
C VAL A 182 27.37 31.35 6.42
N TYR A 183 27.80 30.14 6.06
CA TYR A 183 27.90 29.09 7.06
C TYR A 183 29.04 29.38 8.09
N ALA A 184 30.16 29.92 7.62
CA ALA A 184 31.27 30.23 8.54
C ALA A 184 30.79 31.18 9.66
N ARG A 185 29.93 32.13 9.31
CA ARG A 185 29.35 33.06 10.29
C ARG A 185 28.21 32.42 11.09
N PHE A 186 27.41 31.59 10.44
CA PHE A 186 26.33 30.88 11.13
C PHE A 186 26.87 29.99 12.26
N ALA A 187 27.92 29.24 11.94
CA ALA A 187 28.54 28.34 12.89
C ALA A 187 29.08 29.12 14.08
N ARG A 188 29.60 30.31 13.84
CA ARG A 188 30.19 31.12 14.92
C ARG A 188 29.16 31.80 15.84
N GLN A 189 27.90 31.86 15.42
CA GLN A 189 26.85 32.37 16.28
C GLN A 189 25.76 31.36 16.66
N ASN A 190 25.96 30.09 16.34
CA ASN A 190 24.99 29.03 16.68
C ASN A 190 25.62 27.87 17.42
N HIS A 191 25.28 27.78 18.70
CA HIS A 191 25.68 26.72 19.58
C HIS A 191 25.56 25.32 18.95
N GLY A 192 26.63 24.53 19.12
CA GLY A 192 26.70 23.16 18.69
C GLY A 192 27.47 22.93 17.40
N ALA A 193 27.55 23.94 16.55
CA ALA A 193 27.86 23.78 15.16
C ALA A 193 29.32 23.43 14.88
N LEU A 194 29.53 22.63 13.83
CA LEU A 194 30.86 22.39 13.30
C LEU A 194 31.43 23.63 12.63
N ILE A 195 32.71 23.92 12.91
CA ILE A 195 33.43 24.92 12.14
C ILE A 195 34.07 24.17 10.97
N ARG A 196 33.61 24.43 9.75
CA ARG A 196 33.95 23.59 8.62
C ARG A 196 35.18 24.02 7.81
N SER A 197 35.99 23.05 7.42
CA SER A 197 36.98 23.30 6.37
C SER A 197 36.36 22.89 5.05
N ALA A 198 37.00 23.31 3.97
CA ALA A 198 36.70 22.79 2.64
C ALA A 198 36.50 21.29 2.66
N PHE A 199 37.26 20.59 3.50
CA PHE A 199 37.15 19.14 3.62
C PHE A 199 35.88 18.61 4.31
N ASN A 200 35.39 19.32 5.33
CA ASN A 200 34.12 18.95 5.97
C ASN A 200 32.94 19.16 5.03
N TRP A 201 33.11 20.12 4.13
CA TRP A 201 32.11 20.38 3.11
C TRP A 201 31.99 19.27 2.05
N GLU A 202 33.10 18.64 1.64
CA GLU A 202 33.00 17.45 0.76
C GLU A 202 32.23 16.31 1.44
N GLU A 203 32.57 16.04 2.69
CA GLU A 203 31.84 15.06 3.49
C GLU A 203 30.35 15.38 3.64
N TYR A 204 30.05 16.68 3.75
CA TYR A 204 28.66 17.16 3.89
C TYR A 204 27.82 16.69 2.69
N TRP A 205 28.45 16.69 1.52
CA TRP A 205 27.79 16.33 0.25
C TRP A 205 28.02 14.92 -0.26
N ARG A 206 28.58 14.04 0.55
CA ARG A 206 29.00 12.75 0.04
C ARG A 206 27.90 11.71 -0.19
N PHE A 207 26.69 11.92 0.33
CA PHE A 207 25.56 11.01 0.06
C PHE A 207 24.66 11.45 -1.08
N GLU A 208 25.08 12.48 -1.80
CA GLU A 208 24.23 13.21 -2.69
C GLU A 208 25.01 13.68 -3.89
N ASN A 209 24.32 13.87 -4.99
CA ASN A 209 24.89 14.52 -6.16
C ASN A 209 24.64 16.02 -6.07
N GLU A 210 25.69 16.74 -5.68
CA GLU A 210 25.69 18.21 -5.55
C GLU A 210 25.12 18.93 -6.75
N GLU A 211 25.34 18.36 -7.93
CA GLU A 211 24.93 19.01 -9.19
C GLU A 211 23.42 19.01 -9.33
N GLU A 212 22.75 18.07 -8.66
CA GLU A 212 21.31 18.02 -8.60
C GLU A 212 20.71 18.77 -7.36
N ARG A 213 21.48 19.69 -6.78
CA ARG A 213 21.00 20.52 -5.70
C ARG A 213 21.36 21.99 -6.01
N THR A 214 20.63 22.92 -5.42
CA THR A 214 20.95 24.32 -5.59
C THR A 214 20.85 25.06 -4.26
N ALA A 215 21.65 26.10 -4.15
CA ALA A 215 21.62 26.99 -3.01
C ALA A 215 20.89 28.27 -3.39
N ALA A 216 19.73 28.48 -2.79
CA ALA A 216 19.07 29.76 -2.89
C ALA A 216 19.71 30.58 -1.80
N VAL A 217 20.35 31.67 -2.19
CA VAL A 217 21.05 32.54 -1.27
C VAL A 217 20.33 33.87 -1.28
N TYR A 218 19.95 34.30 -0.08
CA TYR A 218 19.33 35.55 0.13
C TYR A 218 20.39 36.61 0.40
N TYR A 219 20.34 37.69 -0.38
CA TYR A 219 21.22 38.84 -0.20
C TYR A 219 20.45 40.02 0.39
N GLY A 220 21.00 40.60 1.45
CA GLY A 220 20.44 41.81 2.05
C GLY A 220 20.66 43.00 1.14
N ALA A 221 20.05 44.16 1.45
CA ALA A 221 20.03 45.32 0.49
C ALA A 221 21.45 45.81 0.06
N ASN A 222 22.44 45.28 0.75
CA ASN A 222 23.87 45.57 0.65
C ASN A 222 24.60 44.58 -0.30
N GLN A 223 23.85 43.60 -0.82
CA GLN A 223 24.41 42.46 -1.57
C GLN A 223 25.33 41.56 -0.74
N GLU A 224 25.17 41.60 0.57
CA GLU A 224 25.84 40.65 1.43
C GLU A 224 24.87 39.50 1.68
N PRO A 225 25.37 38.26 1.56
CA PRO A 225 24.55 37.09 1.76
C PRO A 225 24.32 36.81 3.24
N LEU A 226 23.07 36.56 3.59
CA LEU A 226 22.63 36.37 4.96
C LEU A 226 21.90 35.04 5.19
N GLY A 227 21.71 34.24 4.14
CA GLY A 227 20.94 33.02 4.29
C GLY A 227 21.09 32.08 3.13
N VAL A 228 21.00 30.78 3.43
CA VAL A 228 21.15 29.71 2.47
C VAL A 228 20.04 28.67 2.64
N LEU A 229 19.41 28.33 1.51
CA LEU A 229 18.48 27.21 1.39
C LEU A 229 19.07 26.21 0.39
N PHE A 230 19.31 24.99 0.83
CA PHE A 230 19.68 23.90 -0.04
C PHE A 230 18.40 23.17 -0.38
N TYR A 231 18.09 23.11 -1.67
CA TYR A 231 16.84 22.50 -2.09
C TYR A 231 16.92 21.87 -3.47
N TRP A 232 15.92 21.06 -3.76
CA TRP A 232 15.59 20.68 -5.14
C TRP A 232 14.10 20.41 -5.25
N VAL A 233 13.54 20.59 -6.45
CA VAL A 233 12.16 20.15 -6.78
C VAL A 233 12.16 18.78 -7.53
N ALA A 234 11.28 17.86 -7.12
CA ALA A 234 11.11 16.54 -7.74
C ALA A 234 9.71 16.03 -7.47
N ASP A 235 9.08 15.56 -8.55
CA ASP A 235 7.71 15.03 -8.54
C ASP A 235 6.76 15.82 -7.70
N GLU A 236 6.71 17.13 -7.93
CA GLU A 236 5.76 18.03 -7.26
C GLU A 236 5.87 18.09 -5.74
N VAL A 237 7.10 17.87 -5.27
CA VAL A 237 7.50 18.12 -3.92
C VAL A 237 8.69 19.08 -3.95
N PHE A 238 8.63 20.11 -3.09
CA PHE A 238 9.77 20.98 -2.80
C PHE A 238 10.56 20.38 -1.63
N HIS A 239 11.78 19.93 -1.95
CA HIS A 239 12.69 19.29 -0.99
C HIS A 239 13.72 20.25 -0.38
N ILE A 240 13.69 20.37 0.94
CA ILE A 240 14.63 21.23 1.68
C ILE A 240 15.63 20.35 2.39
N LYS A 241 16.88 20.38 1.94
CA LYS A 241 17.94 19.65 2.63
C LYS A 241 18.14 20.25 4.05
N GLU A 242 18.31 21.57 4.07
CA GLU A 242 18.14 22.44 5.23
C GLU A 242 18.24 23.88 4.79
N MET A 243 17.93 24.79 5.70
CA MET A 243 18.22 26.21 5.54
C MET A 243 18.95 26.72 6.77
N PHE A 244 19.86 27.66 6.58
CA PHE A 244 20.46 28.38 7.67
C PHE A 244 20.53 29.87 7.30
N TYR A 245 20.31 30.70 8.30
CA TYR A 245 20.19 32.10 8.08
C TYR A 245 20.78 32.84 9.29
N LEU A 246 21.34 34.01 9.03
CA LEU A 246 21.91 34.86 10.08
C LEU A 246 20.91 35.73 10.82
N ASN A 247 19.72 35.97 10.22
CA ASN A 247 18.64 36.73 10.89
C ASN A 247 17.24 36.43 10.35
N GLN A 248 16.23 37.11 10.88
CA GLN A 248 14.84 36.87 10.49
C GLN A 248 14.48 37.30 9.09
N GLU A 249 15.03 38.44 8.67
CA GLU A 249 14.83 38.91 7.32
C GLU A 249 15.22 37.84 6.32
N ALA A 250 16.39 37.24 6.53
CA ALA A 250 16.91 36.20 5.66
C ALA A 250 15.98 34.98 5.66
N ARG A 251 15.59 34.53 6.85
CA ARG A 251 14.61 33.44 6.96
C ARG A 251 13.35 33.65 6.15
N ASN A 252 12.79 34.86 6.30
CA ASN A 252 11.57 35.27 5.63
C ASN A 252 11.77 35.37 4.12
N GLY A 253 12.93 35.87 3.70
CA GLY A 253 13.28 35.89 2.27
C GLY A 253 13.31 34.51 1.66
N LEU A 254 13.89 33.58 2.39
CA LEU A 254 13.96 32.19 1.93
C LEU A 254 12.59 31.52 1.95
N TRP A 255 11.76 31.83 2.94
CA TRP A 255 10.44 31.26 2.97
C TRP A 255 9.57 31.89 1.90
N ASN A 256 9.83 33.15 1.56
CA ASN A 256 9.12 33.84 0.46
C ASN A 256 9.38 33.16 -0.87
N PHE A 257 10.61 32.76 -1.06
CA PHE A 257 11.07 32.08 -2.28
C PHE A 257 10.43 30.71 -2.34
N ILE A 258 10.36 30.04 -1.21
CA ILE A 258 9.75 28.73 -1.21
C ILE A 258 8.26 28.86 -1.52
N THR A 259 7.55 29.82 -0.89
CA THR A 259 6.09 29.85 -1.11
C THR A 259 5.75 30.28 -2.52
N ALA A 260 6.65 30.99 -3.21
CA ALA A 260 6.45 31.26 -4.65
C ALA A 260 6.48 29.99 -5.52
N HIS A 261 6.79 28.83 -4.95
CA HIS A 261 6.80 27.60 -5.73
C HIS A 261 5.47 26.84 -5.55
N PHE A 262 4.47 27.51 -4.97
CA PHE A 262 3.11 26.96 -4.72
C PHE A 262 2.51 26.27 -5.94
N SER A 263 2.59 26.93 -7.08
CA SER A 263 1.97 26.45 -8.32
C SER A 263 2.75 25.32 -8.96
N MET A 264 3.85 24.89 -8.34
CA MET A 264 4.72 23.82 -8.86
C MET A 264 4.60 22.57 -7.98
N VAL A 265 4.07 22.70 -6.76
CA VAL A 265 4.20 21.61 -5.76
C VAL A 265 2.96 21.38 -4.92
N TYR A 266 2.78 20.14 -4.51
CA TYR A 266 1.73 19.75 -3.61
C TYR A 266 2.19 19.76 -2.16
N TRP A 267 3.49 19.54 -1.96
CA TRP A 267 4.06 19.42 -0.62
C TRP A 267 5.43 20.05 -0.53
N VAL A 268 5.81 20.40 0.70
CA VAL A 268 7.14 20.86 1.02
C VAL A 268 7.65 19.99 2.18
N LYS A 269 8.77 19.32 1.92
CA LYS A 269 9.37 18.41 2.85
C LYS A 269 10.77 18.95 3.15
N GLY A 270 11.12 19.02 4.43
CA GLY A 270 12.48 19.31 4.82
C GLY A 270 12.83 18.91 6.21
N ASP A 271 14.11 19.14 6.56
CA ASP A 271 14.69 18.87 7.87
C ASP A 271 15.26 20.15 8.50
N ILE A 272 15.27 20.15 9.83
CA ILE A 272 15.86 21.16 10.66
C ILE A 272 16.83 20.44 11.64
N TYR A 273 18.10 20.89 11.66
CA TYR A 273 19.16 20.24 12.45
C TYR A 273 19.38 20.89 13.83
N LYS A 274 18.27 21.30 14.44
CA LYS A 274 18.21 21.75 15.82
C LYS A 274 16.77 21.63 16.24
N ASN A 275 16.54 21.43 17.52
CA ASN A 275 15.17 21.34 18.01
C ASN A 275 14.56 22.73 18.04
N GLU A 276 14.09 23.16 16.87
CA GLU A 276 13.34 24.37 16.72
C GLU A 276 12.23 24.09 15.70
N PRO A 277 11.09 23.56 16.17
CA PRO A 277 9.97 23.25 15.31
C PRO A 277 9.51 24.41 14.42
N LEU A 278 9.29 24.07 13.16
CA LEU A 278 8.70 24.97 12.16
C LEU A 278 7.26 25.38 12.53
N ALA A 279 6.48 24.46 13.05
CA ALA A 279 5.05 24.65 13.18
C ALA A 279 4.63 26.03 13.72
N PHE A 280 5.26 26.47 14.80
CA PHE A 280 4.93 27.74 15.48
C PHE A 280 5.08 28.95 14.58
N LEU A 281 6.03 28.85 13.67
CA LEU A 281 6.40 29.93 12.78
C LEU A 281 5.52 30.04 11.54
N LEU A 282 4.69 29.04 11.28
CA LEU A 282 3.73 29.10 10.19
C LEU A 282 2.44 29.72 10.69
N GLU A 283 1.65 30.30 9.79
CA GLU A 283 0.30 30.74 10.15
C GLU A 283 -0.62 29.54 10.39
N ASP A 284 -0.51 28.51 9.55
CA ASP A 284 -1.18 27.24 9.85
C ASP A 284 -0.17 26.27 10.47
N SER A 285 -0.17 26.25 11.80
CA SER A 285 0.76 25.41 12.56
C SER A 285 0.30 23.93 12.66
N GLN A 286 -0.85 23.60 12.06
CA GLN A 286 -1.36 22.23 12.17
C GLN A 286 -0.69 21.31 11.18
N ILE A 287 0.56 21.00 11.48
CA ILE A 287 1.38 20.11 10.68
C ILE A 287 1.91 19.06 11.66
N LYS A 288 2.35 17.94 11.14
CA LYS A 288 3.09 17.06 12.03
C LYS A 288 4.54 17.11 11.60
N GLU A 289 5.37 17.19 12.62
CA GLU A 289 6.79 17.24 12.51
C GLU A 289 7.22 16.05 13.31
N SER A 290 8.28 15.38 12.90
CA SER A 290 8.87 14.36 13.70
C SER A 290 10.19 14.87 14.29
N ILE A 291 10.51 14.32 15.44
CA ILE A 291 11.62 14.78 16.21
C ILE A 291 12.37 13.53 16.58
N GLU A 292 13.64 13.50 16.22
CA GLU A 292 14.50 12.39 16.60
C GLU A 292 15.86 12.90 17.11
N PRO A 293 16.44 12.21 18.11
CA PRO A 293 17.82 12.52 18.51
C PRO A 293 18.76 12.38 17.34
N TYR A 294 19.62 13.37 17.12
CA TYR A 294 20.50 13.31 15.96
C TYR A 294 21.98 12.98 16.28
N TYR A 295 22.58 13.69 17.23
CA TYR A 295 23.96 13.47 17.64
C TYR A 295 24.06 13.27 19.17
N MET A 296 25.10 12.54 19.60
CA MET A 296 25.54 12.51 20.99
C MET A 296 26.84 13.31 21.17
N ALA A 297 27.12 13.65 22.43
CA ALA A 297 28.32 14.34 22.85
C ALA A 297 28.77 13.74 24.19
N ARG A 298 30.02 13.97 24.54
CA ARG A 298 30.59 13.53 25.80
C ARG A 298 31.62 14.53 26.25
N ILE A 299 31.55 14.95 27.50
CA ILE A 299 32.67 15.70 28.09
C ILE A 299 33.84 14.72 28.27
N VAL A 300 35.00 15.12 27.75
CA VAL A 300 36.22 14.28 27.82
C VAL A 300 37.02 14.58 29.10
N ASP A 301 37.22 15.86 29.40
CA ASP A 301 37.90 16.34 30.59
C ASP A 301 37.08 17.43 31.22
N VAL A 302 36.40 17.09 32.31
CA VAL A 302 35.46 17.97 33.01
C VAL A 302 36.05 19.32 33.38
N LYS A 303 37.17 19.27 34.11
CA LYS A 303 37.88 20.46 34.57
C LYS A 303 38.24 21.39 33.43
N ALA A 304 38.86 20.83 32.42
CA ALA A 304 39.29 21.57 31.28
C ALA A 304 38.13 22.08 30.43
N PHE A 305 37.08 21.28 30.32
CA PHE A 305 35.84 21.73 29.74
C PHE A 305 35.29 22.94 30.44
N LEU A 306 35.09 22.82 31.72
CA LEU A 306 34.49 23.84 32.50
C LEU A 306 35.29 25.12 32.52
N GLU A 307 36.59 25.02 32.45
CA GLU A 307 37.35 26.21 32.58
C GLU A 307 37.42 27.00 31.32
N ASN A 308 36.89 26.44 30.25
CA ASN A 308 36.77 27.11 29.00
C ASN A 308 35.34 27.48 28.65
N PHE A 309 34.43 27.10 29.52
CA PHE A 309 33.01 27.18 29.25
C PHE A 309 32.54 28.64 29.41
N PRO A 310 31.78 29.19 28.44
CA PRO A 310 31.27 30.53 28.60
C PRO A 310 30.00 30.60 29.44
N PHE A 311 30.15 30.44 30.76
CA PHE A 311 29.03 30.56 31.70
C PHE A 311 28.34 31.91 31.51
N GLU A 312 27.02 31.90 31.63
CA GLU A 312 26.19 33.03 31.25
C GLU A 312 26.27 34.07 32.34
N SER A 313 26.36 33.58 33.57
CA SER A 313 26.35 34.46 34.71
C SER A 313 27.18 33.83 35.81
N THR A 314 27.32 34.59 36.89
CA THR A 314 28.05 34.17 38.08
C THR A 314 27.10 33.61 39.17
N ALA A 315 27.68 32.90 40.12
CA ALA A 315 26.93 32.31 41.21
C ALA A 315 27.73 32.22 42.51
N LYS A 316 27.01 32.07 43.61
CA LYS A 316 27.63 31.59 44.83
C LYS A 316 28.42 30.31 44.52
N PRO A 317 29.56 30.12 45.20
CA PRO A 317 30.35 28.93 44.92
C PRO A 317 29.59 27.66 45.30
N PHE A 318 29.71 26.64 44.45
CA PHE A 318 29.18 25.32 44.75
C PHE A 318 30.11 24.37 44.06
N HIS A 319 29.83 23.08 44.14
CA HIS A 319 30.66 22.12 43.43
C HIS A 319 29.88 20.97 42.81
N PHE A 320 30.39 20.50 41.68
CA PHE A 320 29.90 19.25 41.08
C PHE A 320 30.59 18.08 41.74
N VAL A 321 29.83 17.01 41.98
CA VAL A 321 30.36 15.70 42.31
C VAL A 321 29.95 14.77 41.16
N VAL A 322 30.94 14.35 40.39
CA VAL A 322 30.70 13.70 39.10
C VAL A 322 31.12 12.24 39.13
N LYS A 323 30.29 11.38 38.55
CA LYS A 323 30.57 9.95 38.38
C LYS A 323 30.73 9.72 36.86
N ASP A 324 31.84 9.10 36.47
CA ASP A 324 32.15 8.84 35.05
C ASP A 324 32.45 7.36 34.92
N PRO A 325 31.71 6.66 34.05
CA PRO A 325 31.86 5.21 34.09
C PRO A 325 33.10 4.69 33.40
N VAL A 326 33.81 5.54 32.66
CA VAL A 326 35.00 5.11 31.92
C VAL A 326 36.27 5.88 32.27
N ALA A 327 36.16 7.20 32.43
CA ALA A 327 37.33 8.07 32.62
C ALA A 327 37.57 8.47 34.09
N GLU A 328 38.63 7.90 34.66
CA GLU A 328 38.99 8.01 36.08
C GLU A 328 39.08 9.44 36.51
N TRP A 329 39.68 10.25 35.64
CA TRP A 329 39.97 11.65 35.92
C TRP A 329 38.72 12.55 35.97
N ASN A 330 37.55 12.01 35.60
CA ASN A 330 36.30 12.78 35.64
C ASN A 330 35.45 12.44 36.87
N ASN A 331 35.95 11.55 37.72
CA ASN A 331 35.31 11.27 39.00
C ASN A 331 35.76 12.24 40.07
N GLY A 332 34.82 12.65 40.90
CA GLY A 332 35.15 13.50 42.04
C GLY A 332 34.65 14.93 41.92
N ILE A 333 35.37 15.80 42.61
CA ILE A 333 34.91 17.13 42.95
C ILE A 333 35.42 18.15 41.96
N PHE A 334 34.48 18.96 41.46
CA PHE A 334 34.81 20.11 40.62
C PHE A 334 34.11 21.36 41.19
N GLY A 335 34.88 22.20 41.88
CA GLY A 335 34.35 23.38 42.55
C GLY A 335 34.42 24.59 41.63
N LEU A 336 33.39 25.42 41.65
CA LEU A 336 33.36 26.65 40.87
C LEU A 336 33.32 27.87 41.78
N ILE A 337 34.13 28.85 41.43
CA ILE A 337 34.17 30.10 42.13
C ILE A 337 34.53 31.18 41.12
N TRP A 338 33.74 32.24 41.16
CA TRP A 338 33.99 33.45 40.39
C TRP A 338 34.56 34.52 41.33
N ASP A 339 35.62 35.18 40.89
CA ASP A 339 36.18 36.30 41.61
C ASP A 339 35.37 37.61 41.39
N GLU A 340 35.93 38.71 41.88
CA GLU A 340 35.39 40.08 41.68
C GLU A 340 35.07 40.43 40.20
N ASN A 341 35.90 39.94 39.26
CA ASN A 341 35.71 40.23 37.82
C ASN A 341 34.88 39.15 37.14
N ASP A 342 34.01 38.51 37.91
CA ASP A 342 33.22 37.39 37.44
C ASP A 342 34.03 36.43 36.56
N GLN A 343 35.31 36.24 36.91
CA GLN A 343 36.16 35.25 36.23
C GLN A 343 36.18 33.93 37.03
N VAL A 344 35.92 32.81 36.35
CA VAL A 344 35.77 31.49 37.00
C VAL A 344 37.08 30.74 37.16
N THR A 345 37.19 30.00 38.25
CA THR A 345 38.24 29.01 38.35
C THR A 345 37.59 27.73 38.78
N ILE A 346 38.17 26.63 38.32
CA ILE A 346 37.66 25.32 38.58
C ILE A 346 38.57 24.68 39.63
N THR A 347 38.00 24.35 40.78
CA THR A 347 38.77 23.84 41.89
C THR A 347 38.55 22.36 42.03
N ASP A 348 39.29 21.80 42.96
CA ASP A 348 39.23 20.45 43.48
C ASP A 348 38.52 20.41 44.85
N GLU A 349 38.15 21.58 45.37
CA GLU A 349 37.67 21.75 46.73
C GLU A 349 36.16 21.72 46.73
N PRO A 350 35.54 20.93 47.62
CA PRO A 350 34.08 20.93 47.71
C PRO A 350 33.56 22.19 48.47
N LEU A 351 33.93 23.34 47.93
CA LEU A 351 33.47 24.66 48.35
C LEU A 351 32.04 24.92 47.90
N GLY A 352 31.12 25.05 48.85
CA GLY A 352 29.69 25.29 48.56
C GLY A 352 28.88 24.01 48.41
N THR A 353 27.60 24.15 48.05
CA THR A 353 26.70 22.97 47.98
C THR A 353 27.03 22.02 46.80
N ALA A 354 26.83 20.73 47.07
CA ALA A 354 27.10 19.67 46.11
C ALA A 354 26.00 19.61 45.03
N VAL A 355 26.42 19.28 43.82
CA VAL A 355 25.52 18.93 42.72
C VAL A 355 26.00 17.57 42.25
N HIS A 356 25.18 16.55 42.53
CA HIS A 356 25.55 15.15 42.20
C HIS A 356 24.93 14.71 40.87
N LEU A 357 25.78 14.33 39.93
CA LEU A 357 25.33 13.86 38.63
C LEU A 357 26.39 12.98 37.99
N ASP A 358 26.03 12.26 36.95
CA ASP A 358 26.98 11.43 36.22
C ASP A 358 27.46 12.21 34.99
N ILE A 359 28.43 11.66 34.25
CA ILE A 359 29.08 12.40 33.16
C ILE A 359 28.05 12.73 32.03
N GLN A 360 27.20 11.77 31.72
CA GLN A 360 26.07 11.92 30.82
C GLN A 360 25.22 13.14 31.12
N THR A 361 24.90 13.35 32.37
CA THR A 361 23.98 14.37 32.74
C THR A 361 24.61 15.73 32.68
N LEU A 362 25.87 15.79 33.00
CA LEU A 362 26.68 17.01 32.94
C LEU A 362 26.85 17.45 31.49
N THR A 363 27.15 16.50 30.61
CA THR A 363 27.27 16.75 29.18
C THR A 363 25.93 17.30 28.60
N CYS A 364 24.85 16.69 29.02
CA CYS A 364 23.49 17.14 28.69
C CYS A 364 23.28 18.58 29.12
N LEU A 365 23.68 18.87 30.37
CA LEU A 365 23.67 20.25 30.89
C LEU A 365 24.43 21.23 30.04
N VAL A 366 25.66 20.91 29.70
CA VAL A 366 26.51 21.89 28.99
C VAL A 366 26.16 22.08 27.52
N MET A 367 25.57 21.04 26.93
CA MET A 367 25.08 21.13 25.55
C MET A 367 23.65 21.67 25.49
N ASN A 368 23.04 21.77 26.67
CA ASN A 368 21.69 22.28 26.90
C ASN A 368 20.65 21.43 26.19
N TYR A 369 20.83 20.11 26.19
CA TYR A 369 19.86 19.25 25.57
C TYR A 369 18.60 19.23 26.44
N ARG A 370 18.81 19.33 27.76
CA ARG A 370 17.78 19.54 28.76
C ARG A 370 18.32 20.56 29.77
N ARG A 371 17.41 21.21 30.51
CA ARG A 371 17.76 22.21 31.50
C ARG A 371 17.85 21.61 32.86
N PRO A 372 18.59 22.29 33.76
CA PRO A 372 18.87 21.80 35.11
C PRO A 372 17.64 21.34 35.86
N SER A 373 16.61 22.17 35.83
CA SER A 373 15.39 21.88 36.55
C SER A 373 14.74 20.59 36.08
N TYR A 374 14.67 20.39 34.76
CA TYR A 374 14.09 19.17 34.21
C TYR A 374 14.87 17.95 34.68
N LEU A 375 16.18 18.04 34.57
CA LEU A 375 17.06 16.95 35.01
C LEU A 375 16.95 16.69 36.52
N HIS A 376 16.82 17.74 37.32
CA HIS A 376 16.49 17.57 38.73
C HIS A 376 15.13 16.82 38.91
N ARG A 377 14.09 17.37 38.32
CA ARG A 377 12.77 16.78 38.30
C ARG A 377 12.73 15.30 38.01
N ILE A 378 13.52 14.83 37.06
CA ILE A 378 13.53 13.42 36.73
C ILE A 378 14.64 12.69 37.43
N GLU A 379 15.21 13.32 38.44
CA GLU A 379 15.98 12.59 39.40
C GLU A 379 17.33 12.20 38.82
N ARG A 380 17.92 13.08 38.04
CA ARG A 380 19.22 12.82 37.47
C ARG A 380 20.23 13.81 37.97
N ILE A 381 19.74 14.83 38.64
CA ILE A 381 20.56 15.72 39.42
C ILE A 381 20.08 15.80 40.87
N ASP A 382 21.01 15.71 41.82
CA ASP A 382 20.71 15.78 43.27
C ASP A 382 21.43 16.96 43.87
N THR A 383 20.66 18.00 44.11
CA THR A 383 21.10 19.16 44.85
C THR A 383 19.85 19.83 45.37
N ASP A 384 20.01 21.04 45.91
CA ASP A 384 18.93 21.74 46.55
C ASP A 384 18.43 22.84 45.64
N LYS A 385 17.37 23.50 46.08
CA LYS A 385 16.65 24.52 45.32
C LYS A 385 17.54 25.70 44.96
N GLU A 386 18.36 26.15 45.90
CA GLU A 386 19.16 27.36 45.69
C GLU A 386 20.18 27.12 44.58
N THR A 387 20.92 26.04 44.70
CA THR A 387 21.94 25.73 43.73
C THR A 387 21.33 25.41 42.35
N LEU A 388 20.16 24.77 42.37
CA LEU A 388 19.44 24.54 41.15
C LEU A 388 19.13 25.87 40.42
N ASN A 389 18.78 26.91 41.17
CA ASN A 389 18.64 28.26 40.57
C ASN A 389 19.94 28.80 40.02
N SER A 390 21.04 28.49 40.69
CA SER A 390 22.38 28.86 40.20
C SER A 390 22.67 28.25 38.82
N LEU A 391 22.44 26.96 38.70
CA LEU A 391 22.61 26.25 37.43
C LEU A 391 21.78 26.90 36.31
N GLU A 392 20.49 27.15 36.58
CA GLU A 392 19.59 27.77 35.62
C GLU A 392 20.09 29.13 35.18
N ARG A 393 20.69 29.88 36.10
CA ARG A 393 21.26 31.19 35.80
C ARG A 393 22.55 31.12 34.95
N ILE A 394 23.44 30.17 35.23
CA ILE A 394 24.79 30.20 34.63
C ILE A 394 24.89 29.48 33.28
N PHE A 395 24.06 28.45 33.10
CA PHE A 395 24.04 27.64 31.89
C PHE A 395 23.21 28.25 30.76
N PRO A 396 23.85 28.65 29.64
CA PRO A 396 23.07 29.28 28.56
C PRO A 396 21.95 28.41 27.98
N ASP A 397 20.95 29.06 27.41
CA ASP A 397 19.76 28.38 26.96
C ASP A 397 19.57 28.55 25.46
N GLN A 398 20.30 27.73 24.74
CA GLN A 398 20.21 27.66 23.30
C GLN A 398 20.23 26.18 22.89
N GLU A 399 19.52 25.89 21.80
CA GLU A 399 19.27 24.53 21.36
C GLU A 399 20.41 24.17 20.39
N ALA A 400 21.12 23.07 20.61
CA ALA A 400 22.25 22.77 19.74
C ALA A 400 21.84 22.52 18.29
N TYR A 401 22.60 23.13 17.39
CA TYR A 401 22.57 22.89 15.97
C TYR A 401 23.75 22.04 15.56
N PHE A 402 23.49 20.98 14.81
CA PHE A 402 24.56 20.20 14.19
C PHE A 402 24.09 19.48 12.91
N SER A 403 24.75 19.76 11.79
CA SER A 403 24.32 19.35 10.44
C SER A 403 25.17 18.24 9.86
N ASP A 404 26.26 17.88 10.53
CA ASP A 404 27.28 17.06 9.87
C ASP A 404 27.04 15.62 10.23
N TYR A 405 27.78 14.72 9.59
CA TYR A 405 27.53 13.30 9.83
C TYR A 405 28.75 12.50 10.32
N PHE A 406 29.81 12.32 9.55
CA PHE A 406 30.78 11.30 10.05
C PHE A 406 30.14 10.35 11.09
N THR B 11 -30.43 38.51 13.65
CA THR B 11 -30.09 38.90 15.02
C THR B 11 -29.20 37.85 15.71
N LEU B 12 -28.27 38.35 16.52
CA LEU B 12 -27.45 37.50 17.38
C LEU B 12 -28.03 37.53 18.79
N LYS B 13 -28.31 36.35 19.33
CA LYS B 13 -28.91 36.24 20.65
C LYS B 13 -28.47 34.93 21.34
N PRO B 14 -28.47 34.93 22.68
CA PRO B 14 -28.27 33.70 23.44
C PRO B 14 -29.11 32.52 22.92
N VAL B 15 -28.55 31.32 22.93
CA VAL B 15 -29.26 30.15 22.45
C VAL B 15 -29.58 29.25 23.65
N GLU B 16 -30.82 28.77 23.72
CA GLU B 16 -31.38 28.20 24.93
C GLU B 16 -31.93 26.79 24.72
N GLU B 17 -32.52 26.24 25.79
CA GLU B 17 -33.07 24.87 25.83
C GLU B 17 -33.87 24.49 24.57
N GLU B 18 -34.59 25.45 24.00
CA GLU B 18 -35.42 25.21 22.81
C GLU B 18 -34.58 25.13 21.53
N HIS B 19 -33.50 25.91 21.48
CA HIS B 19 -32.59 25.91 20.34
C HIS B 19 -31.52 24.81 20.45
N ILE B 20 -31.75 23.77 21.24
CA ILE B 20 -30.68 22.81 21.55
C ILE B 20 -30.37 21.85 20.40
N ASP B 21 -31.40 21.42 19.68
CA ASP B 21 -31.23 20.47 18.58
C ASP B 21 -30.57 21.14 17.37
N GLN B 22 -31.04 22.35 17.05
CA GLN B 22 -30.40 23.17 16.02
C GLN B 22 -28.90 23.24 16.27
N PHE B 23 -28.55 23.66 17.48
CA PHE B 23 -27.15 23.74 17.91
C PHE B 23 -26.40 22.44 17.67
N ASN B 24 -26.99 21.35 18.13
CA ASN B 24 -26.38 20.03 17.99
C ASN B 24 -26.25 19.57 16.53
N GLU B 25 -27.11 20.10 15.65
CA GLU B 25 -27.07 19.78 14.22
C GLU B 25 -25.92 20.48 13.54
N LEU B 26 -25.97 21.82 13.53
CA LEU B 26 -24.85 22.67 13.07
C LEU B 26 -23.51 22.10 13.52
N LEU B 27 -23.43 21.73 14.79
CA LEU B 27 -22.22 21.17 15.37
C LEU B 27 -21.89 19.85 14.69
N SER B 28 -22.88 18.97 14.55
CA SER B 28 -22.65 17.67 13.87
C SER B 28 -22.20 17.85 12.41
N TYR B 29 -22.69 18.91 11.76
CA TYR B 29 -22.34 19.22 10.38
C TYR B 29 -20.88 19.65 10.23
N VAL B 30 -20.53 20.79 10.83
CA VAL B 30 -19.20 21.37 10.65
C VAL B 30 -18.14 20.62 11.44
N PHE B 31 -18.58 19.90 12.47
CA PHE B 31 -17.67 19.12 13.28
C PHE B 31 -17.09 18.01 12.44
N GLN B 32 -15.82 18.19 12.09
CA GLN B 32 -15.02 17.10 11.59
C GLN B 32 -14.57 16.22 12.75
N VAL B 33 -15.23 15.08 12.89
CA VAL B 33 -14.70 13.93 13.61
C VAL B 33 -14.63 12.80 12.59
N THR B 34 -13.67 11.91 12.77
CA THR B 34 -13.41 10.85 11.80
C THR B 34 -14.52 9.80 11.80
N GLU B 35 -14.76 9.22 10.62
CA GLU B 35 -15.68 8.11 10.44
C GLU B 35 -15.37 6.93 11.38
N ALA B 36 -14.08 6.68 11.62
CA ALA B 36 -13.64 5.64 12.55
C ALA B 36 -13.97 5.97 14.02
N ASP B 37 -13.66 7.19 14.44
CA ASP B 37 -13.85 7.62 15.83
C ASP B 37 -15.33 7.79 16.23
N ILE B 38 -16.21 7.85 15.24
CA ILE B 38 -17.66 7.97 15.49
C ILE B 38 -18.26 6.64 15.97
N GLU B 39 -17.85 5.54 15.35
CA GLU B 39 -18.28 4.20 15.79
C GLU B 39 -17.64 3.79 17.13
N GLU B 40 -16.37 4.16 17.33
CA GLU B 40 -15.61 3.85 18.55
C GLU B 40 -16.29 4.26 19.85
N SER B 41 -17.05 5.36 19.82
CA SER B 41 -17.73 5.85 21.01
C SER B 41 -18.77 4.88 21.55
N GLY B 42 -19.25 3.98 20.69
CA GLY B 42 -20.39 3.13 20.99
C GLY B 42 -21.67 3.75 20.43
N PHE B 43 -21.49 4.85 19.71
CA PHE B 43 -22.60 5.57 19.10
C PHE B 43 -22.48 5.42 17.58
N GLU B 44 -23.62 5.26 16.92
CA GLU B 44 -23.69 4.84 15.51
C GLU B 44 -23.09 5.90 14.56
N ASN B 45 -23.83 7.00 14.40
CA ASN B 45 -23.40 8.13 13.58
C ASN B 45 -23.50 9.38 14.44
N LYS B 46 -23.34 10.56 13.83
CA LYS B 46 -23.38 11.83 14.58
C LYS B 46 -24.81 12.40 14.69
N ARG B 47 -25.75 11.54 15.08
CA ARG B 47 -27.17 11.91 15.31
C ARG B 47 -27.77 11.32 16.61
N ALA B 48 -27.05 10.40 17.24
CA ALA B 48 -27.29 10.04 18.65
C ALA B 48 -26.07 10.38 19.53
N PHE B 49 -24.94 10.68 18.87
CA PHE B 49 -23.64 10.90 19.52
C PHE B 49 -23.39 12.35 19.90
N ILE B 50 -23.78 13.27 19.00
CA ILE B 50 -23.75 14.71 19.30
C ILE B 50 -24.87 15.13 20.28
N LYS B 51 -25.86 14.26 20.50
CA LYS B 51 -26.96 14.53 21.44
C LYS B 51 -26.72 13.96 22.83
N SER B 52 -25.58 13.28 23.00
CA SER B 52 -25.00 13.01 24.33
C SER B 52 -24.18 14.23 24.83
N LYS B 53 -23.78 15.10 23.90
CA LYS B 53 -23.05 16.35 24.19
C LYS B 53 -23.90 17.41 24.90
N GLN B 54 -25.20 17.13 25.02
CA GLN B 54 -26.19 18.06 25.56
C GLN B 54 -25.90 18.60 26.98
N PRO B 55 -25.35 17.77 27.88
CA PRO B 55 -25.11 18.25 29.25
C PRO B 55 -23.97 19.27 29.39
N ILE B 56 -23.05 19.35 28.43
CA ILE B 56 -22.06 20.45 28.44
C ILE B 56 -22.82 21.78 28.50
N LEU B 57 -23.75 21.93 27.55
CA LEU B 57 -24.35 23.21 27.18
C LEU B 57 -25.22 23.86 28.24
N GLU B 58 -25.87 23.05 29.08
CA GLU B 58 -26.71 23.62 30.17
C GLU B 58 -25.91 24.51 31.14
N LEU B 59 -24.63 24.19 31.34
CA LEU B 59 -23.72 25.00 32.16
C LEU B 59 -23.11 26.16 31.37
N SER B 60 -22.84 25.91 30.10
CA SER B 60 -22.17 26.87 29.24
C SER B 60 -23.05 28.06 28.88
N LYS B 61 -22.39 29.17 28.55
CA LYS B 61 -23.04 30.29 27.91
C LYS B 61 -22.89 30.19 26.38
N VAL B 62 -24.04 30.05 25.72
CA VAL B 62 -24.09 29.82 24.29
C VAL B 62 -24.70 31.03 23.59
N PHE B 63 -24.05 31.49 22.52
CA PHE B 63 -24.57 32.55 21.68
C PHE B 63 -24.68 32.05 20.24
N GLY B 64 -25.47 32.74 19.44
CA GLY B 64 -25.63 32.40 18.03
C GLY B 64 -26.18 33.49 17.13
N TRP B 65 -26.14 33.21 15.84
CA TRP B 65 -26.81 34.01 14.82
C TRP B 65 -27.99 33.21 14.31
N PHE B 66 -29.14 33.87 14.23
CA PHE B 66 -30.37 33.22 13.79
C PHE B 66 -30.89 33.86 12.50
N HIS B 67 -31.06 33.03 11.48
CA HIS B 67 -31.86 33.43 10.32
C HIS B 67 -33.28 33.03 10.68
N GLU B 68 -34.07 34.06 11.01
CA GLU B 68 -35.23 33.94 11.88
C GLU B 68 -36.18 32.85 11.39
N ASN B 69 -36.24 31.69 12.07
CA ASN B 69 -35.59 31.46 13.36
C ASN B 69 -34.79 30.14 13.33
N GLN B 70 -33.84 30.10 12.40
CA GLN B 70 -32.85 29.03 12.28
C GLN B 70 -31.46 29.50 12.70
N LEU B 71 -30.77 28.65 13.45
CA LEU B 71 -29.43 28.95 13.97
C LEU B 71 -28.43 28.71 12.82
N ILE B 72 -27.68 29.75 12.44
CA ILE B 72 -26.73 29.63 11.32
C ILE B 72 -25.23 29.73 11.67
N SER B 73 -24.94 30.35 12.81
CA SER B 73 -23.58 30.52 13.33
C SER B 73 -23.67 30.47 14.85
N GLN B 74 -22.65 29.92 15.50
CA GLN B 74 -22.72 29.74 16.95
C GLN B 74 -21.37 29.56 17.63
N ILE B 75 -21.42 29.74 18.96
CA ILE B 75 -20.27 29.60 19.83
C ILE B 75 -20.75 29.31 21.27
N ALA B 76 -19.96 28.53 22.00
CA ALA B 76 -20.26 28.23 23.40
C ALA B 76 -19.03 28.46 24.29
N ILE B 77 -19.27 28.83 25.53
CA ILE B 77 -18.23 29.06 26.52
C ILE B 77 -18.54 28.22 27.72
N TYR B 78 -17.79 27.15 27.84
CA TYR B 78 -17.95 26.15 28.86
C TYR B 78 -17.04 26.52 30.05
N PRO B 79 -17.63 26.70 31.26
CA PRO B 79 -16.84 27.22 32.38
C PRO B 79 -16.00 26.12 33.01
N CYS B 80 -14.70 26.37 33.10
CA CYS B 80 -13.78 25.39 33.66
C CYS B 80 -12.87 26.08 34.64
N GLU B 81 -12.03 25.28 35.27
CA GLU B 81 -10.90 25.77 36.05
C GLU B 81 -9.65 25.03 35.60
N VAL B 82 -8.53 25.75 35.54
CA VAL B 82 -7.27 25.19 35.14
C VAL B 82 -6.14 25.69 36.03
N ASN B 83 -5.04 24.94 35.99
CA ASN B 83 -3.79 25.23 36.68
C ASN B 83 -2.93 26.09 35.78
N ILE B 84 -2.64 27.33 36.19
CA ILE B 84 -1.57 28.04 35.52
C ILE B 84 -0.41 28.36 36.48
N HIS B 85 0.70 27.65 36.23
CA HIS B 85 1.91 27.68 37.04
C HIS B 85 1.62 27.57 38.53
N GLY B 86 0.67 26.70 38.89
CA GLY B 86 0.40 26.37 40.28
C GLY B 86 -0.84 27.04 40.80
N ALA B 87 -1.18 28.22 40.28
CA ALA B 87 -2.39 28.94 40.64
C ALA B 87 -3.62 28.44 39.89
N LEU B 88 -4.77 28.46 40.57
CA LEU B 88 -6.05 28.18 39.92
C LEU B 88 -6.69 29.42 39.31
N TYR B 89 -7.05 29.30 38.04
CA TYR B 89 -7.79 30.29 37.30
C TYR B 89 -9.09 29.69 36.78
N LYS B 90 -10.16 30.47 36.82
CA LYS B 90 -11.35 30.18 36.05
C LYS B 90 -11.03 30.34 34.57
N MET B 91 -11.51 29.41 33.75
CA MET B 91 -11.19 29.35 32.34
C MET B 91 -12.50 29.27 31.50
N GLY B 92 -12.51 30.01 30.40
CA GLY B 92 -13.63 29.98 29.45
C GLY B 92 -13.27 29.10 28.27
N GLY B 93 -13.84 27.89 28.24
CA GLY B 93 -13.54 26.93 27.19
C GLY B 93 -14.47 27.07 26.00
N VAL B 94 -13.97 27.61 24.90
CA VAL B 94 -14.78 27.75 23.70
C VAL B 94 -14.97 26.42 22.98
N THR B 95 -16.24 26.05 22.84
CA THR B 95 -16.67 24.82 22.17
C THR B 95 -17.74 25.07 21.13
N GLY B 96 -17.94 24.06 20.30
CA GLY B 96 -19.04 23.96 19.35
C GLY B 96 -19.14 25.11 18.37
N VAL B 97 -18.02 25.79 18.10
CA VAL B 97 -18.08 26.92 17.18
C VAL B 97 -18.28 26.45 15.75
N GLY B 98 -18.89 27.30 14.95
CA GLY B 98 -19.20 26.95 13.59
C GLY B 98 -20.27 27.79 12.95
N THR B 99 -20.18 27.83 11.63
CA THR B 99 -21.08 28.53 10.75
C THR B 99 -21.38 27.59 9.59
N TYR B 100 -22.63 27.55 9.13
CA TYR B 100 -22.97 26.79 7.93
C TYR B 100 -22.27 27.46 6.73
N PRO B 101 -21.61 26.67 5.87
CA PRO B 101 -20.90 27.12 4.66
C PRO B 101 -21.62 28.22 3.81
N GLU B 102 -22.94 28.12 3.61
CA GLU B 102 -23.72 29.24 2.96
C GLU B 102 -23.39 30.57 3.57
N TYR B 103 -23.45 30.59 4.91
CA TYR B 103 -23.34 31.82 5.68
C TYR B 103 -21.89 32.17 6.04
N ALA B 104 -20.95 31.55 5.35
CA ALA B 104 -19.59 31.44 5.85
C ALA B 104 -18.72 32.68 5.68
N ASN B 105 -19.05 33.58 4.76
CA ASN B 105 -18.15 34.69 4.44
C ASN B 105 -18.72 36.10 4.75
N HIS B 106 -19.48 36.19 5.85
CA HIS B 106 -20.18 37.43 6.21
C HIS B 106 -19.67 38.06 7.50
N GLY B 107 -18.50 37.62 7.99
CA GLY B 107 -17.94 38.11 9.26
C GLY B 107 -18.78 37.83 10.51
N LEU B 108 -19.61 36.80 10.45
CA LEU B 108 -20.49 36.48 11.58
C LEU B 108 -19.71 36.04 12.81
N MET B 109 -18.78 35.10 12.62
CA MET B 109 -18.02 34.57 13.74
C MET B 109 -17.27 35.68 14.48
N LYS B 110 -16.76 36.69 13.77
CA LYS B 110 -16.03 37.75 14.46
C LYS B 110 -16.86 38.40 15.57
N ASP B 111 -18.16 38.60 15.30
CA ASP B 111 -19.08 39.19 16.28
C ASP B 111 -19.44 38.24 17.42
N LEU B 112 -19.59 36.95 17.13
CA LEU B 112 -19.75 35.95 18.18
C LEU B 112 -18.51 35.88 19.11
N ILE B 113 -17.32 36.05 18.54
CA ILE B 113 -16.09 36.03 19.32
C ILE B 113 -16.01 37.22 20.25
N GLN B 114 -16.34 38.41 19.74
CA GLN B 114 -16.44 39.64 20.58
C GLN B 114 -17.41 39.46 21.75
N THR B 115 -18.60 38.94 21.45
CA THR B 115 -19.59 38.67 22.47
C THR B 115 -19.06 37.67 23.51
N ALA B 116 -18.47 36.58 23.01
CA ALA B 116 -17.82 35.57 23.85
C ALA B 116 -16.78 36.16 24.80
N LEU B 117 -15.88 36.95 24.23
CA LEU B 117 -14.82 37.57 25.00
C LEU B 117 -15.38 38.55 26.04
N GLU B 118 -16.38 39.33 25.63
CA GLU B 118 -17.07 40.25 26.56
C GLU B 118 -17.67 39.46 27.73
N GLU B 119 -18.33 38.34 27.42
CA GLU B 119 -18.97 37.51 28.44
C GLU B 119 -17.97 36.85 29.39
N MET B 120 -16.81 36.46 28.84
CA MET B 120 -15.72 35.87 29.62
C MET B 120 -15.17 36.91 30.60
N ARG B 121 -15.00 38.16 30.14
CA ARG B 121 -14.59 39.21 31.08
C ARG B 121 -15.56 39.32 32.27
N GLN B 122 -16.86 39.45 31.98
CA GLN B 122 -17.93 39.51 33.01
C GLN B 122 -17.89 38.33 33.94
N ASP B 123 -17.82 37.12 33.37
CA ASP B 123 -17.82 35.88 34.18
C ASP B 123 -16.48 35.65 34.88
N LYS B 124 -15.55 36.59 34.73
CA LYS B 124 -14.27 36.57 35.42
C LYS B 124 -13.37 35.41 34.99
N GLN B 125 -13.48 35.05 33.71
CA GLN B 125 -12.60 34.04 33.10
C GLN B 125 -11.51 34.78 32.36
N TRP B 126 -10.32 34.86 32.97
CA TRP B 126 -9.24 35.71 32.48
C TRP B 126 -8.40 34.99 31.41
N ILE B 127 -8.66 33.69 31.22
CA ILE B 127 -7.96 32.86 30.22
C ILE B 127 -9.01 31.98 29.54
N SER B 128 -8.80 31.76 28.25
CA SER B 128 -9.69 30.91 27.44
C SER B 128 -8.87 29.81 26.69
N TYR B 129 -9.34 28.57 26.73
CA TYR B 129 -8.71 27.48 26.02
C TYR B 129 -9.61 27.15 24.85
N LEU B 130 -9.01 26.73 23.75
CA LEU B 130 -9.74 26.47 22.50
C LEU B 130 -8.96 25.40 21.70
N PHE B 131 -9.61 24.29 21.36
CA PHE B 131 -9.05 23.30 20.41
C PHE B 131 -8.92 23.92 19.05
N PRO B 132 -7.74 23.86 18.44
CA PRO B 132 -7.52 24.58 17.17
C PRO B 132 -8.16 23.90 15.93
N TYR B 133 -9.40 24.28 15.60
CA TYR B 133 -10.01 23.84 14.35
C TYR B 133 -9.35 24.54 13.17
N ASN B 134 -9.09 25.83 13.34
CA ASN B 134 -8.52 26.65 12.27
C ASN B 134 -7.50 27.57 12.89
N ILE B 135 -6.26 27.10 12.92
CA ILE B 135 -5.23 27.82 13.66
C ILE B 135 -5.05 29.27 13.18
N PRO B 136 -4.90 29.50 11.86
CA PRO B 136 -4.77 30.84 11.29
C PRO B 136 -5.94 31.77 11.64
N TYR B 137 -7.17 31.27 11.57
CA TYR B 137 -8.33 32.07 11.95
C TYR B 137 -8.27 32.49 13.43
N TYR B 138 -8.15 31.54 14.36
CA TYR B 138 -8.12 31.87 15.82
C TYR B 138 -6.94 32.71 16.29
N ARG B 139 -5.80 32.53 15.64
CA ARG B 139 -4.65 33.38 15.88
C ARG B 139 -4.92 34.85 15.50
N ARG B 140 -5.62 35.06 14.39
CA ARG B 140 -6.00 36.39 13.95
C ARG B 140 -6.98 37.07 14.95
N LYS B 141 -7.71 36.26 15.71
CA LYS B 141 -8.60 36.72 16.75
C LYS B 141 -7.99 36.77 18.15
N GLY B 142 -6.71 36.42 18.26
CA GLY B 142 -5.95 36.58 19.50
C GLY B 142 -5.47 35.35 20.19
N TRP B 143 -5.88 34.17 19.72
CA TRP B 143 -5.40 32.91 20.34
C TRP B 143 -4.02 32.54 19.83
N GLU B 144 -3.33 31.77 20.66
CA GLU B 144 -2.02 31.23 20.35
C GLU B 144 -1.90 29.79 20.88
N ILE B 145 -0.90 29.06 20.40
CA ILE B 145 -0.69 27.68 20.82
C ILE B 145 -0.19 27.63 22.27
N MET B 146 -0.75 26.73 23.07
CA MET B 146 -0.40 26.64 24.49
C MET B 146 0.37 25.37 24.86
N SER B 147 0.15 24.30 24.10
CA SER B 147 0.62 22.97 24.46
C SER B 147 0.83 22.11 23.22
N ASP B 148 1.67 21.10 23.36
CA ASP B 148 1.88 20.10 22.28
C ASP B 148 1.37 18.74 22.67
N LYS B 149 1.01 17.95 21.68
CA LYS B 149 0.86 16.50 21.84
C LYS B 149 1.97 15.76 21.10
N LEU B 150 2.59 14.85 21.82
CA LEU B 150 3.60 13.95 21.31
C LEU B 150 3.06 12.53 21.13
N SER B 151 3.43 11.89 20.03
CA SER B 151 2.97 10.55 19.72
C SER B 151 4.20 9.69 19.42
N PHE B 152 4.20 8.48 19.99
CA PHE B 152 5.32 7.59 19.84
C PHE B 152 4.87 6.19 19.42
N LYS B 153 5.85 5.48 18.86
CA LYS B 153 5.71 4.10 18.46
C LYS B 153 7.06 3.44 18.72
N ILE B 154 7.13 2.63 19.76
CA ILE B 154 8.36 1.92 20.06
C ILE B 154 8.23 0.41 19.92
N ARG B 155 9.26 -0.17 19.30
CA ARG B 155 9.37 -1.60 19.08
C ARG B 155 9.54 -2.33 20.42
N ASP B 156 9.02 -3.55 20.47
CA ASP B 156 9.14 -4.38 21.69
C ASP B 156 10.61 -4.51 22.15
N THR B 157 11.47 -4.48 21.16
CA THR B 157 12.89 -4.59 21.30
C THR B 157 13.56 -3.34 21.96
N GLN B 158 12.84 -2.20 21.98
CA GLN B 158 13.29 -0.96 22.61
C GLN B 158 12.63 -0.66 23.96
N LEU B 159 11.88 -1.61 24.48
CA LEU B 159 11.16 -1.41 25.72
C LEU B 159 12.19 -1.22 26.84
N PRO B 160 11.88 -0.36 27.82
CA PRO B 160 12.85 -0.11 28.87
C PRO B 160 13.11 -1.31 29.78
N LYS B 161 14.35 -1.46 30.22
CA LYS B 161 14.76 -2.43 31.25
C LYS B 161 13.97 -2.16 32.53
N THR B 162 13.50 -3.23 33.18
CA THR B 162 12.82 -3.11 34.48
C THR B 162 13.65 -2.38 35.50
N VAL B 163 13.02 -1.49 36.26
CA VAL B 163 13.66 -0.74 37.33
C VAL B 163 13.05 -1.18 38.66
N PRO B 164 13.88 -1.58 39.64
CA PRO B 164 13.28 -1.99 40.94
C PRO B 164 12.44 -0.92 41.62
N VAL B 165 11.20 -1.27 41.99
CA VAL B 165 10.32 -0.38 42.73
C VAL B 165 9.65 -1.15 43.87
N PRO B 166 9.41 -0.47 45.01
CA PRO B 166 8.71 -1.08 46.17
C PRO B 166 7.17 -1.12 46.09
N GLY B 167 6.57 -0.51 45.07
CA GLY B 167 5.11 -0.45 44.97
C GLY B 167 4.51 -1.58 44.15
N MET B 168 3.22 -1.51 43.86
CA MET B 168 2.60 -2.50 42.99
C MET B 168 1.57 -1.89 42.03
N ILE B 169 1.27 -2.62 40.95
CA ILE B 169 0.30 -2.24 39.94
C ILE B 169 -1.00 -3.02 40.13
N GLU B 170 -2.12 -2.43 39.73
CA GLU B 170 -3.38 -3.16 39.62
C GLU B 170 -4.16 -2.75 38.39
N ARG B 171 -4.78 -3.71 37.72
CA ARG B 171 -5.76 -3.42 36.67
C ARG B 171 -7.08 -3.02 37.29
N LEU B 172 -7.45 -1.76 37.11
CA LEU B 172 -8.74 -1.27 37.57
C LEU B 172 -9.56 -0.79 36.40
N ALA B 173 -10.83 -0.53 36.64
CA ALA B 173 -11.65 0.17 35.68
C ALA B 173 -11.17 1.61 35.65
N VAL B 174 -11.39 2.27 34.52
CA VAL B 174 -10.91 3.64 34.31
C VAL B 174 -11.65 4.69 35.16
N ASP B 175 -12.79 4.29 35.73
CA ASP B 175 -13.55 5.17 36.62
C ASP B 175 -13.36 4.79 38.09
N HIS B 176 -12.35 3.99 38.42
CA HIS B 176 -12.01 3.68 39.81
C HIS B 176 -11.75 5.02 40.52
N PRO B 177 -12.11 5.13 41.82
CA PRO B 177 -11.94 6.45 42.45
C PRO B 177 -10.49 6.84 42.64
N ASP B 178 -9.60 5.84 42.73
CA ASP B 178 -8.17 6.11 42.81
C ASP B 178 -7.59 6.74 41.54
N VAL B 179 -8.23 6.54 40.39
CA VAL B 179 -7.84 7.22 39.16
C VAL B 179 -8.13 8.71 39.35
N PHE B 180 -9.35 9.03 39.76
CA PHE B 180 -9.72 10.41 40.05
C PHE B 180 -8.83 11.10 41.13
N ASP B 181 -8.48 10.37 42.19
CA ASP B 181 -7.59 10.88 43.26
C ASP B 181 -6.27 11.34 42.66
N VAL B 182 -5.62 10.43 41.92
CA VAL B 182 -4.29 10.68 41.33
C VAL B 182 -4.33 11.85 40.35
N TYR B 183 -5.34 11.90 39.47
CA TYR B 183 -5.47 13.02 38.53
C TYR B 183 -5.76 14.36 39.22
N ALA B 184 -6.52 14.35 40.32
CA ALA B 184 -6.76 15.59 41.07
C ALA B 184 -5.46 16.18 41.64
N ARG B 185 -4.55 15.32 42.08
CA ARG B 185 -3.26 15.75 42.58
C ARG B 185 -2.33 16.14 41.45
N PHE B 186 -2.37 15.36 40.37
CA PHE B 186 -1.52 15.62 39.21
C PHE B 186 -1.79 16.99 38.61
N ALA B 187 -3.06 17.31 38.41
CA ALA B 187 -3.47 18.60 37.87
C ALA B 187 -3.07 19.80 38.75
N ARG B 188 -2.96 19.56 40.06
CA ARG B 188 -2.63 20.61 41.00
C ARG B 188 -1.17 20.93 40.98
N GLN B 189 -0.37 20.01 40.47
CA GLN B 189 1.05 20.23 40.36
C GLN B 189 1.62 20.23 38.96
N ASN B 190 0.77 20.36 37.94
CA ASN B 190 1.18 20.44 36.54
C ASN B 190 0.55 21.57 35.77
N HIS B 191 1.38 22.54 35.38
CA HIS B 191 0.99 23.72 34.63
C HIS B 191 0.17 23.41 33.39
N GLY B 192 -0.93 24.12 33.22
CA GLY B 192 -1.79 23.96 32.06
C GLY B 192 -3.06 23.17 32.31
N ALA B 193 -3.03 22.30 33.32
CA ALA B 193 -3.98 21.20 33.43
C ALA B 193 -5.41 21.63 33.79
N LEU B 194 -6.38 20.90 33.26
CA LEU B 194 -7.77 21.02 33.63
C LEU B 194 -7.98 20.43 35.00
N ILE B 195 -8.62 21.21 35.88
CA ILE B 195 -9.13 20.69 37.13
C ILE B 195 -10.48 20.06 36.80
N ARG B 196 -10.59 18.75 36.98
CA ARG B 196 -11.75 18.00 36.43
C ARG B 196 -12.94 17.86 37.34
N SER B 197 -14.10 18.27 36.84
CA SER B 197 -15.36 17.87 37.49
C SER B 197 -15.73 16.47 37.00
N ALA B 198 -16.49 15.76 37.83
CA ALA B 198 -17.06 14.48 37.43
C ALA B 198 -17.59 14.56 36.00
N PHE B 199 -18.17 15.71 35.64
CA PHE B 199 -18.61 15.91 34.27
C PHE B 199 -17.49 15.99 33.21
N ASN B 200 -16.32 16.53 33.57
CA ASN B 200 -15.18 16.60 32.64
C ASN B 200 -14.64 15.20 32.38
N TRP B 201 -14.67 14.38 33.43
CA TRP B 201 -14.28 12.99 33.33
C TRP B 201 -15.19 12.14 32.45
N GLU B 202 -16.49 12.43 32.42
CA GLU B 202 -17.38 11.68 31.53
C GLU B 202 -17.22 12.15 30.10
N GLU B 203 -16.77 13.39 29.92
CA GLU B 203 -16.45 13.89 28.56
C GLU B 203 -15.08 13.41 28.03
N TYR B 204 -14.16 13.14 28.95
CA TYR B 204 -12.87 12.56 28.63
C TYR B 204 -13.09 11.27 27.86
N TRP B 205 -14.07 10.48 28.32
CA TRP B 205 -14.39 9.20 27.71
C TRP B 205 -15.53 9.20 26.67
N ARG B 206 -15.87 10.37 26.12
CA ARG B 206 -16.99 10.47 25.15
C ARG B 206 -16.77 9.69 23.81
N PHE B 207 -15.59 9.81 23.19
CA PHE B 207 -15.35 9.14 21.89
C PHE B 207 -14.80 7.71 22.02
N GLU B 208 -14.98 7.10 23.18
CA GLU B 208 -14.24 5.90 23.54
C GLU B 208 -15.09 5.00 24.40
N ASN B 209 -14.98 3.69 24.21
CA ASN B 209 -15.68 2.72 25.04
C ASN B 209 -14.85 2.35 26.26
N GLU B 210 -15.25 2.89 27.41
CA GLU B 210 -14.54 2.72 28.69
C GLU B 210 -14.38 1.25 29.06
N GLU B 211 -15.40 0.44 28.75
CA GLU B 211 -15.37 -1.01 28.96
C GLU B 211 -14.15 -1.65 28.32
N GLU B 212 -13.73 -1.17 27.15
CA GLU B 212 -12.60 -1.77 26.46
C GLU B 212 -11.26 -1.09 26.77
N ARG B 213 -11.22 -0.33 27.87
CA ARG B 213 -10.00 0.31 28.34
C ARG B 213 -9.74 -0.10 29.76
N THR B 214 -8.49 -0.12 30.15
CA THR B 214 -8.14 -0.45 31.53
C THR B 214 -7.16 0.59 32.06
N ALA B 215 -7.26 0.81 33.37
CA ALA B 215 -6.39 1.68 34.11
C ALA B 215 -5.47 0.81 34.92
N ALA B 216 -4.18 0.86 34.61
CA ALA B 216 -3.18 0.23 35.43
C ALA B 216 -2.70 1.28 36.41
N VAL B 217 -2.88 1.03 37.69
CA VAL B 217 -2.58 2.00 38.73
C VAL B 217 -1.44 1.46 39.56
N TYR B 218 -0.43 2.29 39.74
CA TYR B 218 0.71 1.97 40.54
C TYR B 218 0.46 2.52 41.94
N TYR B 219 0.57 1.65 42.94
CA TYR B 219 0.44 2.01 44.35
C TYR B 219 1.82 1.96 44.97
N GLY B 220 2.24 3.02 45.66
CA GLY B 220 3.52 3.00 46.36
C GLY B 220 3.50 2.05 47.56
N ALA B 221 4.65 1.88 48.20
CA ALA B 221 4.79 1.07 49.44
C ALA B 221 3.75 1.40 50.51
N ASN B 222 3.52 2.67 50.79
CA ASN B 222 2.54 3.06 51.82
C ASN B 222 1.11 2.97 51.25
N GLN B 223 0.97 2.27 50.12
CA GLN B 223 -0.32 1.86 49.56
C GLN B 223 -1.12 3.03 48.98
N GLU B 224 -0.44 4.14 48.70
CA GLU B 224 -1.11 5.29 48.12
C GLU B 224 -0.97 5.21 46.60
N PRO B 225 -2.05 5.54 45.87
CA PRO B 225 -1.94 5.55 44.40
C PRO B 225 -1.12 6.77 43.91
N LEU B 226 -0.14 6.50 43.05
CA LEU B 226 0.79 7.53 42.58
C LEU B 226 0.83 7.74 41.05
N GLY B 227 0.25 6.80 40.29
CA GLY B 227 0.30 6.84 38.81
C GLY B 227 -0.79 6.02 38.14
N VAL B 228 -1.27 6.52 37.00
CA VAL B 228 -2.28 5.86 36.16
C VAL B 228 -1.81 5.71 34.69
N LEU B 229 -2.00 4.53 34.13
CA LEU B 229 -1.82 4.26 32.72
C LEU B 229 -3.18 3.79 32.15
N PHE B 230 -3.71 4.56 31.19
CA PHE B 230 -4.85 4.14 30.40
C PHE B 230 -4.37 3.40 29.12
N TYR B 231 -4.74 2.14 29.00
CA TYR B 231 -4.24 1.30 27.89
C TYR B 231 -5.20 0.19 27.48
N TRP B 232 -4.87 -0.40 26.33
CA TRP B 232 -5.48 -1.62 25.84
C TRP B 232 -4.53 -2.31 24.84
N VAL B 233 -4.62 -3.65 24.78
CA VAL B 233 -3.88 -4.42 23.80
C VAL B 233 -4.83 -4.87 22.69
N ALA B 234 -4.49 -4.50 21.46
CA ALA B 234 -5.21 -4.94 20.28
C ALA B 234 -4.20 -5.28 19.17
N ASP B 235 -4.41 -6.43 18.54
CA ASP B 235 -3.62 -6.88 17.40
C ASP B 235 -2.13 -6.76 17.63
N GLU B 236 -1.70 -7.20 18.81
CA GLU B 236 -0.30 -7.23 19.19
C GLU B 236 0.39 -5.87 19.16
N VAL B 237 -0.41 -4.84 19.45
CA VAL B 237 0.07 -3.51 19.73
C VAL B 237 -0.43 -3.14 21.13
N PHE B 238 0.49 -2.68 21.97
CA PHE B 238 0.14 -2.09 23.24
C PHE B 238 -0.15 -0.59 23.03
N HIS B 239 -1.43 -0.20 23.18
CA HIS B 239 -1.89 1.17 23.06
C HIS B 239 -1.98 1.90 24.39
N ILE B 240 -1.45 3.11 24.43
CA ILE B 240 -1.42 3.94 25.61
C ILE B 240 -2.24 5.18 25.30
N LYS B 241 -3.42 5.33 25.93
CA LYS B 241 -4.21 6.57 25.79
C LYS B 241 -3.39 7.72 26.35
N GLU B 242 -2.99 7.55 27.60
CA GLU B 242 -1.94 8.37 28.22
C GLU B 242 -1.51 7.77 29.56
N MET B 243 -0.53 8.39 30.16
CA MET B 243 0.01 8.04 31.44
C MET B 243 0.20 9.36 32.17
N PHE B 244 -0.25 9.45 33.43
CA PHE B 244 0.13 10.56 34.29
C PHE B 244 0.60 9.98 35.62
N TYR B 245 1.53 10.67 36.28
CA TYR B 245 2.19 10.14 37.46
C TYR B 245 2.75 11.29 38.33
N LEU B 246 2.71 11.08 39.65
CA LEU B 246 3.10 12.10 40.59
C LEU B 246 4.61 12.14 40.87
N ASN B 247 5.35 11.10 40.46
CA ASN B 247 6.81 11.07 40.63
C ASN B 247 7.42 10.00 39.73
N GLN B 248 8.75 9.93 39.73
CA GLN B 248 9.47 9.00 38.83
C GLN B 248 9.37 7.55 39.22
N GLU B 249 9.26 7.27 40.52
CA GLU B 249 9.03 5.91 40.98
C GLU B 249 7.79 5.33 40.29
N ALA B 250 6.65 6.03 40.39
CA ALA B 250 5.42 5.67 39.66
C ALA B 250 5.64 5.54 38.15
N ARG B 251 6.37 6.47 37.55
CA ARG B 251 6.63 6.39 36.11
C ARG B 251 7.30 5.06 35.77
N ASN B 252 8.29 4.69 36.58
CA ASN B 252 9.06 3.47 36.36
C ASN B 252 8.21 2.22 36.53
N GLY B 253 7.38 2.21 37.57
CA GLY B 253 6.49 1.08 37.84
C GLY B 253 5.40 0.94 36.79
N LEU B 254 4.96 2.04 36.22
CA LEU B 254 4.05 1.96 35.10
C LEU B 254 4.73 1.39 33.84
N TRP B 255 5.99 1.76 33.61
CA TRP B 255 6.76 1.25 32.51
C TRP B 255 7.22 -0.17 32.74
N ASN B 256 7.51 -0.54 33.98
CA ASN B 256 7.77 -1.96 34.31
C ASN B 256 6.65 -2.88 33.87
N PHE B 257 5.44 -2.46 34.18
CA PHE B 257 4.24 -3.15 33.76
C PHE B 257 4.15 -3.22 32.26
N ILE B 258 4.36 -2.10 31.57
CA ILE B 258 4.31 -2.14 30.10
C ILE B 258 5.34 -3.15 29.57
N THR B 259 6.57 -3.08 30.04
CA THR B 259 7.62 -3.92 29.50
C THR B 259 7.37 -5.41 29.77
N ALA B 260 6.68 -5.70 30.88
CA ALA B 260 6.24 -7.06 31.19
C ALA B 260 5.39 -7.70 30.09
N HIS B 261 4.81 -6.89 29.22
CA HIS B 261 3.98 -7.36 28.11
C HIS B 261 4.73 -7.59 26.81
N PHE B 262 6.05 -7.60 26.87
CA PHE B 262 6.90 -7.83 25.69
C PHE B 262 6.48 -9.02 24.85
N SER B 263 6.20 -10.14 25.52
CA SER B 263 5.89 -11.38 24.80
C SER B 263 4.55 -11.29 24.07
N MET B 264 3.77 -10.25 24.33
CA MET B 264 2.40 -10.18 23.87
C MET B 264 2.30 -9.26 22.67
N VAL B 265 3.33 -8.45 22.45
CA VAL B 265 3.24 -7.35 21.47
C VAL B 265 4.55 -7.10 20.71
N TYR B 266 4.40 -6.58 19.50
CA TYR B 266 5.50 -6.09 18.69
C TYR B 266 5.82 -4.59 18.86
N TRP B 267 4.78 -3.83 19.19
CA TRP B 267 4.85 -2.36 19.25
C TRP B 267 4.09 -1.80 20.44
N VAL B 268 4.66 -0.74 20.99
CA VAL B 268 4.03 0.07 21.99
C VAL B 268 3.81 1.44 21.35
N LYS B 269 2.56 1.85 21.27
CA LYS B 269 2.17 3.10 20.68
C LYS B 269 1.40 3.93 21.70
N GLY B 270 1.77 5.20 21.87
CA GLY B 270 0.97 6.10 22.66
C GLY B 270 1.15 7.59 22.44
N ASP B 271 0.46 8.37 23.26
CA ASP B 271 0.51 9.82 23.24
C ASP B 271 0.94 10.39 24.60
N ILE B 272 1.55 11.58 24.53
CA ILE B 272 1.92 12.37 25.71
C ILE B 272 1.34 13.74 25.45
N TYR B 273 0.59 14.23 26.42
CA TYR B 273 -0.16 15.50 26.32
C TYR B 273 0.56 16.71 26.90
N LYS B 274 1.86 16.71 26.67
CA LYS B 274 2.78 17.75 27.15
C LYS B 274 4.00 17.67 26.24
N ASN B 275 4.65 18.79 25.99
CA ASN B 275 5.92 18.70 25.26
C ASN B 275 7.08 18.22 26.17
N GLU B 276 7.03 16.93 26.47
CA GLU B 276 8.12 16.22 27.13
C GLU B 276 8.36 14.92 26.32
N PRO B 277 9.24 14.94 25.31
CA PRO B 277 9.51 13.71 24.54
C PRO B 277 9.90 12.51 25.38
N LEU B 278 9.35 11.35 25.03
CA LEU B 278 9.71 10.05 25.66
C LEU B 278 11.16 9.63 25.44
N ALA B 279 11.69 9.90 24.25
CA ALA B 279 12.89 9.26 23.78
C ALA B 279 14.07 9.36 24.75
N PHE B 280 14.26 10.56 25.27
CA PHE B 280 15.33 10.85 26.23
C PHE B 280 15.27 9.96 27.46
N LEU B 281 14.06 9.65 27.90
CA LEU B 281 13.83 8.82 29.09
C LEU B 281 13.99 7.31 28.86
N LEU B 282 14.07 6.90 27.59
CA LEU B 282 14.38 5.50 27.23
C LEU B 282 15.87 5.24 27.13
N GLU B 283 16.25 4.01 27.41
CA GLU B 283 17.59 3.51 27.10
C GLU B 283 17.86 3.68 25.62
N ASP B 284 17.05 3.02 24.80
CA ASP B 284 17.17 3.21 23.37
C ASP B 284 16.28 4.38 22.96
N SER B 285 16.90 5.56 22.89
CA SER B 285 16.23 6.80 22.55
C SER B 285 16.03 6.96 21.06
N GLN B 286 16.54 6.04 20.26
CA GLN B 286 16.43 6.18 18.80
C GLN B 286 15.03 5.81 18.28
N ILE B 287 14.09 6.69 18.58
CA ILE B 287 12.74 6.60 18.09
C ILE B 287 12.38 7.96 17.46
N LYS B 288 11.47 7.98 16.49
CA LYS B 288 10.85 9.24 16.06
C LYS B 288 9.50 9.36 16.79
N GLU B 289 9.29 10.57 17.27
CA GLU B 289 8.09 10.96 17.89
C GLU B 289 7.57 12.02 16.99
N SER B 290 6.28 12.18 16.92
CA SER B 290 5.77 13.29 16.21
C SER B 290 5.36 14.32 17.27
N ILE B 291 5.46 15.58 16.91
CA ILE B 291 5.09 16.66 17.79
C ILE B 291 4.12 17.50 17.01
N GLU B 292 2.97 17.77 17.62
CA GLU B 292 1.96 18.62 17.01
C GLU B 292 1.30 19.56 18.04
N PRO B 293 1.01 20.81 17.64
CA PRO B 293 0.19 21.70 18.45
C PRO B 293 -1.11 21.03 18.86
N TYR B 294 -1.47 21.09 20.13
CA TYR B 294 -2.68 20.39 20.61
C TYR B 294 -3.85 21.34 20.98
N TYR B 295 -3.54 22.42 21.71
CA TYR B 295 -4.51 23.38 22.19
C TYR B 295 -4.02 24.82 22.05
N MET B 296 -4.96 25.75 22.00
CA MET B 296 -4.68 27.16 21.97
C MET B 296 -5.16 27.78 23.26
N ALA B 297 -4.55 28.88 23.62
CA ALA B 297 -5.02 29.68 24.74
C ALA B 297 -5.11 31.16 24.37
N ARG B 298 -5.84 31.90 25.18
CA ARG B 298 -5.96 33.34 25.00
C ARG B 298 -6.14 34.03 26.33
N ILE B 299 -5.34 35.06 26.57
CA ILE B 299 -5.62 35.97 27.66
C ILE B 299 -6.89 36.78 27.31
N VAL B 300 -7.90 36.64 28.16
CA VAL B 300 -9.12 37.39 28.03
C VAL B 300 -8.95 38.86 28.47
N ASP B 301 -8.40 39.06 29.68
CA ASP B 301 -8.22 40.39 30.27
C ASP B 301 -6.81 40.48 30.87
N VAL B 302 -5.98 41.37 30.31
CA VAL B 302 -4.54 41.42 30.56
C VAL B 302 -4.21 41.78 32.02
N LYS B 303 -4.75 42.90 32.48
CA LYS B 303 -4.54 43.40 33.84
C LYS B 303 -4.99 42.39 34.88
N ALA B 304 -6.21 41.89 34.71
CA ALA B 304 -6.80 40.91 35.63
C ALA B 304 -6.04 39.59 35.60
N PHE B 305 -5.70 39.11 34.43
CA PHE B 305 -4.90 37.92 34.33
C PHE B 305 -3.59 38.12 35.05
N LEU B 306 -2.96 39.25 34.85
CA LEU B 306 -1.60 39.40 35.30
C LEU B 306 -1.51 39.69 36.77
N GLU B 307 -2.56 40.23 37.34
CA GLU B 307 -2.53 40.53 38.74
C GLU B 307 -2.72 39.28 39.57
N ASN B 308 -3.19 38.23 38.91
CA ASN B 308 -3.34 36.92 39.53
C ASN B 308 -2.24 35.91 39.15
N PHE B 309 -1.28 36.37 38.35
CA PHE B 309 -0.27 35.50 37.77
C PHE B 309 0.87 35.23 38.76
N PRO B 310 1.20 33.94 38.96
CA PRO B 310 2.28 33.58 39.87
C PRO B 310 3.67 33.78 39.25
N PHE B 311 4.09 35.04 39.17
CA PHE B 311 5.43 35.35 38.71
C PHE B 311 6.47 34.68 39.57
N GLU B 312 7.53 34.17 38.92
CA GLU B 312 8.56 33.43 39.62
C GLU B 312 9.45 34.34 40.41
N SER B 313 9.38 35.62 40.13
CA SER B 313 10.38 36.53 40.60
C SER B 313 9.86 37.94 40.51
N THR B 314 10.63 38.86 41.05
CA THR B 314 10.34 40.27 41.03
C THR B 314 11.26 40.88 39.96
N ALA B 315 10.93 42.05 39.44
CA ALA B 315 11.75 42.70 38.42
C ALA B 315 11.76 44.23 38.56
N LYS B 316 12.78 44.86 37.99
CA LYS B 316 12.81 46.32 37.81
C LYS B 316 11.59 46.70 36.97
N PRO B 317 10.79 47.66 37.44
CA PRO B 317 9.55 47.94 36.73
C PRO B 317 9.72 48.25 35.26
N PHE B 318 8.77 47.79 34.46
CA PHE B 318 8.77 47.93 33.01
C PHE B 318 7.31 47.94 32.63
N HIS B 319 7.02 48.15 31.36
CA HIS B 319 5.63 48.09 30.90
C HIS B 319 5.48 47.33 29.57
N PHE B 320 4.38 46.62 29.43
CA PHE B 320 4.01 46.06 28.16
C PHE B 320 3.28 47.12 27.38
N VAL B 321 3.50 47.14 26.08
CA VAL B 321 2.60 47.84 25.14
C VAL B 321 1.96 46.75 24.27
N VAL B 322 0.67 46.58 24.45
CA VAL B 322 -0.06 45.46 23.93
C VAL B 322 -1.02 45.88 22.82
N LYS B 323 -1.04 45.12 21.74
CA LYS B 323 -1.99 45.25 20.67
C LYS B 323 -2.89 44.01 20.71
N ASP B 324 -4.20 44.21 20.79
CA ASP B 324 -5.16 43.13 20.78
C ASP B 324 -6.19 43.41 19.68
N PRO B 325 -6.39 42.44 18.77
CA PRO B 325 -7.21 42.71 17.58
C PRO B 325 -8.71 42.59 17.81
N VAL B 326 -9.12 42.14 19.00
CA VAL B 326 -10.54 42.07 19.32
C VAL B 326 -10.89 42.95 20.55
N ALA B 327 -10.31 42.67 21.71
CA ALA B 327 -10.63 43.36 22.95
C ALA B 327 -9.93 44.71 23.08
N GLU B 328 -10.75 45.77 23.11
CA GLU B 328 -10.35 47.16 23.38
C GLU B 328 -9.53 47.30 24.65
N TRP B 329 -10.02 46.66 25.71
CA TRP B 329 -9.45 46.75 27.06
C TRP B 329 -8.12 46.04 27.23
N ASN B 330 -7.70 45.25 26.23
CA ASN B 330 -6.40 44.59 26.22
C ASN B 330 -5.37 45.40 25.44
N ASN B 331 -5.83 46.50 24.84
CA ASN B 331 -4.92 47.40 24.13
C ASN B 331 -4.33 48.42 25.05
N GLY B 332 -3.09 48.81 24.76
CA GLY B 332 -2.43 49.87 25.48
C GLY B 332 -1.34 49.42 26.44
N ILE B 333 -1.09 50.27 27.43
CA ILE B 333 0.06 50.13 28.30
C ILE B 333 -0.37 49.45 29.59
N PHE B 334 0.52 48.60 30.10
CA PHE B 334 0.33 47.84 31.33
C PHE B 334 1.68 47.82 32.03
N GLY B 335 1.83 48.74 32.98
CA GLY B 335 3.02 48.80 33.80
C GLY B 335 2.97 47.75 34.91
N LEU B 336 4.15 47.25 35.24
CA LEU B 336 4.30 46.19 36.21
C LEU B 336 5.27 46.72 37.24
N ILE B 337 4.81 46.76 38.50
CA ILE B 337 5.68 47.10 39.61
C ILE B 337 5.34 46.19 40.80
N TRP B 338 6.37 45.73 41.50
CA TRP B 338 6.17 44.85 42.65
C TRP B 338 6.36 45.56 44.00
N ASP B 339 5.38 45.42 44.88
CA ASP B 339 5.40 46.07 46.18
C ASP B 339 6.27 45.29 47.16
N GLU B 340 6.14 45.60 48.43
CA GLU B 340 7.04 45.04 49.44
C GLU B 340 6.58 43.67 49.96
N ASN B 341 5.45 43.20 49.44
CA ASN B 341 4.96 41.83 49.66
C ASN B 341 5.27 40.93 48.44
N ASP B 342 6.29 41.32 47.66
CA ASP B 342 6.57 40.83 46.30
C ASP B 342 5.33 40.63 45.45
N GLN B 343 4.36 41.54 45.58
CA GLN B 343 3.09 41.40 44.89
C GLN B 343 2.98 42.48 43.83
N VAL B 344 2.60 42.10 42.61
CA VAL B 344 2.57 43.01 41.49
C VAL B 344 1.37 43.95 41.56
N THR B 345 1.55 45.17 41.05
CA THR B 345 0.41 46.03 40.81
C THR B 345 0.46 46.47 39.33
N ILE B 346 -0.69 46.45 38.67
CA ILE B 346 -0.78 46.68 37.23
C ILE B 346 -1.35 48.07 36.94
N THR B 347 -0.53 48.91 36.33
CA THR B 347 -0.87 50.31 36.04
C THR B 347 -1.14 50.66 34.54
N ASP B 348 -1.71 51.84 34.36
CA ASP B 348 -1.84 52.60 33.11
C ASP B 348 -0.53 53.26 32.69
N GLU B 349 0.43 53.29 33.60
CA GLU B 349 1.59 54.15 33.46
C GLU B 349 2.75 53.41 32.79
N PRO B 350 3.40 54.09 31.81
CA PRO B 350 4.55 53.56 31.08
C PRO B 350 5.81 53.48 31.92
N LEU B 351 5.79 52.63 32.93
CA LEU B 351 6.93 52.52 33.85
C LEU B 351 8.10 51.86 33.16
N GLY B 352 9.28 52.46 33.25
CA GLY B 352 10.47 51.84 32.69
C GLY B 352 10.37 51.58 31.20
N THR B 353 11.19 50.62 30.75
CA THR B 353 11.28 50.29 29.34
C THR B 353 10.06 49.55 28.80
N ALA B 354 9.62 49.92 27.61
CA ALA B 354 8.49 49.27 26.94
C ALA B 354 8.85 47.88 26.39
N VAL B 355 7.85 47.00 26.41
CA VAL B 355 7.91 45.69 25.79
C VAL B 355 6.75 45.65 24.79
N HIS B 356 7.06 45.73 23.49
CA HIS B 356 6.00 45.70 22.46
C HIS B 356 5.75 44.26 22.04
N LEU B 357 4.48 43.88 22.00
CA LEU B 357 4.06 42.55 21.59
C LEU B 357 2.55 42.59 21.42
N ASP B 358 2.00 41.57 20.76
CA ASP B 358 0.56 41.42 20.64
C ASP B 358 0.03 40.44 21.68
N ILE B 359 -1.29 40.25 21.69
CA ILE B 359 -1.95 39.47 22.71
C ILE B 359 -1.61 37.97 22.55
N GLN B 360 -1.35 37.58 21.32
CA GLN B 360 -0.99 36.20 20.98
C GLN B 360 0.31 35.85 21.67
N THR B 361 1.31 36.73 21.55
CA THR B 361 2.63 36.47 22.15
C THR B 361 2.74 36.71 23.65
N LEU B 362 1.94 37.61 24.21
CA LEU B 362 1.78 37.70 25.64
C LEU B 362 1.18 36.41 26.18
N THR B 363 0.10 35.95 25.55
CA THR B 363 -0.52 34.67 25.96
C THR B 363 0.52 33.52 25.84
N CYS B 364 1.33 33.54 24.80
CA CYS B 364 2.40 32.56 24.62
C CYS B 364 3.41 32.55 25.78
N LEU B 365 3.78 33.73 26.25
CA LEU B 365 4.68 33.88 27.38
C LEU B 365 4.13 33.31 28.69
N VAL B 366 2.88 33.62 29.02
CA VAL B 366 2.32 33.22 30.31
C VAL B 366 2.06 31.74 30.33
N MET B 367 1.77 31.15 29.17
CA MET B 367 1.59 29.70 29.04
C MET B 367 2.95 28.99 28.91
N ASN B 368 4.01 29.75 28.65
CA ASN B 368 5.36 29.24 28.46
C ASN B 368 5.52 28.29 27.25
N TYR B 369 4.81 28.57 26.16
CA TYR B 369 4.90 27.77 24.99
C TYR B 369 6.25 28.00 24.32
N ARG B 370 6.77 29.22 24.47
CA ARG B 370 8.12 29.62 24.06
C ARG B 370 8.60 30.64 25.09
N ARG B 371 9.91 30.74 25.24
CA ARG B 371 10.54 31.67 26.15
C ARG B 371 10.63 33.07 25.56
N PRO B 372 10.71 34.10 26.42
CA PRO B 372 10.92 35.46 25.95
C PRO B 372 12.08 35.65 24.95
N SER B 373 13.25 35.13 25.27
CA SER B 373 14.42 35.33 24.39
C SER B 373 14.24 34.73 22.99
N TYR B 374 13.54 33.60 22.92
CA TYR B 374 13.13 33.03 21.65
C TYR B 374 12.16 33.97 20.87
N LEU B 375 11.12 34.43 21.53
CA LEU B 375 10.17 35.34 20.92
C LEU B 375 10.74 36.69 20.48
N HIS B 376 11.65 37.22 21.26
CA HIS B 376 12.39 38.37 20.88
C HIS B 376 13.21 38.12 19.64
N ARG B 377 13.84 36.96 19.61
CA ARG B 377 14.73 36.56 18.57
C ARG B 377 14.05 36.46 17.25
N ILE B 378 12.79 36.08 17.28
CA ILE B 378 12.02 36.02 16.06
C ILE B 378 11.13 37.21 15.88
N GLU B 379 11.36 38.24 16.68
CA GLU B 379 10.82 39.55 16.48
C GLU B 379 9.36 39.61 16.73
N ARG B 380 8.92 38.89 17.73
CA ARG B 380 7.59 39.05 18.22
C ARG B 380 7.59 39.79 19.54
N ILE B 381 8.75 40.03 20.10
CA ILE B 381 8.86 40.91 21.23
C ILE B 381 9.84 42.02 20.87
N ASP B 382 9.43 43.26 21.09
CA ASP B 382 10.33 44.39 20.94
C ASP B 382 10.62 45.02 22.30
N THR B 383 11.85 44.85 22.74
CA THR B 383 12.37 45.52 23.92
C THR B 383 13.90 45.34 23.97
N ASP B 384 14.51 45.90 25.02
CA ASP B 384 15.96 45.94 25.15
C ASP B 384 16.46 44.71 25.88
N LYS B 385 17.78 44.63 26.01
CA LYS B 385 18.48 43.49 26.57
C LYS B 385 18.19 43.33 28.06
N GLU B 386 18.04 44.45 28.77
CA GLU B 386 17.88 44.42 30.24
C GLU B 386 16.48 43.92 30.63
N THR B 387 15.48 44.35 29.87
CA THR B 387 14.10 44.01 30.17
C THR B 387 13.81 42.57 29.76
N LEU B 388 14.38 42.16 28.64
CA LEU B 388 14.34 40.77 28.16
C LEU B 388 14.83 39.83 29.26
N ASN B 389 15.97 40.16 29.85
CA ASN B 389 16.55 39.43 30.99
C ASN B 389 15.59 39.38 32.20
N SER B 390 14.80 40.43 32.39
CA SER B 390 13.75 40.46 33.41
C SER B 390 12.60 39.52 33.04
N LEU B 391 12.17 39.57 31.79
CA LEU B 391 11.08 38.71 31.32
C LEU B 391 11.46 37.23 31.55
N GLU B 392 12.68 36.87 31.17
CA GLU B 392 13.19 35.53 31.41
C GLU B 392 13.26 35.12 32.89
N ARG B 393 13.44 36.09 33.78
CA ARG B 393 13.48 35.83 35.21
C ARG B 393 12.09 35.67 35.81
N ILE B 394 11.14 36.49 35.40
CA ILE B 394 9.82 36.45 36.05
C ILE B 394 8.86 35.40 35.50
N PHE B 395 9.12 34.91 34.29
CA PHE B 395 8.22 33.94 33.69
C PHE B 395 8.66 32.50 34.05
N PRO B 396 7.81 31.73 34.77
CA PRO B 396 8.11 30.33 35.11
C PRO B 396 8.35 29.46 33.88
N ASP B 397 9.18 28.45 34.03
CA ASP B 397 9.54 27.59 32.91
C ASP B 397 9.01 26.16 33.10
N GLN B 398 7.75 25.95 32.72
CA GLN B 398 7.14 24.63 32.65
C GLN B 398 6.42 24.51 31.32
N GLU B 399 6.38 23.29 30.78
CA GLU B 399 5.64 22.96 29.59
C GLU B 399 4.22 22.65 30.00
N ALA B 400 3.25 23.23 29.30
CA ALA B 400 1.86 23.00 29.60
C ALA B 400 1.40 21.57 29.23
N TYR B 401 0.74 20.95 30.21
CA TYR B 401 -0.01 19.70 30.07
C TYR B 401 -1.52 20.00 29.91
N PHE B 402 -2.13 19.35 28.94
CA PHE B 402 -3.60 19.45 28.76
C PHE B 402 -4.02 18.30 27.87
N SER B 403 -4.87 17.43 28.42
CA SER B 403 -5.32 16.21 27.70
C SER B 403 -6.83 16.16 27.47
N ASP B 404 -7.52 17.27 27.71
CA ASP B 404 -8.95 17.31 27.51
C ASP B 404 -9.30 17.75 26.10
N TYR B 405 -10.56 17.59 25.77
CA TYR B 405 -11.02 17.88 24.45
C TYR B 405 -12.46 18.45 24.52
N PHE B 406 -12.65 19.58 23.85
CA PHE B 406 -13.96 20.24 23.69
C PHE B 406 -13.71 21.34 22.68
N GLN C 9 12.36 47.40 -14.49
CA GLN C 9 12.06 46.94 -15.83
C GLN C 9 13.34 46.66 -16.65
N LEU C 10 13.20 46.40 -17.94
CA LEU C 10 12.57 45.20 -18.45
C LEU C 10 12.37 45.27 -19.94
N THR C 11 12.70 44.22 -20.65
CA THR C 11 12.69 44.29 -22.09
C THR C 11 12.27 42.98 -22.71
N LEU C 12 11.19 42.99 -23.48
CA LEU C 12 10.69 41.80 -24.18
C LEU C 12 11.28 41.75 -25.59
N LYS C 13 12.07 40.73 -25.88
CA LYS C 13 12.77 40.62 -27.18
C LYS C 13 12.98 39.15 -27.59
N PRO C 14 13.32 38.90 -28.86
CA PRO C 14 13.61 37.52 -29.26
C PRO C 14 14.84 36.94 -28.56
N VAL C 15 14.83 35.65 -28.25
CA VAL C 15 16.02 35.05 -27.66
C VAL C 15 16.88 34.43 -28.79
N GLU C 16 18.18 34.68 -28.67
CA GLU C 16 19.19 34.38 -29.67
C GLU C 16 20.09 33.27 -29.13
N GLU C 17 21.07 32.81 -29.93
CA GLU C 17 21.97 31.74 -29.50
C GLU C 17 22.75 32.12 -28.23
N GLU C 18 23.09 33.39 -28.14
CA GLU C 18 23.55 34.06 -26.92
C GLU C 18 22.81 33.61 -25.65
N HIS C 19 21.47 33.54 -25.73
CA HIS C 19 20.60 33.31 -24.59
C HIS C 19 20.13 31.85 -24.43
N ILE C 20 20.69 30.93 -25.21
CA ILE C 20 20.24 29.53 -25.23
C ILE C 20 20.45 28.84 -23.88
N ASP C 21 21.59 29.10 -23.26
CA ASP C 21 21.91 28.53 -21.98
C ASP C 21 20.93 28.98 -20.92
N GLN C 22 20.60 30.28 -20.91
CA GLN C 22 19.63 30.85 -19.94
C GLN C 22 18.24 30.20 -20.10
N PHE C 23 17.89 29.91 -21.35
CA PHE C 23 16.59 29.34 -21.68
C PHE C 23 16.43 27.91 -21.13
N ASN C 24 17.48 27.10 -21.35
CA ASN C 24 17.59 25.76 -20.77
C ASN C 24 17.63 25.71 -19.24
N GLU C 25 18.36 26.64 -18.64
CA GLU C 25 18.43 26.80 -17.18
C GLU C 25 17.06 27.14 -16.58
N LEU C 26 16.34 28.04 -17.22
CA LEU C 26 14.99 28.38 -16.78
C LEU C 26 14.09 27.15 -16.78
N LEU C 27 14.14 26.36 -17.84
CA LEU C 27 13.31 25.16 -17.92
C LEU C 27 13.75 24.12 -16.92
N SER C 28 15.04 24.01 -16.72
CA SER C 28 15.59 23.07 -15.74
C SER C 28 14.94 23.34 -14.38
N TYR C 29 14.66 24.60 -14.07
CA TYR C 29 13.97 24.92 -12.82
C TYR C 29 12.46 24.71 -12.85
N VAL C 30 11.78 25.09 -13.95
CA VAL C 30 10.31 25.15 -13.93
C VAL C 30 9.61 23.99 -14.64
N PHE C 31 10.24 23.40 -15.63
CA PHE C 31 9.58 22.36 -16.41
C PHE C 31 9.35 21.16 -15.51
N GLN C 32 8.10 20.68 -15.47
CA GLN C 32 7.74 19.51 -14.69
C GLN C 32 7.85 18.24 -15.53
N VAL C 33 8.85 17.47 -15.16
CA VAL C 33 8.96 16.13 -15.60
C VAL C 33 9.19 15.29 -14.37
N THR C 34 8.63 14.10 -14.45
CA THR C 34 8.61 13.17 -13.37
C THR C 34 9.98 12.49 -13.35
N GLU C 35 10.34 11.89 -12.22
CA GLU C 35 11.66 11.30 -12.02
C GLU C 35 11.76 9.99 -12.82
N ALA C 36 10.68 9.22 -12.73
CA ALA C 36 10.47 8.01 -13.52
C ALA C 36 10.67 8.23 -15.03
N ASP C 37 10.13 9.33 -15.56
CA ASP C 37 10.20 9.65 -16.97
C ASP C 37 11.58 10.14 -17.37
N ILE C 38 12.25 10.88 -16.50
CA ILE C 38 13.65 11.22 -16.72
C ILE C 38 14.48 9.94 -16.89
N GLU C 39 14.31 9.00 -15.99
CA GLU C 39 15.06 7.75 -16.07
C GLU C 39 14.66 6.89 -17.27
N GLU C 40 13.35 6.77 -17.54
CA GLU C 40 12.88 5.99 -18.69
C GLU C 40 13.33 6.57 -20.03
N SER C 41 13.41 7.90 -20.11
CA SER C 41 13.85 8.57 -21.33
C SER C 41 15.33 8.36 -21.62
N GLY C 42 16.09 7.90 -20.62
CA GLY C 42 17.49 7.55 -20.80
C GLY C 42 18.50 8.61 -20.40
N PHE C 43 18.05 9.62 -19.64
CA PHE C 43 18.97 10.66 -19.14
C PHE C 43 19.29 10.41 -17.66
N GLU C 44 20.47 10.86 -17.22
CA GLU C 44 20.89 10.67 -15.83
C GLU C 44 20.30 11.74 -14.91
N ASN C 45 19.87 12.86 -15.50
CA ASN C 45 19.30 13.96 -14.72
C ASN C 45 18.44 14.91 -15.55
N LYS C 46 17.63 15.68 -14.84
CA LYS C 46 16.78 16.73 -15.40
C LYS C 46 17.52 17.68 -16.36
N ARG C 47 18.76 18.07 -16.03
CA ARG C 47 19.47 19.02 -16.89
C ARG C 47 19.88 18.37 -18.22
N ALA C 48 20.20 17.08 -18.17
CA ALA C 48 20.49 16.33 -19.39
C ALA C 48 19.20 16.16 -20.18
N PHE C 49 18.11 15.88 -19.48
CA PHE C 49 16.81 15.76 -20.12
C PHE C 49 16.34 17.04 -20.84
N ILE C 50 16.52 18.23 -20.25
CA ILE C 50 16.02 19.44 -20.92
C ILE C 50 16.90 19.82 -22.12
N LYS C 51 18.18 19.48 -22.05
CA LYS C 51 19.08 19.65 -23.18
C LYS C 51 18.62 18.88 -24.41
N SER C 52 17.90 17.79 -24.23
CA SER C 52 17.35 17.06 -25.37
C SER C 52 16.19 17.77 -26.10
N LYS C 53 15.71 18.89 -25.56
CA LYS C 53 14.66 19.70 -26.21
C LYS C 53 15.20 20.63 -27.35
N GLN C 54 16.50 20.86 -27.36
CA GLN C 54 17.12 21.90 -28.18
C GLN C 54 17.00 21.80 -29.72
N PRO C 55 16.92 20.58 -30.29
CA PRO C 55 16.52 20.41 -31.69
C PRO C 55 15.15 21.04 -32.08
N ILE C 56 14.10 20.79 -31.29
CA ILE C 56 12.82 21.47 -31.49
C ILE C 56 12.98 22.98 -31.33
N LEU C 57 13.86 23.36 -30.40
CA LEU C 57 13.97 24.73 -29.93
C LEU C 57 14.72 25.63 -30.91
N GLU C 58 15.68 25.05 -31.65
CA GLU C 58 16.38 25.79 -32.71
C GLU C 58 15.50 26.00 -33.94
N LEU C 59 14.55 25.09 -34.13
CA LEU C 59 13.50 25.22 -35.14
C LEU C 59 12.43 26.29 -34.83
N SER C 60 12.34 26.78 -33.59
CA SER C 60 11.19 27.56 -33.16
C SER C 60 11.46 29.05 -33.14
N LYS C 61 10.41 29.86 -33.14
CA LYS C 61 10.49 31.27 -32.78
C LYS C 61 10.40 31.41 -31.24
N VAL C 62 11.39 32.07 -30.65
CA VAL C 62 11.50 32.22 -29.21
C VAL C 62 11.52 33.70 -28.81
N PHE C 63 10.77 34.04 -27.76
CA PHE C 63 10.73 35.39 -27.21
C PHE C 63 10.81 35.28 -25.71
N GLY C 64 11.32 36.32 -25.07
CA GLY C 64 11.43 36.33 -23.63
C GLY C 64 11.47 37.71 -23.04
N TRP C 65 11.17 37.80 -21.74
CA TRP C 65 11.47 38.99 -20.95
C TRP C 65 12.86 38.87 -20.35
N PHE C 66 13.62 39.94 -20.49
CA PHE C 66 14.93 40.08 -19.91
C PHE C 66 14.90 41.21 -18.87
N HIS C 67 15.47 40.93 -17.71
CA HIS C 67 15.80 41.93 -16.70
C HIS C 67 17.28 42.14 -16.91
N GLU C 68 17.59 43.11 -17.78
CA GLU C 68 18.83 43.09 -18.55
C GLU C 68 20.07 42.62 -17.76
N ASN C 69 20.89 41.73 -18.34
CA ASN C 69 20.62 41.00 -19.58
C ASN C 69 20.21 39.57 -19.20
N GLN C 70 19.26 39.48 -18.26
CA GLN C 70 18.88 38.23 -17.61
C GLN C 70 17.47 37.75 -18.04
N LEU C 71 17.40 36.53 -18.58
CA LEU C 71 16.15 35.91 -19.03
C LEU C 71 15.33 35.35 -17.86
N ILE C 72 14.10 35.83 -17.72
CA ILE C 72 13.23 35.50 -16.59
C ILE C 72 11.86 34.88 -16.94
N SER C 73 11.45 35.00 -18.20
CA SER C 73 10.19 34.47 -18.67
C SER C 73 10.30 34.27 -20.18
N GLN C 74 9.69 33.22 -20.72
CA GLN C 74 9.98 32.82 -22.10
C GLN C 74 8.87 32.01 -22.73
N ILE C 75 8.88 32.00 -24.06
CA ILE C 75 7.92 31.26 -24.86
C ILE C 75 8.59 30.87 -26.18
N ALA C 76 8.25 29.69 -26.68
CA ALA C 76 8.67 29.28 -28.01
C ALA C 76 7.46 28.87 -28.89
N ILE C 77 7.58 29.06 -30.20
CA ILE C 77 6.56 28.66 -31.17
C ILE C 77 7.18 27.68 -32.15
N TYR C 78 6.71 26.45 -32.09
CA TYR C 78 7.25 25.39 -32.90
C TYR C 78 6.41 25.22 -34.18
N PRO C 79 7.03 25.47 -35.35
CA PRO C 79 6.26 25.41 -36.60
C PRO C 79 5.84 24.02 -37.02
N CYS C 80 4.53 23.84 -37.22
CA CYS C 80 3.99 22.52 -37.52
C CYS C 80 2.97 22.56 -38.67
N GLU C 81 2.55 21.37 -39.06
CA GLU C 81 1.46 21.20 -40.00
C GLU C 81 0.53 20.10 -39.46
N VAL C 82 -0.77 20.39 -39.46
CA VAL C 82 -1.78 19.48 -38.94
C VAL C 82 -2.97 19.32 -39.89
N ASN C 83 -3.65 18.18 -39.77
CA ASN C 83 -4.92 17.92 -40.41
C ASN C 83 -6.07 18.50 -39.60
N ILE C 84 -6.86 19.38 -40.21
CA ILE C 84 -8.18 19.67 -39.67
C ILE C 84 -9.29 19.33 -40.67
N HIS C 85 -10.00 18.27 -40.35
CA HIS C 85 -11.12 17.78 -41.14
C HIS C 85 -10.79 17.57 -42.63
N GLY C 86 -9.54 17.16 -42.88
CA GLY C 86 -9.06 16.84 -44.20
C GLY C 86 -8.15 17.91 -44.77
N ALA C 87 -8.18 19.13 -44.22
CA ALA C 87 -7.37 20.22 -44.74
C ALA C 87 -6.09 20.41 -43.93
N LEU C 88 -4.96 20.60 -44.64
CA LEU C 88 -3.66 20.84 -44.01
C LEU C 88 -3.56 22.28 -43.60
N TYR C 89 -3.39 22.50 -42.31
CA TYR C 89 -3.19 23.84 -41.78
C TYR C 89 -1.78 23.91 -41.22
N LYS C 90 -1.14 25.06 -41.40
CA LYS C 90 0.07 25.36 -40.68
C LYS C 90 -0.32 25.72 -39.24
N MET C 91 0.44 25.20 -38.27
CA MET C 91 0.08 25.32 -36.87
C MET C 91 1.26 25.84 -36.06
N GLY C 92 0.95 26.71 -35.09
CA GLY C 92 1.94 27.22 -34.14
C GLY C 92 1.88 26.44 -32.84
N GLY C 93 2.85 25.57 -32.63
CA GLY C 93 2.93 24.76 -31.43
C GLY C 93 3.71 25.42 -30.32
N VAL C 94 3.03 25.86 -29.26
CA VAL C 94 3.73 26.53 -28.14
C VAL C 94 4.40 25.54 -27.16
N THR C 95 5.67 25.84 -26.85
CA THR C 95 6.52 25.05 -25.96
C THR C 95 7.45 25.98 -25.26
N GLY C 96 8.25 25.38 -24.39
CA GLY C 96 9.35 26.03 -23.71
C GLY C 96 8.89 27.16 -22.84
N VAL C 97 7.62 27.15 -22.48
CA VAL C 97 7.01 28.23 -21.74
C VAL C 97 7.44 28.17 -20.30
N GLY C 98 7.75 29.33 -19.72
CA GLY C 98 8.28 29.38 -18.36
C GLY C 98 8.57 30.77 -17.86
N THR C 99 8.33 30.96 -16.57
CA THR C 99 8.66 32.17 -15.81
C THR C 99 9.32 31.69 -14.50
N TYR C 100 10.38 32.34 -14.04
CA TYR C 100 10.90 32.08 -12.70
C TYR C 100 9.81 32.43 -11.67
N PRO C 101 9.53 31.51 -10.71
CA PRO C 101 8.36 31.69 -9.81
C PRO C 101 8.30 33.03 -9.05
N GLU C 102 9.46 33.63 -8.74
CA GLU C 102 9.55 34.97 -8.15
C GLU C 102 8.81 36.02 -8.96
N TYR C 103 8.82 35.83 -10.28
CA TYR C 103 8.28 36.79 -11.23
C TYR C 103 6.88 36.45 -11.73
N ALA C 104 6.25 35.45 -11.13
CA ALA C 104 4.98 34.93 -11.62
C ALA C 104 3.78 35.88 -11.42
N ASN C 105 3.94 36.91 -10.58
CA ASN C 105 2.83 37.82 -10.25
C ASN C 105 2.58 38.95 -11.24
N HIS C 106 3.59 39.26 -12.06
CA HIS C 106 3.65 40.57 -12.71
C HIS C 106 3.08 40.63 -14.12
N GLY C 107 2.32 39.60 -14.50
CA GLY C 107 1.65 39.56 -15.81
C GLY C 107 2.59 39.53 -17.01
N LEU C 108 3.72 38.83 -16.86
CA LEU C 108 4.72 38.77 -17.90
C LEU C 108 4.28 37.85 -19.05
N MET C 109 3.71 36.70 -18.73
CA MET C 109 3.36 35.73 -19.77
C MET C 109 2.20 36.21 -20.66
N LYS C 110 1.43 37.20 -20.20
CA LYS C 110 0.36 37.81 -21.01
C LYS C 110 0.93 38.44 -22.28
N ASP C 111 1.91 39.31 -22.09
CA ASP C 111 2.58 39.99 -23.19
C ASP C 111 3.37 39.04 -24.09
N LEU C 112 3.90 37.96 -23.51
CA LEU C 112 4.58 36.92 -24.30
C LEU C 112 3.61 36.17 -25.19
N ILE C 113 2.44 35.85 -24.66
CA ILE C 113 1.37 35.19 -25.44
C ILE C 113 0.81 36.10 -26.55
N GLN C 114 0.64 37.38 -26.22
CA GLN C 114 0.21 38.38 -27.18
C GLN C 114 1.19 38.47 -28.37
N THR C 115 2.47 38.63 -28.02
CA THR C 115 3.57 38.61 -28.95
C THR C 115 3.59 37.32 -29.76
N ALA C 116 3.43 36.20 -29.07
CA ALA C 116 3.39 34.91 -29.73
C ALA C 116 2.26 34.83 -30.78
N LEU C 117 1.05 35.30 -30.44
CA LEU C 117 -0.09 35.21 -31.38
C LEU C 117 0.11 36.13 -32.60
N GLU C 118 0.60 37.35 -32.36
CA GLU C 118 1.01 38.26 -33.42
C GLU C 118 2.00 37.62 -34.38
N GLU C 119 2.99 36.88 -33.85
CA GLU C 119 3.96 36.17 -34.69
C GLU C 119 3.33 35.03 -35.45
N MET C 120 2.38 34.32 -34.83
CA MET C 120 1.74 33.19 -35.48
C MET C 120 0.85 33.69 -36.64
N ARG C 121 0.21 34.85 -36.44
CA ARG C 121 -0.59 35.47 -37.49
C ARG C 121 0.27 35.82 -38.73
N GLN C 122 1.31 36.61 -38.52
CA GLN C 122 2.35 36.88 -39.54
C GLN C 122 2.89 35.67 -40.25
N ASP C 123 2.98 34.54 -39.54
CA ASP C 123 3.50 33.29 -40.12
C ASP C 123 2.41 32.45 -40.77
N LYS C 124 1.19 32.97 -40.78
CA LYS C 124 0.03 32.31 -41.36
C LYS C 124 -0.28 30.97 -40.65
N GLN C 125 0.01 30.94 -39.35
CA GLN C 125 -0.39 29.84 -38.45
C GLN C 125 -1.70 30.24 -37.79
N TRP C 126 -2.81 29.77 -38.34
CA TRP C 126 -4.12 30.27 -37.93
C TRP C 126 -4.80 29.35 -36.90
N ILE C 127 -4.09 28.27 -36.55
CA ILE C 127 -4.40 27.40 -35.42
C ILE C 127 -3.10 27.16 -34.60
N SER C 128 -3.22 27.18 -33.27
CA SER C 128 -2.11 26.85 -32.34
C SER C 128 -2.42 25.62 -31.49
N TYR C 129 -1.47 24.70 -31.33
CA TYR C 129 -1.65 23.57 -30.40
C TYR C 129 -0.75 23.79 -29.18
N LEU C 130 -1.15 23.20 -28.06
CA LEU C 130 -0.51 23.45 -26.75
C LEU C 130 -0.72 22.24 -25.81
N PHE C 131 0.36 21.71 -25.24
CA PHE C 131 0.22 20.74 -24.15
C PHE C 131 -0.21 21.45 -22.86
N PRO C 132 -1.29 20.97 -22.25
CA PRO C 132 -1.93 21.65 -21.11
C PRO C 132 -1.20 21.48 -19.78
N TYR C 133 -0.68 22.59 -19.25
CA TYR C 133 0.00 22.59 -17.97
C TYR C 133 -0.74 23.43 -16.91
N ASN C 134 -1.28 24.58 -17.30
CA ASN C 134 -2.11 25.34 -16.39
C ASN C 134 -3.37 25.65 -17.19
N ILE C 135 -4.23 24.64 -17.29
CA ILE C 135 -5.47 24.78 -18.07
C ILE C 135 -6.27 26.03 -17.68
N PRO C 136 -6.48 26.30 -16.39
CA PRO C 136 -7.19 27.53 -16.10
C PRO C 136 -6.53 28.79 -16.72
N TYR C 137 -5.21 28.89 -16.64
CA TYR C 137 -4.50 30.02 -17.23
C TYR C 137 -4.68 30.07 -18.75
N TYR C 138 -4.38 28.96 -19.43
CA TYR C 138 -4.43 28.92 -20.88
C TYR C 138 -5.82 29.13 -21.51
N ARG C 139 -6.84 28.69 -20.79
CA ARG C 139 -8.22 28.95 -21.18
C ARG C 139 -8.60 30.42 -21.03
N ARG C 140 -8.10 31.10 -19.99
CA ARG C 140 -8.32 32.56 -19.90
C ARG C 140 -7.65 33.27 -21.07
N LYS C 141 -6.58 32.68 -21.60
CA LYS C 141 -5.83 33.26 -22.71
C LYS C 141 -6.37 32.85 -24.08
N GLY C 142 -7.33 31.91 -24.13
CA GLY C 142 -8.14 31.66 -25.32
C GLY C 142 -8.10 30.23 -25.84
N TRP C 143 -7.15 29.44 -25.35
CA TRP C 143 -7.08 28.03 -25.68
C TRP C 143 -8.27 27.23 -25.13
N GLU C 144 -8.52 26.08 -25.73
CA GLU C 144 -9.57 25.21 -25.30
C GLU C 144 -9.10 23.81 -25.56
N ILE C 145 -9.60 22.84 -24.80
CA ILE C 145 -9.25 21.42 -25.01
C ILE C 145 -9.69 20.97 -26.42
N MET C 146 -8.85 20.21 -27.11
CA MET C 146 -9.11 19.76 -28.48
C MET C 146 -9.28 18.25 -28.65
N SER C 147 -8.76 17.49 -27.70
CA SER C 147 -8.62 16.05 -27.85
C SER C 147 -8.37 15.38 -26.48
N ASP C 148 -8.81 14.14 -26.35
CA ASP C 148 -8.69 13.36 -25.12
C ASP C 148 -7.68 12.26 -25.31
N LYS C 149 -7.16 11.74 -24.21
CA LYS C 149 -6.41 10.48 -24.19
C LYS C 149 -7.14 9.48 -23.30
N LEU C 150 -7.24 8.25 -23.79
CA LEU C 150 -7.98 7.19 -23.14
C LEU C 150 -7.00 6.11 -22.78
N SER C 151 -7.08 5.68 -21.54
CA SER C 151 -6.18 4.64 -21.03
C SER C 151 -7.01 3.45 -20.66
N PHE C 152 -6.54 2.27 -20.99
CA PHE C 152 -7.30 1.10 -20.70
C PHE C 152 -6.46 -0.03 -20.13
N LYS C 153 -7.14 -0.94 -19.44
CA LYS C 153 -6.53 -2.16 -18.95
C LYS C 153 -7.55 -3.28 -19.17
N ILE C 154 -7.22 -4.27 -19.98
CA ILE C 154 -8.13 -5.41 -20.12
C ILE C 154 -7.43 -6.71 -19.69
N ARG C 155 -8.22 -7.60 -19.10
CA ARG C 155 -7.72 -8.86 -18.58
C ARG C 155 -7.53 -9.81 -19.75
N ASP C 156 -6.58 -10.74 -19.66
CA ASP C 156 -6.42 -11.78 -20.68
C ASP C 156 -7.76 -12.43 -21.07
N THR C 157 -8.67 -12.42 -20.10
CA THR C 157 -9.91 -13.14 -20.16
C THR C 157 -11.01 -12.34 -20.88
N GLN C 158 -10.72 -11.07 -21.15
CA GLN C 158 -11.60 -10.16 -21.86
C GLN C 158 -11.13 -9.88 -23.30
N LEU C 159 -10.13 -10.62 -23.75
CA LEU C 159 -9.54 -10.37 -25.05
C LEU C 159 -10.55 -10.71 -26.12
N PRO C 160 -10.58 -9.93 -27.20
CA PRO C 160 -11.52 -10.24 -28.28
C PRO C 160 -11.24 -11.57 -28.96
N LYS C 161 -12.30 -12.28 -29.31
CA LYS C 161 -12.19 -13.48 -30.12
C LYS C 161 -11.58 -13.11 -31.48
N THR C 162 -10.88 -14.07 -32.10
CA THR C 162 -10.22 -13.82 -33.38
C THR C 162 -11.27 -13.64 -34.48
N VAL C 163 -11.04 -12.64 -35.32
CA VAL C 163 -11.93 -12.28 -36.40
C VAL C 163 -11.23 -12.63 -37.68
N PRO C 164 -11.81 -13.55 -38.48
CA PRO C 164 -11.21 -13.92 -39.77
C PRO C 164 -10.84 -12.70 -40.59
N VAL C 165 -9.60 -12.65 -41.06
CA VAL C 165 -9.13 -11.57 -41.92
C VAL C 165 -8.20 -12.13 -42.99
N PRO C 166 -8.17 -11.53 -44.19
CA PRO C 166 -7.32 -12.01 -45.28
C PRO C 166 -5.85 -11.60 -45.21
N GLY C 167 -5.53 -10.55 -44.48
CA GLY C 167 -4.15 -10.04 -44.45
C GLY C 167 -3.26 -10.78 -43.48
N MET C 168 -2.09 -10.21 -43.18
CA MET C 168 -1.16 -10.81 -42.23
C MET C 168 -0.34 -9.78 -41.46
N ILE C 169 0.29 -10.22 -40.37
CA ILE C 169 1.03 -9.33 -39.46
C ILE C 169 2.53 -9.60 -39.56
N GLU C 170 3.33 -8.59 -39.26
CA GLU C 170 4.78 -8.71 -39.26
C GLU C 170 5.42 -7.84 -38.16
N ARG C 171 6.29 -8.44 -37.34
CA ARG C 171 7.05 -7.68 -36.34
C ARG C 171 8.18 -6.91 -37.01
N LEU C 172 8.21 -5.59 -36.85
CA LEU C 172 9.17 -4.74 -37.52
C LEU C 172 9.73 -3.73 -36.54
N ALA C 173 10.83 -3.09 -36.90
CA ALA C 173 11.33 -1.99 -36.10
C ALA C 173 10.37 -0.81 -36.19
N VAL C 174 10.33 0.00 -35.14
CA VAL C 174 9.43 1.15 -35.08
C VAL C 174 9.77 2.24 -36.11
N ASP C 175 10.98 2.16 -36.67
CA ASP C 175 11.48 3.14 -37.64
C ASP C 175 11.44 2.61 -39.07
N HIS C 176 10.76 1.48 -39.28
CA HIS C 176 10.66 0.89 -40.59
C HIS C 176 9.86 1.78 -41.55
N PRO C 177 10.29 1.85 -42.83
CA PRO C 177 9.57 2.59 -43.88
C PRO C 177 8.05 2.49 -43.87
N ASP C 178 7.52 1.27 -43.72
CA ASP C 178 6.07 1.03 -43.76
C ASP C 178 5.32 1.66 -42.58
N VAL C 179 6.03 1.98 -41.51
CA VAL C 179 5.42 2.64 -40.38
C VAL C 179 5.16 4.08 -40.75
N PHE C 180 6.17 4.75 -41.31
CA PHE C 180 6.05 6.14 -41.75
C PHE C 180 4.96 6.30 -42.79
N ASP C 181 4.79 5.28 -43.62
CA ASP C 181 3.79 5.35 -44.68
C ASP C 181 2.37 5.03 -44.26
N VAL C 182 2.17 4.28 -43.18
CA VAL C 182 0.79 4.06 -42.74
C VAL C 182 0.33 5.31 -42.01
N TYR C 183 1.23 5.89 -41.23
CA TYR C 183 0.92 7.11 -40.54
C TYR C 183 0.69 8.27 -41.50
N ALA C 184 1.45 8.31 -42.59
CA ALA C 184 1.28 9.32 -43.64
C ALA C 184 -0.17 9.39 -44.09
N ARG C 185 -0.69 8.25 -44.53
CA ARG C 185 -2.08 8.14 -44.96
C ARG C 185 -3.08 8.35 -43.82
N PHE C 186 -2.82 7.71 -42.67
CA PHE C 186 -3.69 7.82 -41.49
C PHE C 186 -3.91 9.28 -41.07
N ALA C 187 -2.82 10.04 -40.99
CA ALA C 187 -2.85 11.44 -40.61
C ALA C 187 -3.56 12.37 -41.61
N ARG C 188 -3.63 11.94 -42.87
CA ARG C 188 -4.35 12.69 -43.89
C ARG C 188 -5.86 12.42 -43.88
N GLN C 189 -6.30 11.38 -43.19
CA GLN C 189 -7.73 11.13 -43.12
C GLN C 189 -8.31 11.05 -41.71
N ASN C 190 -7.56 11.57 -40.74
CA ASN C 190 -8.02 11.62 -39.37
C ASN C 190 -7.81 13.02 -38.87
N HIS C 191 -8.92 13.69 -38.61
CA HIS C 191 -8.94 15.05 -38.09
C HIS C 191 -8.05 15.20 -36.87
N GLY C 192 -7.28 16.28 -36.82
CA GLY C 192 -6.43 16.61 -35.67
C GLY C 192 -4.95 16.29 -35.83
N ALA C 193 -4.65 15.20 -36.53
CA ALA C 193 -3.33 14.60 -36.56
C ALA C 193 -2.25 15.54 -37.07
N LEU C 194 -1.09 15.51 -36.41
CA LEU C 194 0.13 16.13 -36.91
C LEU C 194 0.54 15.48 -38.21
N ILE C 195 1.03 16.29 -39.16
CA ILE C 195 1.71 15.77 -40.36
C ILE C 195 3.19 15.73 -40.02
N ARG C 196 3.77 14.54 -40.07
CA ARG C 196 5.09 14.32 -39.47
C ARG C 196 6.25 14.32 -40.49
N SER C 197 7.27 15.13 -40.20
CA SER C 197 8.56 14.93 -40.82
C SER C 197 9.22 13.73 -40.13
N ALA C 198 10.24 13.18 -40.78
CA ALA C 198 11.07 12.14 -40.17
C ALA C 198 11.76 12.66 -38.90
N PHE C 199 11.80 13.99 -38.72
CA PHE C 199 12.22 14.62 -37.46
C PHE C 199 11.13 14.62 -36.38
N ASN C 200 9.86 14.80 -36.77
CA ASN C 200 8.76 14.77 -35.77
C ASN C 200 8.73 13.40 -35.14
N TRP C 201 8.89 12.40 -36.00
CA TRP C 201 9.00 11.00 -35.61
C TRP C 201 10.11 10.69 -34.61
N GLU C 202 11.30 11.28 -34.77
CA GLU C 202 12.36 11.04 -33.81
C GLU C 202 12.06 11.82 -32.50
N GLU C 203 11.31 12.90 -32.60
CA GLU C 203 10.76 13.55 -31.39
C GLU C 203 9.71 12.68 -30.68
N TYR C 204 9.06 11.82 -31.48
CA TYR C 204 8.02 10.92 -30.97
C TYR C 204 8.63 9.81 -30.09
N TRP C 205 9.93 9.57 -30.25
CA TRP C 205 10.63 8.58 -29.46
C TRP C 205 11.68 9.18 -28.49
N ARG C 206 11.49 10.43 -28.08
CA ARG C 206 12.47 11.09 -27.23
C ARG C 206 12.26 10.83 -25.70
N PHE C 207 11.11 10.33 -25.30
CA PHE C 207 10.87 9.99 -23.88
C PHE C 207 11.05 8.50 -23.62
N GLU C 208 11.69 7.82 -24.55
CA GLU C 208 11.59 6.38 -24.63
C GLU C 208 12.77 5.85 -25.36
N ASN C 209 12.90 4.53 -25.29
CA ASN C 209 13.95 3.80 -25.97
C ASN C 209 13.33 2.95 -27.07
N GLU C 210 13.48 3.41 -28.32
CA GLU C 210 12.97 2.70 -29.52
C GLU C 210 13.32 1.23 -29.54
N GLU C 211 14.51 0.91 -29.05
CA GLU C 211 15.06 -0.45 -29.11
C GLU C 211 14.19 -1.46 -28.35
N GLU C 212 13.64 -1.01 -27.21
CA GLU C 212 12.77 -1.84 -26.39
C GLU C 212 11.28 -1.78 -26.82
N ARG C 213 11.03 -1.29 -28.03
CA ARG C 213 9.69 -1.29 -28.62
C ARG C 213 9.72 -2.01 -29.95
N THR C 214 8.56 -2.45 -30.39
CA THR C 214 8.41 -3.08 -31.70
C THR C 214 7.02 -2.75 -32.28
N ALA C 215 6.96 -2.76 -33.60
CA ALA C 215 5.78 -2.36 -34.32
C ALA C 215 5.24 -3.56 -35.07
N ALA C 216 4.04 -4.01 -34.72
CA ALA C 216 3.36 -4.99 -35.55
C ALA C 216 2.60 -4.24 -36.64
N VAL C 217 2.72 -4.73 -37.86
CA VAL C 217 2.12 -4.10 -39.03
C VAL C 217 1.23 -5.10 -39.73
N TYR C 218 -0.03 -4.73 -39.91
CA TYR C 218 -0.95 -5.56 -40.63
C TYR C 218 -0.88 -5.18 -42.10
N TYR C 219 -0.83 -6.20 -42.95
CA TYR C 219 -0.79 -6.03 -44.40
C TYR C 219 -2.06 -6.61 -44.96
N GLY C 220 -2.65 -5.90 -45.92
CA GLY C 220 -3.79 -6.45 -46.66
C GLY C 220 -3.40 -7.60 -47.58
N ALA C 221 -4.44 -8.26 -48.10
CA ALA C 221 -4.29 -9.30 -49.11
C ALA C 221 -3.36 -8.94 -50.28
N ASN C 222 -3.20 -7.64 -50.56
CA ASN C 222 -2.32 -7.18 -51.65
C ASN C 222 -0.98 -6.62 -51.16
N GLN C 223 -0.56 -7.03 -49.96
CA GLN C 223 0.75 -6.67 -49.37
C GLN C 223 0.92 -5.17 -49.10
N GLU C 224 -0.20 -4.45 -49.04
CA GLU C 224 -0.20 -3.01 -48.72
C GLU C 224 -0.45 -2.82 -47.20
N PRO C 225 0.38 -1.99 -46.55
CA PRO C 225 0.32 -1.86 -45.09
C PRO C 225 -0.89 -1.03 -44.62
N LEU C 226 -1.72 -1.62 -43.76
CA LEU C 226 -3.01 -1.03 -43.37
C LEU C 226 -3.14 -0.66 -41.88
N GLY C 227 -2.20 -1.12 -41.06
CA GLY C 227 -2.22 -0.85 -39.63
C GLY C 227 -0.85 -0.88 -38.97
N VAL C 228 -0.72 -0.16 -37.88
CA VAL C 228 0.47 -0.22 -37.04
C VAL C 228 0.09 -0.29 -35.56
N LEU C 229 0.65 -1.27 -34.86
CA LEU C 229 0.58 -1.37 -33.40
C LEU C 229 1.98 -1.25 -32.82
N PHE C 230 2.18 -0.25 -31.97
CA PHE C 230 3.40 -0.12 -31.17
C PHE C 230 3.25 -0.74 -29.78
N TYR C 231 3.90 -1.88 -29.56
CA TYR C 231 3.82 -2.59 -28.29
C TYR C 231 5.13 -3.06 -27.65
N TRP C 232 4.99 -3.64 -26.47
CA TRP C 232 6.00 -4.44 -25.80
C TRP C 232 5.35 -5.22 -24.65
N VAL C 233 5.72 -6.50 -24.51
CA VAL C 233 5.37 -7.31 -23.33
C VAL C 233 6.42 -7.17 -22.21
N ALA C 234 5.95 -6.82 -21.00
CA ALA C 234 6.83 -6.69 -19.81
C ALA C 234 6.07 -7.09 -18.56
N ASP C 235 6.70 -7.93 -17.73
CA ASP C 235 6.12 -8.43 -16.48
C ASP C 235 4.71 -9.01 -16.68
N GLU C 236 4.58 -9.84 -17.73
CA GLU C 236 3.32 -10.49 -18.11
C GLU C 236 2.14 -9.51 -18.37
N VAL C 237 2.49 -8.29 -18.81
CA VAL C 237 1.55 -7.32 -19.35
C VAL C 237 1.95 -6.92 -20.78
N PHE C 238 1.01 -7.04 -21.71
CA PHE C 238 1.16 -6.55 -23.11
C PHE C 238 0.86 -5.08 -23.12
N HIS C 239 1.85 -4.25 -23.41
CA HIS C 239 1.69 -2.81 -23.44
C HIS C 239 1.46 -2.30 -24.86
N ILE C 240 0.43 -1.49 -25.02
CA ILE C 240 0.15 -0.83 -26.29
C ILE C 240 0.50 0.62 -26.11
N LYS C 241 1.57 1.05 -26.75
CA LYS C 241 1.92 2.46 -26.77
C LYS C 241 0.79 3.21 -27.51
N GLU C 242 0.48 2.73 -28.70
CA GLU C 242 -0.77 3.01 -29.40
C GLU C 242 -0.87 2.18 -30.67
N MET C 243 -2.01 2.33 -31.32
CA MET C 243 -2.43 1.58 -32.50
C MET C 243 -3.06 2.61 -33.43
N PHE C 244 -2.69 2.61 -34.70
CA PHE C 244 -3.42 3.39 -35.70
C PHE C 244 -3.63 2.55 -36.96
N TYR C 245 -4.82 2.64 -37.54
CA TYR C 245 -5.22 1.78 -38.67
C TYR C 245 -6.05 2.58 -39.68
N LEU C 246 -6.13 2.05 -40.90
CA LEU C 246 -6.76 2.76 -42.01
C LEU C 246 -8.20 2.30 -42.24
N ASN C 247 -8.53 1.09 -41.82
CA ASN C 247 -9.90 0.58 -41.87
C ASN C 247 -10.12 -0.41 -40.75
N GLN C 248 -11.34 -0.94 -40.64
CA GLN C 248 -11.66 -1.89 -39.57
C GLN C 248 -11.05 -3.28 -39.75
N GLU C 249 -10.65 -3.66 -40.97
CA GLU C 249 -10.04 -4.96 -41.18
C GLU C 249 -8.70 -4.97 -40.46
N ALA C 250 -7.91 -3.92 -40.74
CA ALA C 250 -6.64 -3.69 -40.09
C ALA C 250 -6.82 -3.76 -38.59
N ARG C 251 -7.80 -3.02 -38.08
CA ARG C 251 -8.04 -2.97 -36.64
C ARG C 251 -8.21 -4.37 -36.08
N ASN C 252 -9.09 -5.15 -36.73
CA ASN C 252 -9.37 -6.52 -36.31
C ASN C 252 -8.14 -7.42 -36.37
N GLY C 253 -7.28 -7.18 -37.35
CA GLY C 253 -6.09 -8.00 -37.56
C GLY C 253 -5.04 -7.78 -36.50
N LEU C 254 -4.83 -6.50 -36.16
CA LEU C 254 -3.98 -6.12 -35.05
C LEU C 254 -4.45 -6.71 -33.71
N TRP C 255 -5.75 -6.64 -33.45
CA TRP C 255 -6.33 -7.23 -32.24
C TRP C 255 -6.23 -8.75 -32.24
N ASN C 256 -6.32 -9.38 -33.41
CA ASN C 256 -6.06 -10.83 -33.53
C ASN C 256 -4.65 -11.20 -33.05
N PHE C 257 -3.70 -10.34 -33.38
CA PHE C 257 -2.31 -10.46 -32.95
C PHE C 257 -2.22 -10.37 -31.43
N ILE C 258 -2.91 -9.39 -30.86
CA ILE C 258 -2.86 -9.18 -29.43
C ILE C 258 -3.44 -10.38 -28.69
N THR C 259 -4.56 -10.92 -29.15
CA THR C 259 -5.19 -12.01 -28.38
C THR C 259 -4.45 -13.33 -28.58
N ALA C 260 -3.50 -13.32 -29.51
CA ALA C 260 -2.60 -14.45 -29.69
C ALA C 260 -1.51 -14.50 -28.60
N HIS C 261 -1.32 -13.40 -27.89
CA HIS C 261 -0.40 -13.35 -26.75
C HIS C 261 -1.08 -13.67 -25.41
N PHE C 262 -2.27 -14.26 -25.46
CA PHE C 262 -3.04 -14.65 -24.26
C PHE C 262 -2.21 -15.49 -23.27
N SER C 263 -1.55 -16.52 -23.80
CA SER C 263 -0.76 -17.46 -23.02
C SER C 263 0.50 -16.83 -22.39
N MET C 264 0.80 -15.61 -22.79
CA MET C 264 2.03 -14.92 -22.40
C MET C 264 1.76 -13.83 -21.36
N VAL C 265 0.51 -13.32 -21.29
CA VAL C 265 0.18 -12.18 -20.43
C VAL C 265 -1.13 -12.39 -19.67
N TYR C 266 -1.26 -11.64 -18.57
CA TYR C 266 -2.49 -11.60 -17.79
C TYR C 266 -3.34 -10.37 -18.09
N TRP C 267 -2.69 -9.32 -18.57
CA TRP C 267 -3.32 -8.04 -18.80
C TRP C 267 -2.78 -7.36 -20.05
N VAL C 268 -3.65 -6.56 -20.66
CA VAL C 268 -3.26 -5.69 -21.76
C VAL C 268 -3.52 -4.28 -21.26
N LYS C 269 -2.52 -3.43 -21.38
CA LYS C 269 -2.64 -2.02 -21.03
C LYS C 269 -2.32 -1.21 -22.29
N GLY C 270 -3.02 -0.09 -22.48
CA GLY C 270 -2.83 0.73 -23.66
C GLY C 270 -3.45 2.10 -23.54
N ASP C 271 -3.07 2.96 -24.49
CA ASP C 271 -3.54 4.32 -24.60
C ASP C 271 -4.18 4.52 -26.00
N ILE C 272 -5.12 5.46 -26.08
CA ILE C 272 -5.77 5.84 -27.33
C ILE C 272 -5.79 7.36 -27.39
N TYR C 273 -5.26 7.92 -28.46
CA TYR C 273 -5.02 9.38 -28.56
C TYR C 273 -6.16 10.09 -29.29
N LYS C 274 -7.34 9.60 -28.98
CA LYS C 274 -8.59 10.03 -29.56
C LYS C 274 -9.63 9.75 -28.49
N ASN C 275 -10.63 10.62 -28.34
CA ASN C 275 -11.83 10.25 -27.59
C ASN C 275 -12.65 9.18 -28.33
N GLU C 276 -12.14 7.95 -28.37
CA GLU C 276 -12.87 6.80 -28.91
C GLU C 276 -12.75 5.61 -27.98
N PRO C 277 -13.65 5.49 -26.99
CA PRO C 277 -13.53 4.37 -26.03
C PRO C 277 -13.48 2.99 -26.68
N LEU C 278 -12.60 2.14 -26.15
CA LEU C 278 -12.41 0.77 -26.60
C LEU C 278 -13.54 -0.16 -26.20
N ALA C 279 -14.08 0.10 -25.02
CA ALA C 279 -15.21 -0.67 -24.45
C ALA C 279 -16.27 -1.03 -25.50
N PHE C 280 -16.81 -0.02 -26.17
CA PHE C 280 -17.86 -0.22 -27.17
C PHE C 280 -17.43 -1.13 -28.34
N LEU C 281 -16.14 -1.17 -28.62
CA LEU C 281 -15.59 -2.05 -29.66
C LEU C 281 -15.38 -3.50 -29.18
N LEU C 282 -15.19 -3.67 -27.87
CA LEU C 282 -15.01 -5.00 -27.24
C LEU C 282 -16.32 -5.75 -26.98
N GLU C 283 -16.32 -7.06 -27.19
CA GLU C 283 -17.43 -7.93 -26.77
C GLU C 283 -17.71 -7.74 -25.28
N ASP C 284 -16.66 -7.86 -24.45
CA ASP C 284 -16.77 -7.55 -23.00
C ASP C 284 -16.40 -6.10 -22.74
N SER C 285 -17.42 -5.26 -22.68
CA SER C 285 -17.29 -3.83 -22.53
C SER C 285 -17.14 -3.40 -21.06
N GLN C 286 -17.29 -4.33 -20.11
CA GLN C 286 -17.08 -4.04 -18.67
C GLN C 286 -15.60 -3.91 -18.32
N ILE C 287 -14.92 -2.93 -18.90
CA ILE C 287 -13.45 -2.82 -18.79
C ILE C 287 -13.04 -1.51 -18.17
N LYS C 288 -11.79 -1.50 -17.70
CA LYS C 288 -11.24 -0.34 -16.99
C LYS C 288 -10.76 0.69 -18.00
N GLU C 289 -11.32 1.91 -17.95
CA GLU C 289 -11.03 2.96 -18.91
C GLU C 289 -11.12 4.35 -18.30
N SER C 290 -10.09 5.15 -18.51
CA SER C 290 -10.11 6.50 -17.97
C SER C 290 -9.94 7.53 -19.09
N ILE C 291 -10.49 8.72 -18.88
CA ILE C 291 -10.44 9.73 -19.90
C ILE C 291 -9.85 11.03 -19.36
N GLU C 292 -8.80 11.51 -20.00
CA GLU C 292 -8.31 12.85 -19.68
C GLU C 292 -8.05 13.72 -20.91
N PRO C 293 -8.22 15.04 -20.76
CA PRO C 293 -7.83 16.00 -21.80
C PRO C 293 -6.38 15.82 -22.18
N TYR C 294 -6.07 15.76 -23.48
CA TYR C 294 -4.68 15.56 -23.90
C TYR C 294 -4.00 16.82 -24.46
N TYR C 295 -4.71 17.57 -25.32
CA TYR C 295 -4.15 18.77 -25.90
C TYR C 295 -5.18 19.87 -25.96
N MET C 296 -4.69 21.10 -25.96
CA MET C 296 -5.49 22.27 -26.20
C MET C 296 -5.19 22.81 -27.60
N ALA C 297 -6.15 23.60 -28.10
CA ALA C 297 -6.04 24.26 -29.41
C ALA C 297 -6.50 25.69 -29.27
N ARG C 298 -6.04 26.55 -30.17
CA ARG C 298 -6.53 27.92 -30.22
C ARG C 298 -6.51 28.45 -31.66
N ILE C 299 -7.64 29.03 -32.07
CA ILE C 299 -7.72 29.77 -33.32
C ILE C 299 -6.94 31.07 -33.13
N VAL C 300 -5.94 31.26 -34.01
CA VAL C 300 -5.11 32.44 -33.99
C VAL C 300 -5.80 33.57 -34.71
N ASP C 301 -6.36 33.27 -35.87
CA ASP C 301 -7.08 34.25 -36.66
C ASP C 301 -8.42 33.72 -37.18
N VAL C 302 -9.52 34.25 -36.69
CA VAL C 302 -10.85 33.71 -37.02
C VAL C 302 -11.12 33.71 -38.52
N LYS C 303 -10.96 34.87 -39.15
CA LYS C 303 -11.30 35.07 -40.57
C LYS C 303 -10.43 34.21 -41.43
N ALA C 304 -9.12 34.36 -41.24
CA ALA C 304 -8.12 33.58 -41.95
C ALA C 304 -8.37 32.08 -41.79
N PHE C 305 -8.72 31.68 -40.59
CA PHE C 305 -8.96 30.30 -40.31
C PHE C 305 -10.24 29.80 -40.89
N LEU C 306 -11.30 30.53 -40.70
CA LEU C 306 -12.60 30.13 -41.15
C LEU C 306 -12.63 30.00 -42.65
N GLU C 307 -11.93 30.88 -43.31
CA GLU C 307 -12.02 30.93 -44.74
C GLU C 307 -11.23 29.84 -45.40
N ASN C 308 -10.40 29.19 -44.63
CA ASN C 308 -9.76 27.96 -45.05
C ASN C 308 -10.46 26.68 -44.60
N PHE C 309 -11.49 26.83 -43.79
CA PHE C 309 -12.12 25.69 -43.14
C PHE C 309 -12.98 24.86 -44.12
N PRO C 310 -12.80 23.52 -44.08
CA PRO C 310 -13.61 22.60 -44.90
C PRO C 310 -14.99 22.27 -44.30
N PHE C 311 -15.94 23.18 -44.53
CA PHE C 311 -17.29 22.98 -44.05
C PHE C 311 -17.92 21.74 -44.70
N GLU C 312 -18.66 20.99 -43.91
CA GLU C 312 -19.39 19.76 -44.31
C GLU C 312 -20.49 20.12 -45.36
N SER C 313 -21.09 21.29 -45.15
CA SER C 313 -22.20 21.73 -45.97
C SER C 313 -22.24 23.25 -46.03
N THR C 314 -23.16 23.74 -46.86
CA THR C 314 -23.53 25.14 -46.95
C THR C 314 -24.63 25.52 -45.94
N ALA C 315 -24.80 26.82 -45.70
CA ALA C 315 -25.93 27.31 -44.91
C ALA C 315 -26.41 28.67 -45.40
N LYS C 316 -27.65 29.01 -45.07
CA LYS C 316 -28.13 30.41 -45.14
C LYS C 316 -27.13 31.32 -44.44
N PRO C 317 -26.74 32.42 -45.08
CA PRO C 317 -25.81 33.34 -44.44
C PRO C 317 -26.12 33.63 -42.97
N PHE C 318 -25.09 33.68 -42.15
CA PHE C 318 -25.25 33.99 -40.74
C PHE C 318 -23.95 34.58 -40.27
N HIS C 319 -23.86 34.95 -38.99
CA HIS C 319 -22.65 35.56 -38.52
C HIS C 319 -22.36 35.29 -37.03
N PHE C 320 -21.06 35.18 -36.73
CA PHE C 320 -20.55 35.03 -35.39
C PHE C 320 -20.28 36.39 -34.84
N VAL C 321 -20.58 36.58 -33.55
CA VAL C 321 -20.05 37.68 -32.77
C VAL C 321 -19.08 37.03 -31.78
N VAL C 322 -17.81 37.34 -31.96
CA VAL C 322 -16.74 36.65 -31.27
C VAL C 322 -16.10 37.58 -30.25
N LYS C 323 -15.83 37.04 -29.07
CA LYS C 323 -15.05 37.73 -28.04
C LYS C 323 -13.75 36.97 -27.82
N ASP C 324 -12.62 37.66 -27.97
CA ASP C 324 -11.27 37.08 -27.80
C ASP C 324 -10.48 37.91 -26.76
N PRO C 325 -10.01 37.27 -25.68
CA PRO C 325 -9.48 38.06 -24.56
C PRO C 325 -8.07 38.62 -24.77
N VAL C 326 -7.35 38.17 -25.80
CA VAL C 326 -5.99 38.61 -26.07
C VAL C 326 -5.89 39.32 -27.43
N ALA C 327 -6.27 38.60 -28.49
CA ALA C 327 -6.09 39.05 -29.88
C ALA C 327 -7.21 39.99 -30.38
N GLU C 328 -6.87 41.27 -30.48
CA GLU C 328 -7.81 42.34 -30.88
C GLU C 328 -8.57 42.01 -32.16
N TRP C 329 -7.87 41.37 -33.10
CA TRP C 329 -8.39 41.14 -34.46
C TRP C 329 -9.38 39.98 -34.57
N ASN C 330 -9.49 39.19 -33.51
CA ASN C 330 -10.53 38.19 -33.41
C ASN C 330 -11.82 38.69 -32.74
N ASN C 331 -11.85 39.94 -32.28
CA ASN C 331 -13.07 40.50 -31.71
C ASN C 331 -14.03 41.03 -32.75
N GLY C 332 -15.32 40.77 -32.53
CA GLY C 332 -16.35 41.36 -33.38
C GLY C 332 -17.00 40.39 -34.34
N ILE C 333 -17.42 40.94 -35.48
CA ILE C 333 -18.35 40.30 -36.39
C ILE C 333 -17.66 39.55 -37.53
N PHE C 334 -18.05 38.29 -37.69
CA PHE C 334 -17.66 37.45 -38.83
C PHE C 334 -18.91 36.84 -39.46
N GLY C 335 -19.29 37.38 -40.62
CA GLY C 335 -20.42 36.86 -41.40
C GLY C 335 -19.95 35.88 -42.45
N LEU C 336 -20.69 34.80 -42.64
CA LEU C 336 -20.35 33.83 -43.67
C LEU C 336 -21.43 33.73 -44.75
N ILE C 337 -20.98 33.68 -46.00
CA ILE C 337 -21.83 33.38 -47.14
C ILE C 337 -21.04 32.51 -48.11
N TRP C 338 -21.70 31.49 -48.64
CA TRP C 338 -21.14 30.62 -49.67
C TRP C 338 -21.72 31.00 -51.05
N ASP C 339 -20.88 31.11 -52.07
CA ASP C 339 -21.39 31.25 -53.44
C ASP C 339 -21.98 29.92 -53.96
N GLU C 340 -22.37 29.86 -55.23
CA GLU C 340 -23.03 28.66 -55.79
C GLU C 340 -22.07 27.52 -56.12
N ASN C 341 -20.76 27.80 -56.04
CA ASN C 341 -19.73 26.74 -56.03
C ASN C 341 -19.43 26.21 -54.62
N ASP C 342 -20.26 26.59 -53.65
CA ASP C 342 -20.05 26.24 -52.24
C ASP C 342 -18.76 26.78 -51.66
N GLN C 343 -18.23 27.84 -52.27
CA GLN C 343 -17.04 28.49 -51.77
C GLN C 343 -17.46 29.59 -50.78
N VAL C 344 -16.97 29.52 -49.54
CA VAL C 344 -17.34 30.52 -48.54
C VAL C 344 -16.59 31.82 -48.76
N THR C 345 -17.21 32.92 -48.38
CA THR C 345 -16.53 34.21 -48.27
C THR C 345 -16.86 34.76 -46.87
N ILE C 346 -15.93 35.51 -46.29
CA ILE C 346 -16.08 35.91 -44.90
C ILE C 346 -15.92 37.40 -44.73
N THR C 347 -16.84 37.96 -43.97
CA THR C 347 -17.00 39.40 -43.89
C THR C 347 -17.05 39.96 -42.48
N ASP C 348 -16.79 41.26 -42.42
CA ASP C 348 -17.12 42.14 -41.32
C ASP C 348 -18.66 42.38 -41.22
N GLU C 349 -19.43 42.00 -42.25
CA GLU C 349 -20.89 42.19 -42.29
C GLU C 349 -21.70 41.29 -41.36
N PRO C 350 -22.64 41.87 -40.58
CA PRO C 350 -23.59 41.08 -39.80
C PRO C 350 -24.70 40.38 -40.61
N LEU C 351 -24.30 39.49 -41.52
CA LEU C 351 -25.23 38.79 -42.40
C LEU C 351 -26.09 37.83 -41.57
N GLY C 352 -27.40 37.87 -41.79
CA GLY C 352 -28.33 36.97 -41.11
C GLY C 352 -28.28 37.07 -39.59
N THR C 353 -28.41 35.92 -38.93
CA THR C 353 -28.58 35.87 -37.47
C THR C 353 -27.24 35.72 -36.75
N ALA C 354 -27.15 36.31 -35.56
CA ALA C 354 -25.94 36.25 -34.71
C ALA C 354 -25.76 34.97 -33.92
N VAL C 355 -24.51 34.52 -33.87
CA VAL C 355 -24.04 33.41 -33.02
C VAL C 355 -23.02 33.97 -32.05
N HIS C 356 -23.40 34.13 -30.78
CA HIS C 356 -22.54 34.76 -29.80
C HIS C 356 -21.74 33.70 -29.07
N LEU C 357 -20.42 33.87 -29.04
CA LEU C 357 -19.50 32.97 -28.35
C LEU C 357 -18.13 33.60 -28.20
N ASP C 358 -17.30 33.05 -27.33
CA ASP C 358 -15.92 33.51 -27.22
C ASP C 358 -15.01 32.65 -28.10
N ILE C 359 -13.76 33.06 -28.23
CA ILE C 359 -12.77 32.31 -29.04
C ILE C 359 -12.62 30.85 -28.62
N GLN C 360 -12.77 30.60 -27.30
CA GLN C 360 -12.59 29.26 -26.71
C GLN C 360 -13.62 28.29 -27.28
N THR C 361 -14.88 28.73 -27.31
CA THR C 361 -15.96 27.86 -27.77
C THR C 361 -15.93 27.75 -29.30
N LEU C 362 -15.57 28.85 -29.99
CA LEU C 362 -15.36 28.79 -31.45
C LEU C 362 -14.30 27.73 -31.83
N THR C 363 -13.20 27.71 -31.06
CA THR C 363 -12.13 26.71 -31.26
C THR C 363 -12.66 25.30 -30.95
N CYS C 364 -13.39 25.20 -29.87
CA CYS C 364 -14.02 23.94 -29.52
C CYS C 364 -14.90 23.43 -30.66
N LEU C 365 -15.69 24.32 -31.28
CA LEU C 365 -16.51 23.95 -32.48
C LEU C 365 -15.72 23.40 -33.63
N VAL C 366 -14.68 24.11 -34.04
CA VAL C 366 -13.98 23.75 -35.29
C VAL C 366 -13.13 22.49 -35.14
N MET C 367 -12.75 22.23 -33.89
CA MET C 367 -12.00 21.07 -33.55
C MET C 367 -12.92 19.90 -33.23
N ASN C 368 -14.20 20.23 -33.00
CA ASN C 368 -15.27 19.29 -32.65
C ASN C 368 -15.03 18.56 -31.33
N TYR C 369 -14.50 19.26 -30.33
CA TYR C 369 -14.31 18.59 -29.05
C TYR C 369 -15.69 18.42 -28.36
N ARG C 370 -16.60 19.33 -28.67
CA ARG C 370 -18.03 19.18 -28.39
C ARG C 370 -18.77 19.71 -29.63
N ARG C 371 -19.92 19.11 -29.93
CA ARG C 371 -20.86 19.66 -30.93
C ARG C 371 -21.61 20.89 -30.45
N PRO C 372 -22.02 21.77 -31.40
CA PRO C 372 -22.74 23.02 -31.10
C PRO C 372 -24.00 22.81 -30.27
N SER C 373 -24.70 21.72 -30.55
CA SER C 373 -25.83 21.27 -29.74
C SER C 373 -25.52 21.34 -28.23
N TYR C 374 -24.43 20.69 -27.82
CA TYR C 374 -24.05 20.62 -26.42
C TYR C 374 -23.65 21.99 -25.91
N LEU C 375 -22.85 22.72 -26.68
CA LEU C 375 -22.36 24.01 -26.22
C LEU C 375 -23.48 25.02 -26.03
N HIS C 376 -24.44 25.00 -26.94
CA HIS C 376 -25.60 25.84 -26.81
C HIS C 376 -26.38 25.44 -25.54
N ARG C 377 -26.59 24.15 -25.37
CA ARG C 377 -27.20 23.64 -24.17
C ARG C 377 -26.58 24.07 -22.84
N ILE C 378 -25.26 24.08 -22.74
CA ILE C 378 -24.61 24.57 -21.57
C ILE C 378 -24.28 26.03 -21.68
N GLU C 379 -24.94 26.71 -22.59
CA GLU C 379 -25.13 28.13 -22.48
C GLU C 379 -23.89 28.88 -22.86
N ARG C 380 -23.28 28.45 -23.93
CA ARG C 380 -21.94 28.77 -24.26
C ARG C 380 -21.99 29.29 -25.70
N ILE C 381 -23.05 28.96 -26.40
CA ILE C 381 -23.38 29.58 -27.68
C ILE C 381 -24.76 30.18 -27.51
N ASP C 382 -24.93 31.38 -28.04
CA ASP C 382 -26.20 32.09 -27.99
C ASP C 382 -26.70 32.39 -29.43
N THR C 383 -27.68 31.61 -29.88
CA THR C 383 -28.29 31.78 -31.21
C THR C 383 -29.66 31.08 -31.25
N ASP C 384 -30.40 31.26 -32.33
CA ASP C 384 -31.72 30.63 -32.47
C ASP C 384 -31.63 29.17 -33.00
N LYS C 385 -32.76 28.45 -32.99
CA LYS C 385 -32.81 27.07 -33.47
C LYS C 385 -32.30 26.89 -34.89
N GLU C 386 -32.69 27.81 -35.77
CA GLU C 386 -32.31 27.68 -37.16
C GLU C 386 -30.79 27.71 -37.32
N THR C 387 -30.17 28.74 -36.76
CA THR C 387 -28.75 28.92 -36.92
C THR C 387 -27.99 27.78 -36.18
N LEU C 388 -28.55 27.32 -35.07
CA LEU C 388 -28.01 26.17 -34.35
C LEU C 388 -28.00 24.90 -35.24
N ASN C 389 -29.07 24.69 -36.00
CA ASN C 389 -29.12 23.57 -36.97
C ASN C 389 -28.12 23.75 -38.11
N SER C 390 -27.86 24.99 -38.49
CA SER C 390 -26.88 25.28 -39.54
C SER C 390 -25.50 24.87 -39.05
N LEU C 391 -25.18 25.22 -37.81
CA LEU C 391 -23.89 24.80 -37.22
C LEU C 391 -23.77 23.29 -37.24
N GLU C 392 -24.81 22.59 -36.78
CA GLU C 392 -24.78 21.13 -36.73
C GLU C 392 -24.46 20.57 -38.10
N ARG C 393 -25.11 21.13 -39.11
CA ARG C 393 -24.96 20.70 -40.48
C ARG C 393 -23.57 21.04 -41.04
N ILE C 394 -23.01 22.23 -40.79
CA ILE C 394 -21.76 22.65 -41.48
C ILE C 394 -20.42 22.18 -40.87
N PHE C 395 -20.42 21.86 -39.59
CA PHE C 395 -19.21 21.41 -38.89
C PHE C 395 -19.09 19.90 -38.92
N PRO C 396 -18.01 19.37 -39.49
CA PRO C 396 -17.88 17.93 -39.48
C PRO C 396 -17.79 17.32 -38.07
N ASP C 397 -18.25 16.08 -37.96
CA ASP C 397 -18.37 15.41 -36.70
C ASP C 397 -17.41 14.24 -36.62
N GLN C 398 -16.15 14.53 -36.29
CA GLN C 398 -15.13 13.53 -35.98
C GLN C 398 -14.33 14.02 -34.79
N GLU C 399 -13.99 13.09 -33.91
CA GLU C 399 -13.14 13.39 -32.76
C GLU C 399 -11.68 13.60 -33.18
N ALA C 400 -11.04 14.61 -32.59
CA ALA C 400 -9.64 14.88 -32.90
C ALA C 400 -8.69 13.79 -32.39
N TYR C 401 -7.80 13.34 -33.26
CA TYR C 401 -6.70 12.48 -32.93
C TYR C 401 -5.42 13.32 -32.79
N PHE C 402 -4.63 13.07 -31.76
CA PHE C 402 -3.31 13.68 -31.61
C PHE C 402 -2.44 12.89 -30.62
N SER C 403 -1.32 12.37 -31.15
CA SER C 403 -0.36 11.49 -30.48
C SER C 403 0.89 12.21 -30.02
N ASP C 404 1.19 13.34 -30.66
CA ASP C 404 2.50 13.94 -30.48
C ASP C 404 2.55 14.76 -29.24
N TYR C 405 3.72 15.34 -28.98
CA TYR C 405 3.98 16.03 -27.73
C TYR C 405 5.15 17.02 -27.90
N PHE C 406 5.03 18.21 -27.30
CA PHE C 406 6.11 19.19 -27.32
C PHE C 406 5.95 20.23 -26.23
N THR D 11 -39.25 -28.05 -18.25
CA THR D 11 -40.49 -27.30 -18.52
C THR D 11 -40.28 -25.79 -18.25
N LEU D 12 -40.79 -24.95 -19.16
CA LEU D 12 -40.67 -23.49 -19.04
C LEU D 12 -42.05 -22.89 -18.76
N LYS D 13 -42.16 -22.11 -17.68
CA LYS D 13 -43.42 -21.56 -17.25
C LYS D 13 -43.22 -20.39 -16.30
N PRO D 14 -44.27 -19.59 -16.08
CA PRO D 14 -44.18 -18.54 -15.06
C PRO D 14 -43.79 -19.07 -13.68
N VAL D 15 -43.41 -18.18 -12.79
CA VAL D 15 -43.16 -18.56 -11.42
C VAL D 15 -44.24 -17.92 -10.54
N GLU D 16 -44.90 -18.79 -9.77
CA GLU D 16 -46.03 -18.42 -8.93
C GLU D 16 -45.57 -18.05 -7.52
N GLU D 17 -46.53 -17.99 -6.60
CA GLU D 17 -46.25 -17.67 -5.20
C GLU D 17 -45.34 -18.71 -4.55
N GLU D 18 -45.57 -19.98 -4.89
CA GLU D 18 -44.84 -21.10 -4.28
C GLU D 18 -43.33 -21.01 -4.45
N HIS D 19 -42.91 -20.50 -5.60
CA HIS D 19 -41.52 -20.61 -6.04
C HIS D 19 -40.70 -19.36 -5.69
N ILE D 20 -41.31 -18.42 -4.97
CA ILE D 20 -40.63 -17.18 -4.58
C ILE D 20 -39.37 -17.43 -3.74
N ASP D 21 -39.42 -18.52 -2.96
CA ASP D 21 -38.34 -18.90 -2.05
C ASP D 21 -37.23 -19.61 -2.81
N GLN D 22 -37.61 -20.37 -3.83
CA GLN D 22 -36.63 -20.94 -4.75
C GLN D 22 -35.97 -19.85 -5.58
N PHE D 23 -36.77 -18.85 -5.96
CA PHE D 23 -36.29 -17.71 -6.73
C PHE D 23 -35.18 -16.95 -6.01
N ASN D 24 -35.46 -16.53 -4.77
CA ASN D 24 -34.46 -15.90 -3.91
C ASN D 24 -33.29 -16.84 -3.57
N GLU D 25 -33.57 -18.13 -3.49
CA GLU D 25 -32.51 -19.14 -3.39
C GLU D 25 -31.54 -19.09 -4.58
N LEU D 26 -32.09 -19.06 -5.79
CA LEU D 26 -31.26 -18.99 -7.00
C LEU D 26 -30.45 -17.69 -7.02
N LEU D 27 -31.12 -16.56 -6.83
CA LEU D 27 -30.40 -15.29 -6.76
C LEU D 27 -29.29 -15.31 -5.73
N SER D 28 -29.56 -15.86 -4.55
CA SER D 28 -28.57 -15.87 -3.47
C SER D 28 -27.33 -16.71 -3.80
N TYR D 29 -27.43 -17.56 -4.82
CA TYR D 29 -26.25 -18.27 -5.33
C TYR D 29 -25.51 -17.47 -6.40
N VAL D 30 -26.24 -16.97 -7.39
CA VAL D 30 -25.60 -16.34 -8.55
C VAL D 30 -25.46 -14.81 -8.49
N PHE D 31 -26.13 -14.16 -7.54
CA PHE D 31 -26.14 -12.72 -7.51
C PHE D 31 -24.86 -12.16 -6.95
N GLN D 32 -24.04 -11.57 -7.81
CA GLN D 32 -22.80 -10.96 -7.36
C GLN D 32 -23.09 -9.60 -6.72
N VAL D 33 -22.65 -9.43 -5.49
CA VAL D 33 -22.69 -8.14 -4.81
C VAL D 33 -21.51 -8.07 -3.84
N THR D 34 -20.81 -6.95 -3.84
CA THR D 34 -19.68 -6.70 -2.96
C THR D 34 -20.06 -6.93 -1.49
N GLU D 35 -19.09 -7.40 -0.70
CA GLU D 35 -19.29 -7.56 0.74
C GLU D 35 -19.47 -6.19 1.40
N ALA D 36 -18.71 -5.20 0.91
CA ALA D 36 -18.96 -3.78 1.22
C ALA D 36 -20.42 -3.37 1.02
N ASP D 37 -20.90 -3.50 -0.20
CA ASP D 37 -22.28 -3.17 -0.52
C ASP D 37 -23.28 -3.78 0.44
N ILE D 38 -23.12 -5.06 0.77
CA ILE D 38 -24.03 -5.72 1.71
C ILE D 38 -23.86 -5.11 3.11
N GLU D 39 -22.60 -4.88 3.48
CA GLU D 39 -22.27 -4.17 4.71
C GLU D 39 -23.02 -2.84 4.73
N GLU D 40 -22.72 -2.00 3.74
CA GLU D 40 -23.17 -0.60 3.73
C GLU D 40 -24.64 -0.39 3.46
N SER D 41 -25.30 -1.40 2.89
CA SER D 41 -26.73 -1.34 2.64
C SER D 41 -27.58 -1.46 3.91
N GLY D 42 -26.93 -1.66 5.06
CA GLY D 42 -27.63 -1.76 6.34
C GLY D 42 -28.23 -3.14 6.60
N PHE D 43 -27.80 -4.12 5.81
CA PHE D 43 -28.22 -5.51 6.01
C PHE D 43 -27.05 -6.30 6.58
N GLU D 44 -27.35 -7.33 7.36
CA GLU D 44 -26.33 -8.19 7.95
C GLU D 44 -25.80 -9.12 6.87
N ASN D 45 -26.67 -9.99 6.38
CA ASN D 45 -26.29 -11.07 5.47
C ASN D 45 -26.85 -10.90 4.04
N LYS D 46 -26.32 -11.71 3.12
CA LYS D 46 -26.76 -11.71 1.72
C LYS D 46 -28.24 -12.02 1.62
N ARG D 47 -28.74 -12.91 2.48
CA ARG D 47 -30.13 -13.36 2.43
C ARG D 47 -31.11 -12.27 2.84
N ALA D 48 -30.74 -11.46 3.83
CA ALA D 48 -31.56 -10.31 4.21
C ALA D 48 -31.61 -9.32 3.05
N PHE D 49 -30.49 -9.27 2.32
CA PHE D 49 -30.30 -8.33 1.23
C PHE D 49 -31.12 -8.69 -0.02
N ILE D 50 -31.20 -9.96 -0.39
CA ILE D 50 -32.02 -10.32 -1.56
C ILE D 50 -33.51 -10.42 -1.21
N LYS D 51 -33.84 -10.50 0.08
CA LYS D 51 -35.25 -10.46 0.50
C LYS D 51 -35.82 -9.06 0.35
N SER D 52 -34.94 -8.05 0.39
CA SER D 52 -35.34 -6.67 0.18
C SER D 52 -35.54 -6.34 -1.29
N LYS D 53 -35.25 -7.29 -2.18
CA LYS D 53 -35.60 -7.19 -3.60
C LYS D 53 -37.06 -7.60 -3.83
N GLN D 54 -37.77 -8.02 -2.78
CA GLN D 54 -39.13 -8.54 -2.89
C GLN D 54 -40.20 -7.51 -3.29
N PRO D 55 -40.11 -6.26 -2.79
CA PRO D 55 -41.10 -5.24 -3.16
C PRO D 55 -41.10 -4.90 -4.66
N ILE D 56 -39.96 -5.04 -5.32
CA ILE D 56 -39.86 -4.86 -6.77
C ILE D 56 -40.24 -6.16 -7.49
N LEU D 57 -39.93 -7.28 -6.84
CA LEU D 57 -40.19 -8.60 -7.39
C LEU D 57 -41.69 -8.88 -7.54
N GLU D 58 -42.47 -8.45 -6.56
CA GLU D 58 -43.94 -8.61 -6.57
C GLU D 58 -44.62 -7.82 -7.70
N LEU D 59 -44.08 -6.65 -8.03
CA LEU D 59 -44.58 -5.86 -9.16
C LEU D 59 -44.19 -6.43 -10.54
N SER D 60 -43.30 -7.40 -10.59
CA SER D 60 -42.77 -7.88 -11.88
C SER D 60 -43.48 -9.14 -12.39
N LYS D 61 -43.17 -9.52 -13.63
CA LYS D 61 -43.60 -10.78 -14.23
C LYS D 61 -42.40 -11.70 -14.35
N VAL D 62 -42.55 -12.95 -13.90
CA VAL D 62 -41.44 -13.85 -13.72
C VAL D 62 -41.64 -15.12 -14.52
N PHE D 63 -40.56 -15.63 -15.12
CA PHE D 63 -40.60 -16.86 -15.93
C PHE D 63 -39.39 -17.72 -15.61
N GLY D 64 -39.55 -19.03 -15.63
CA GLY D 64 -38.46 -19.91 -15.26
C GLY D 64 -38.46 -21.29 -15.88
N TRP D 65 -37.26 -21.82 -16.05
CA TRP D 65 -37.04 -23.23 -16.40
C TRP D 65 -37.10 -24.11 -15.15
N PHE D 66 -37.99 -25.11 -15.18
CA PHE D 66 -38.16 -26.03 -14.06
C PHE D 66 -37.73 -27.44 -14.42
N HIS D 67 -37.01 -28.04 -13.50
CA HIS D 67 -36.80 -29.46 -13.45
C HIS D 67 -37.75 -30.09 -12.45
N GLU D 68 -39.04 -30.12 -12.79
CA GLU D 68 -40.05 -30.29 -11.79
C GLU D 68 -39.44 -30.91 -10.56
N ASN D 69 -39.52 -30.21 -9.45
CA ASN D 69 -39.98 -28.84 -9.43
C ASN D 69 -38.85 -27.96 -8.99
N GLN D 70 -37.71 -28.25 -9.58
CA GLN D 70 -36.42 -27.63 -9.27
C GLN D 70 -36.24 -26.45 -10.24
N LEU D 71 -36.51 -25.23 -9.74
CA LEU D 71 -36.33 -24.01 -10.54
C LEU D 71 -34.85 -23.79 -10.82
N ILE D 72 -34.44 -23.93 -12.08
CA ILE D 72 -33.00 -23.93 -12.43
C ILE D 72 -32.45 -22.71 -13.21
N SER D 73 -33.36 -21.94 -13.83
CA SER D 73 -33.02 -20.76 -14.61
C SER D 73 -34.24 -19.82 -14.61
N GLN D 74 -34.00 -18.52 -14.39
CA GLN D 74 -35.10 -17.57 -14.17
C GLN D 74 -34.83 -16.22 -14.82
N ILE D 75 -35.92 -15.44 -14.99
CA ILE D 75 -35.88 -14.05 -15.50
C ILE D 75 -37.09 -13.29 -14.93
N ALA D 76 -36.97 -11.96 -14.85
CA ALA D 76 -38.08 -11.09 -14.41
C ALA D 76 -38.12 -9.76 -15.18
N ILE D 77 -39.33 -9.25 -15.38
CA ILE D 77 -39.58 -8.00 -16.11
C ILE D 77 -40.29 -7.05 -15.17
N TYR D 78 -39.66 -5.91 -14.88
CA TYR D 78 -40.17 -4.94 -13.92
C TYR D 78 -40.73 -3.72 -14.68
N PRO D 79 -42.06 -3.47 -14.59
CA PRO D 79 -42.69 -2.42 -15.39
C PRO D 79 -42.30 -1.01 -14.91
N CYS D 80 -41.88 -0.18 -15.85
CA CYS D 80 -41.37 1.13 -15.54
C CYS D 80 -41.83 2.12 -16.60
N GLU D 81 -41.44 3.37 -16.43
CA GLU D 81 -41.63 4.36 -17.44
C GLU D 81 -40.35 5.18 -17.64
N VAL D 82 -39.96 5.43 -18.90
CA VAL D 82 -38.77 6.23 -19.17
C VAL D 82 -39.06 7.40 -20.11
N ASN D 83 -38.20 8.40 -20.06
CA ASN D 83 -38.16 9.48 -21.01
C ASN D 83 -37.19 9.09 -22.13
N ILE D 84 -37.71 9.10 -23.36
CA ILE D 84 -36.95 8.87 -24.59
C ILE D 84 -37.06 10.17 -25.41
N HIS D 85 -36.04 11.00 -25.31
CA HIS D 85 -35.95 12.28 -26.01
C HIS D 85 -37.23 13.14 -25.85
N GLY D 86 -37.84 13.04 -24.68
CA GLY D 86 -38.93 13.91 -24.29
C GLY D 86 -40.24 13.16 -24.21
N ALA D 87 -40.32 12.01 -24.87
CA ALA D 87 -41.54 11.22 -24.92
C ALA D 87 -41.51 10.09 -23.91
N LEU D 88 -42.62 9.88 -23.24
CA LEU D 88 -42.77 8.78 -22.29
C LEU D 88 -43.04 7.44 -22.97
N TYR D 89 -42.19 6.47 -22.71
CA TYR D 89 -42.41 5.10 -23.14
C TYR D 89 -42.56 4.23 -21.89
N LYS D 90 -43.35 3.17 -22.01
CA LYS D 90 -43.31 2.08 -21.03
C LYS D 90 -42.02 1.26 -21.25
N MET D 91 -41.45 0.74 -20.16
CA MET D 91 -40.18 0.02 -20.22
C MET D 91 -40.28 -1.31 -19.45
N GLY D 92 -39.85 -2.38 -20.10
CA GLY D 92 -39.62 -3.63 -19.41
C GLY D 92 -38.23 -3.70 -18.78
N GLY D 93 -38.17 -3.58 -17.46
CA GLY D 93 -36.91 -3.68 -16.73
C GLY D 93 -36.55 -5.12 -16.41
N VAL D 94 -35.55 -5.67 -17.10
CA VAL D 94 -35.16 -7.05 -16.79
C VAL D 94 -34.25 -7.11 -15.55
N THR D 95 -34.68 -7.91 -14.58
CA THR D 95 -33.97 -8.20 -13.31
C THR D 95 -34.05 -9.67 -12.95
N GLY D 96 -33.28 -10.00 -11.91
CA GLY D 96 -33.35 -11.29 -11.25
C GLY D 96 -33.00 -12.46 -12.13
N VAL D 97 -32.08 -12.28 -13.06
CA VAL D 97 -31.71 -13.38 -13.95
C VAL D 97 -30.67 -14.27 -13.28
N GLY D 98 -30.77 -15.58 -13.55
CA GLY D 98 -29.85 -16.56 -12.99
C GLY D 98 -30.08 -17.97 -13.47
N THR D 99 -28.96 -18.63 -13.83
CA THR D 99 -28.90 -20.08 -14.05
C THR D 99 -27.89 -20.67 -13.06
N TYR D 100 -28.22 -21.83 -12.50
CA TYR D 100 -27.23 -22.59 -11.73
C TYR D 100 -26.14 -23.05 -12.72
N PRO D 101 -24.85 -22.72 -12.45
CA PRO D 101 -23.74 -22.81 -13.43
C PRO D 101 -23.49 -24.20 -14.08
N GLU D 102 -24.14 -25.25 -13.56
CA GLU D 102 -24.14 -26.57 -14.20
C GLU D 102 -24.86 -26.52 -15.54
N TYR D 103 -26.05 -25.91 -15.52
CA TYR D 103 -26.93 -25.82 -16.68
C TYR D 103 -26.61 -24.61 -17.55
N ALA D 104 -25.44 -24.00 -17.34
CA ALA D 104 -25.06 -22.78 -18.02
C ALA D 104 -24.32 -23.06 -19.34
N ASN D 105 -24.77 -24.09 -20.04
CA ASN D 105 -24.31 -24.36 -21.40
C ASN D 105 -25.36 -25.11 -22.25
N HIS D 106 -26.61 -25.15 -21.75
CA HIS D 106 -27.72 -25.81 -22.44
C HIS D 106 -28.62 -24.79 -23.13
N GLY D 107 -28.24 -23.52 -23.05
CA GLY D 107 -28.92 -22.46 -23.81
C GLY D 107 -30.31 -22.09 -23.31
N LEU D 108 -30.51 -22.18 -21.99
CA LEU D 108 -31.83 -22.00 -21.39
C LEU D 108 -32.28 -20.53 -21.30
N MET D 109 -31.32 -19.61 -21.13
CA MET D 109 -31.63 -18.20 -20.94
C MET D 109 -32.20 -17.58 -22.22
N LYS D 110 -31.61 -17.92 -23.37
CA LYS D 110 -32.11 -17.53 -24.69
C LYS D 110 -33.64 -17.62 -24.77
N ASP D 111 -34.16 -18.80 -24.43
CA ASP D 111 -35.58 -19.08 -24.42
C ASP D 111 -36.33 -18.30 -23.34
N LEU D 112 -35.68 -18.02 -22.21
CA LEU D 112 -36.28 -17.13 -21.23
C LEU D 112 -36.36 -15.69 -21.74
N ILE D 113 -35.34 -15.28 -22.47
CA ILE D 113 -35.29 -13.94 -23.04
C ILE D 113 -36.32 -13.77 -24.16
N GLN D 114 -36.49 -14.79 -24.99
CA GLN D 114 -37.60 -14.88 -25.94
C GLN D 114 -38.96 -14.58 -25.28
N THR D 115 -39.23 -15.31 -24.22
CA THR D 115 -40.49 -15.25 -23.53
C THR D 115 -40.68 -13.90 -22.86
N ALA D 116 -39.60 -13.35 -22.30
CA ALA D 116 -39.61 -11.99 -21.76
C ALA D 116 -39.98 -10.99 -22.85
N LEU D 117 -39.34 -11.12 -24.00
CA LEU D 117 -39.51 -10.21 -25.12
C LEU D 117 -40.92 -10.25 -25.68
N GLU D 118 -41.44 -11.47 -25.90
CA GLU D 118 -42.85 -11.65 -26.25
C GLU D 118 -43.76 -10.97 -25.21
N GLU D 119 -43.49 -11.20 -23.93
CA GLU D 119 -44.26 -10.61 -22.84
C GLU D 119 -44.19 -9.08 -22.81
N MET D 120 -43.02 -8.54 -23.11
CA MET D 120 -42.85 -7.08 -23.12
C MET D 120 -43.64 -6.45 -24.25
N ARG D 121 -43.63 -7.10 -25.42
CA ARG D 121 -44.33 -6.58 -26.57
C ARG D 121 -45.86 -6.55 -26.32
N GLN D 122 -46.43 -7.63 -25.79
CA GLN D 122 -47.85 -7.65 -25.43
C GLN D 122 -48.21 -6.65 -24.34
N ASP D 123 -47.35 -6.47 -23.35
CA ASP D 123 -47.55 -5.44 -22.34
C ASP D 123 -47.25 -4.05 -22.89
N LYS D 124 -46.88 -3.98 -24.17
CA LYS D 124 -46.61 -2.72 -24.89
C LYS D 124 -45.42 -1.93 -24.34
N GLN D 125 -44.40 -2.66 -23.89
CA GLN D 125 -43.12 -2.11 -23.51
C GLN D 125 -42.19 -2.23 -24.72
N TRP D 126 -41.96 -1.11 -25.40
CA TRP D 126 -41.28 -1.08 -26.68
C TRP D 126 -39.77 -0.96 -26.53
N ILE D 127 -39.34 -0.63 -25.31
CA ILE D 127 -37.93 -0.54 -24.94
C ILE D 127 -37.72 -1.26 -23.61
N SER D 128 -36.59 -1.96 -23.50
CA SER D 128 -36.16 -2.63 -22.27
C SER D 128 -34.80 -2.16 -21.78
N TYR D 129 -34.69 -1.85 -20.49
CA TYR D 129 -33.46 -1.47 -19.85
C TYR D 129 -33.01 -2.65 -19.05
N LEU D 130 -31.69 -2.75 -18.86
CA LEU D 130 -31.06 -3.93 -18.31
C LEU D 130 -29.68 -3.57 -17.75
N PHE D 131 -29.46 -3.84 -16.47
CA PHE D 131 -28.13 -3.71 -15.85
C PHE D 131 -27.20 -4.74 -16.50
N PRO D 132 -26.00 -4.32 -16.89
CA PRO D 132 -25.13 -5.29 -17.55
C PRO D 132 -24.41 -6.22 -16.56
N TYR D 133 -24.87 -7.47 -16.42
CA TYR D 133 -24.07 -8.49 -15.71
C TYR D 133 -22.99 -8.99 -16.64
N ASN D 134 -23.43 -9.52 -17.79
CA ASN D 134 -22.55 -10.08 -18.79
C ASN D 134 -22.85 -9.40 -20.12
N ILE D 135 -22.12 -8.32 -20.40
CA ILE D 135 -22.36 -7.52 -21.59
C ILE D 135 -22.30 -8.36 -22.85
N PRO D 136 -21.20 -9.11 -23.06
CA PRO D 136 -21.10 -9.96 -24.24
C PRO D 136 -22.33 -10.82 -24.49
N TYR D 137 -22.83 -11.49 -23.46
CA TYR D 137 -23.95 -12.39 -23.68
C TYR D 137 -25.20 -11.62 -24.14
N TYR D 138 -25.58 -10.61 -23.36
CA TYR D 138 -26.80 -9.83 -23.63
C TYR D 138 -26.75 -8.99 -24.90
N ARG D 139 -25.57 -8.54 -25.25
CA ARG D 139 -25.34 -7.93 -26.54
C ARG D 139 -25.61 -8.92 -27.69
N ARG D 140 -25.17 -10.17 -27.54
CA ARG D 140 -25.50 -11.22 -28.52
C ARG D 140 -27.02 -11.43 -28.60
N LYS D 141 -27.73 -11.23 -27.49
CA LYS D 141 -29.20 -11.31 -27.47
C LYS D 141 -29.89 -9.92 -27.66
N GLY D 142 -29.18 -8.95 -28.22
CA GLY D 142 -29.80 -7.74 -28.75
C GLY D 142 -29.63 -6.44 -27.98
N TRP D 143 -29.27 -6.51 -26.72
CA TRP D 143 -29.09 -5.30 -25.93
C TRP D 143 -27.81 -4.58 -26.37
N GLU D 144 -27.75 -3.30 -26.07
CA GLU D 144 -26.54 -2.52 -26.31
C GLU D 144 -26.45 -1.54 -25.14
N ILE D 145 -25.26 -1.01 -24.86
CA ILE D 145 -25.11 -0.03 -23.78
C ILE D 145 -25.87 1.23 -24.17
N MET D 146 -26.58 1.83 -23.19
CA MET D 146 -27.40 3.04 -23.40
C MET D 146 -26.83 4.29 -22.72
N SER D 147 -26.14 4.08 -21.60
CA SER D 147 -25.56 5.16 -20.81
C SER D 147 -24.27 4.74 -20.09
N ASP D 148 -23.50 5.76 -19.73
CA ASP D 148 -22.27 5.63 -18.97
C ASP D 148 -22.41 6.25 -17.59
N LYS D 149 -21.63 5.73 -16.65
CA LYS D 149 -21.35 6.41 -15.39
C LYS D 149 -19.91 6.94 -15.36
N LEU D 150 -19.78 8.20 -14.95
CA LEU D 150 -18.52 8.85 -14.75
C LEU D 150 -18.26 9.04 -13.25
N SER D 151 -17.03 8.77 -12.81
CA SER D 151 -16.64 9.02 -11.43
C SER D 151 -15.42 9.91 -11.43
N PHE D 152 -15.42 10.89 -10.55
CA PHE D 152 -14.37 11.85 -10.51
C PHE D 152 -13.94 12.04 -9.07
N LYS D 153 -12.74 12.55 -8.93
CA LYS D 153 -12.19 12.90 -7.64
C LYS D 153 -11.29 14.10 -7.88
N ILE D 154 -11.72 15.26 -7.44
CA ILE D 154 -10.94 16.47 -7.52
C ILE D 154 -10.41 16.98 -6.15
N ARG D 155 -9.34 17.74 -6.21
CA ARG D 155 -8.64 18.30 -5.05
C ARG D 155 -9.30 19.61 -4.62
N ASP D 156 -9.19 19.94 -3.32
CA ASP D 156 -9.74 21.20 -2.80
C ASP D 156 -9.20 22.37 -3.61
N THR D 157 -7.97 22.20 -4.04
CA THR D 157 -7.22 23.21 -4.75
C THR D 157 -7.69 23.35 -6.25
N GLN D 158 -8.52 22.40 -6.71
CA GLN D 158 -9.14 22.45 -8.05
C GLN D 158 -10.64 22.80 -7.99
N LEU D 159 -11.17 23.07 -6.81
CA LEU D 159 -12.56 23.44 -6.68
C LEU D 159 -12.79 24.72 -7.49
N PRO D 160 -13.95 24.82 -8.18
CA PRO D 160 -14.15 25.96 -9.06
C PRO D 160 -14.39 27.26 -8.30
N LYS D 161 -13.85 28.35 -8.83
CA LYS D 161 -14.19 29.70 -8.34
C LYS D 161 -15.68 29.91 -8.21
N THR D 162 -16.06 30.68 -7.21
CA THR D 162 -17.42 31.15 -7.09
C THR D 162 -17.81 31.94 -8.34
N VAL D 163 -18.98 31.61 -8.88
CA VAL D 163 -19.52 32.28 -10.04
C VAL D 163 -20.69 33.11 -9.53
N PRO D 164 -20.70 34.42 -9.81
CA PRO D 164 -21.86 35.20 -9.38
C PRO D 164 -23.18 34.57 -9.87
N VAL D 165 -24.02 34.19 -8.92
CA VAL D 165 -25.39 33.74 -9.19
C VAL D 165 -26.33 34.51 -8.30
N PRO D 166 -27.53 34.84 -8.81
CA PRO D 166 -28.50 35.64 -8.05
C PRO D 166 -29.41 34.87 -7.05
N GLY D 167 -29.38 33.54 -7.09
CA GLY D 167 -30.23 32.72 -6.23
C GLY D 167 -29.57 32.39 -4.90
N MET D 168 -29.92 31.25 -4.33
CA MET D 168 -29.39 30.82 -3.04
C MET D 168 -29.73 29.34 -2.70
N ILE D 169 -28.92 28.74 -1.84
CA ILE D 169 -29.06 27.33 -1.45
C ILE D 169 -29.74 27.15 -0.09
N GLU D 170 -30.61 26.15 0.01
CA GLU D 170 -31.05 25.62 1.27
C GLU D 170 -30.62 24.17 1.39
N ARG D 171 -30.47 23.72 2.63
CA ARG D 171 -30.19 22.33 2.94
C ARG D 171 -31.41 21.66 3.47
N LEU D 172 -31.95 20.72 2.71
CA LEU D 172 -33.15 20.01 3.13
C LEU D 172 -32.84 18.55 3.19
N ALA D 173 -33.78 17.80 3.75
CA ALA D 173 -33.73 16.35 3.71
C ALA D 173 -34.00 15.89 2.28
N VAL D 174 -33.68 14.61 2.02
CA VAL D 174 -33.70 14.07 0.66
C VAL D 174 -35.09 13.80 0.08
N ASP D 175 -36.10 13.79 0.97
CA ASP D 175 -37.51 13.64 0.56
C ASP D 175 -38.33 14.94 0.58
N HIS D 176 -37.67 16.08 0.78
CA HIS D 176 -38.34 17.37 0.70
C HIS D 176 -39.14 17.45 -0.61
N PRO D 177 -40.33 18.06 -0.55
CA PRO D 177 -41.11 18.19 -1.79
C PRO D 177 -40.34 18.77 -2.97
N ASP D 178 -39.54 19.80 -2.76
CA ASP D 178 -38.80 20.45 -3.88
C ASP D 178 -37.72 19.54 -4.54
N VAL D 179 -37.32 18.49 -3.84
CA VAL D 179 -36.40 17.49 -4.41
C VAL D 179 -37.17 16.71 -5.49
N PHE D 180 -38.39 16.32 -5.15
CA PHE D 180 -39.27 15.58 -6.05
C PHE D 180 -39.67 16.44 -7.25
N ASP D 181 -39.94 17.72 -7.01
CA ASP D 181 -40.34 18.65 -8.07
C ASP D 181 -39.19 18.91 -9.06
N VAL D 182 -37.97 19.10 -8.55
CA VAL D 182 -36.86 19.37 -9.44
C VAL D 182 -36.61 18.12 -10.27
N TYR D 183 -36.68 16.94 -9.64
CA TYR D 183 -36.44 15.71 -10.40
C TYR D 183 -37.48 15.51 -11.50
N ALA D 184 -38.76 15.60 -11.13
CA ALA D 184 -39.90 15.48 -12.07
C ALA D 184 -39.69 16.29 -13.34
N ARG D 185 -39.32 17.54 -13.16
CA ARG D 185 -39.04 18.39 -14.29
C ARG D 185 -37.80 17.94 -15.07
N PHE D 186 -36.71 17.66 -14.33
CA PHE D 186 -35.48 17.09 -14.90
C PHE D 186 -35.65 15.80 -15.76
N ALA D 187 -36.40 14.83 -15.26
CA ALA D 187 -36.61 13.59 -15.95
C ALA D 187 -37.39 13.71 -17.29
N ARG D 188 -38.23 14.73 -17.42
CA ARG D 188 -38.97 14.96 -18.65
C ARG D 188 -38.19 15.85 -19.57
N GLN D 189 -37.14 16.51 -19.09
CA GLN D 189 -36.29 17.24 -20.03
C GLN D 189 -34.94 16.59 -20.24
N ASN D 190 -34.79 15.35 -19.79
CA ASN D 190 -33.51 14.67 -19.90
C ASN D 190 -33.70 13.25 -20.40
N HIS D 191 -33.17 13.01 -21.61
CA HIS D 191 -33.33 11.74 -22.30
C HIS D 191 -32.75 10.62 -21.46
N GLY D 192 -33.49 9.52 -21.38
CA GLY D 192 -33.04 8.30 -20.76
C GLY D 192 -33.63 8.06 -19.38
N ALA D 193 -33.94 9.15 -18.69
CA ALA D 193 -34.32 9.13 -17.29
C ALA D 193 -35.51 8.25 -16.97
N LEU D 194 -35.48 7.67 -15.77
CA LEU D 194 -36.67 7.05 -15.20
C LEU D 194 -37.69 8.09 -14.75
N ILE D 195 -38.95 7.86 -15.12
CA ILE D 195 -40.07 8.60 -14.55
C ILE D 195 -40.40 7.94 -13.20
N ARG D 196 -40.13 8.67 -12.11
CA ARG D 196 -40.12 8.05 -10.78
C ARG D 196 -41.46 8.18 -10.06
N SER D 197 -41.99 7.03 -9.62
CA SER D 197 -43.04 7.01 -8.61
C SER D 197 -42.41 7.30 -7.24
N ALA D 198 -43.25 7.52 -6.22
CA ALA D 198 -42.76 7.67 -4.85
C ALA D 198 -42.06 6.37 -4.41
N PHE D 199 -42.54 5.26 -4.98
CA PHE D 199 -41.94 3.95 -4.75
C PHE D 199 -40.54 3.87 -5.31
N ASN D 200 -40.32 4.38 -6.52
CA ASN D 200 -38.98 4.37 -7.13
C ASN D 200 -37.99 5.18 -6.30
N TRP D 201 -38.48 6.28 -5.72
CA TRP D 201 -37.69 7.14 -4.89
C TRP D 201 -37.27 6.53 -3.56
N GLU D 202 -38.13 5.67 -3.01
CA GLU D 202 -37.75 4.90 -1.85
C GLU D 202 -36.76 3.80 -2.26
N GLU D 203 -36.85 3.30 -3.48
CA GLU D 203 -35.89 2.30 -3.95
C GLU D 203 -34.52 2.89 -4.22
N TYR D 204 -34.50 4.13 -4.70
CA TYR D 204 -33.26 4.87 -4.99
C TYR D 204 -32.45 5.12 -3.71
N TRP D 205 -33.15 5.24 -2.59
CA TRP D 205 -32.52 5.53 -1.31
C TRP D 205 -32.36 4.34 -0.39
N ARG D 206 -32.68 3.13 -0.86
CA ARG D 206 -32.84 2.03 0.07
C ARG D 206 -31.53 1.40 0.59
N PHE D 207 -30.40 1.62 -0.11
CA PHE D 207 -29.10 1.11 0.35
C PHE D 207 -28.26 2.08 1.21
N GLU D 208 -28.89 3.08 1.80
CA GLU D 208 -28.21 4.09 2.61
C GLU D 208 -29.19 4.73 3.59
N ASN D 209 -28.65 5.48 4.52
CA ASN D 209 -29.49 6.18 5.48
C ASN D 209 -29.72 7.63 5.08
N GLU D 210 -30.88 7.86 4.44
CA GLU D 210 -31.38 9.17 4.12
C GLU D 210 -30.83 10.22 5.06
N GLU D 211 -30.91 9.95 6.36
CA GLU D 211 -30.56 10.90 7.43
C GLU D 211 -29.10 11.33 7.30
N GLU D 212 -28.24 10.35 7.01
CA GLU D 212 -26.79 10.59 6.79
C GLU D 212 -26.46 11.29 5.43
N ARG D 213 -27.51 11.62 4.69
CA ARG D 213 -27.42 12.28 3.39
C ARG D 213 -28.22 13.59 3.45
N THR D 214 -27.75 14.63 2.80
CA THR D 214 -28.53 15.85 2.65
C THR D 214 -28.63 16.31 1.18
N ALA D 215 -29.75 16.98 0.87
CA ALA D 215 -30.02 17.59 -0.42
C ALA D 215 -29.86 19.10 -0.35
N ALA D 216 -28.81 19.61 -0.98
CA ALA D 216 -28.66 21.02 -1.27
C ALA D 216 -29.47 21.36 -2.52
N VAL D 217 -30.44 22.24 -2.33
CA VAL D 217 -31.38 22.60 -3.36
C VAL D 217 -31.14 24.06 -3.71
N TYR D 218 -30.84 24.31 -4.98
CA TYR D 218 -30.62 25.68 -5.44
C TYR D 218 -31.90 26.29 -5.94
N TYR D 219 -32.30 27.39 -5.31
CA TYR D 219 -33.44 28.22 -5.73
C TYR D 219 -32.92 29.44 -6.50
N GLY D 220 -33.62 29.82 -7.57
CA GLY D 220 -33.29 31.04 -8.29
C GLY D 220 -33.59 32.28 -7.46
N ALA D 221 -33.22 33.47 -7.95
CA ALA D 221 -33.81 34.67 -7.44
C ALA D 221 -35.28 34.51 -7.80
N ASN D 222 -36.17 34.57 -6.81
CA ASN D 222 -37.62 34.37 -7.02
C ASN D 222 -38.11 32.94 -6.77
N GLN D 223 -37.34 32.24 -5.92
CA GLN D 223 -37.86 31.10 -5.13
C GLN D 223 -38.19 29.85 -5.92
N GLU D 224 -37.67 29.75 -7.15
CA GLU D 224 -37.93 28.54 -7.94
C GLU D 224 -36.78 27.54 -7.71
N PRO D 225 -37.12 26.30 -7.29
CA PRO D 225 -36.18 25.21 -7.28
C PRO D 225 -35.66 24.85 -8.69
N LEU D 226 -34.34 24.81 -8.84
CA LEU D 226 -33.70 24.57 -10.12
C LEU D 226 -32.60 23.49 -10.07
N GLY D 227 -32.07 23.18 -8.87
CA GLY D 227 -31.00 22.17 -8.69
C GLY D 227 -31.08 21.33 -7.41
N VAL D 228 -30.65 20.08 -7.52
CA VAL D 228 -30.53 19.17 -6.37
C VAL D 228 -29.15 18.51 -6.37
N LEU D 229 -28.52 18.53 -5.19
CA LEU D 229 -27.25 17.85 -4.94
C LEU D 229 -27.45 16.95 -3.72
N PHE D 230 -27.27 15.66 -3.93
CA PHE D 230 -27.18 14.68 -2.88
C PHE D 230 -25.71 14.45 -2.50
N TYR D 231 -25.39 14.79 -1.25
CA TYR D 231 -24.01 14.76 -0.78
C TYR D 231 -23.88 14.32 0.70
N TRP D 232 -22.65 14.00 1.09
CA TRP D 232 -22.29 13.98 2.49
C TRP D 232 -20.79 14.24 2.66
N VAL D 233 -20.43 14.71 3.86
CA VAL D 233 -19.06 14.98 4.24
C VAL D 233 -18.61 13.94 5.28
N ALA D 234 -17.48 13.31 5.01
CA ALA D 234 -16.91 12.32 5.91
C ALA D 234 -15.41 12.24 5.67
N ASP D 235 -14.64 12.28 6.75
CA ASP D 235 -13.18 12.11 6.71
C ASP D 235 -12.49 13.12 5.79
N GLU D 236 -12.97 14.35 5.82
CA GLU D 236 -12.38 15.42 5.04
C GLU D 236 -12.50 15.22 3.51
N VAL D 237 -13.52 14.43 3.14
CA VAL D 237 -13.94 14.23 1.78
C VAL D 237 -15.42 14.62 1.63
N PHE D 238 -15.68 15.52 0.69
CA PHE D 238 -17.04 15.82 0.28
C PHE D 238 -17.47 14.77 -0.74
N HIS D 239 -18.48 13.97 -0.38
CA HIS D 239 -19.07 12.97 -1.27
C HIS D 239 -20.33 13.40 -2.04
N ILE D 240 -20.23 13.41 -3.37
CA ILE D 240 -21.39 13.68 -4.24
C ILE D 240 -22.00 12.36 -4.72
N LYS D 241 -23.17 12.04 -4.21
CA LYS D 241 -23.91 10.87 -4.70
C LYS D 241 -24.32 11.15 -6.17
N GLU D 242 -24.94 12.31 -6.37
CA GLU D 242 -25.14 12.90 -7.69
C GLU D 242 -25.80 14.26 -7.57
N MET D 243 -25.75 14.98 -8.67
CA MET D 243 -26.28 16.32 -8.78
C MET D 243 -27.12 16.38 -10.06
N PHE D 244 -28.30 16.94 -9.99
CA PHE D 244 -29.10 17.25 -11.18
C PHE D 244 -29.73 18.65 -11.09
N TYR D 245 -29.75 19.30 -12.24
CA TYR D 245 -30.10 20.70 -12.35
C TYR D 245 -30.74 20.94 -13.71
N LEU D 246 -31.51 22.03 -13.78
CA LEU D 246 -32.29 22.38 -14.96
C LEU D 246 -31.64 23.46 -15.80
N ASN D 247 -30.58 24.08 -15.31
CA ASN D 247 -29.84 25.07 -16.10
C ASN D 247 -28.49 25.29 -15.46
N GLN D 248 -27.63 26.04 -16.12
CA GLN D 248 -26.24 26.21 -15.69
C GLN D 248 -26.09 27.12 -14.47
N GLU D 249 -27.09 27.98 -14.24
CA GLU D 249 -27.11 28.87 -13.06
C GLU D 249 -27.19 27.99 -11.81
N ALA D 250 -28.15 27.06 -11.80
CA ALA D 250 -28.30 26.08 -10.73
C ALA D 250 -27.03 25.21 -10.55
N ARG D 251 -26.45 24.75 -11.65
CA ARG D 251 -25.23 23.98 -11.55
C ARG D 251 -24.13 24.80 -10.89
N ASN D 252 -23.98 26.05 -11.31
CA ASN D 252 -22.99 26.95 -10.73
C ASN D 252 -23.28 27.24 -9.25
N GLY D 253 -24.56 27.37 -8.91
CA GLY D 253 -24.98 27.62 -7.52
C GLY D 253 -24.62 26.48 -6.61
N LEU D 254 -24.93 25.27 -7.07
CA LEU D 254 -24.56 24.03 -6.38
C LEU D 254 -23.04 23.88 -6.25
N TRP D 255 -22.27 24.27 -7.27
CA TRP D 255 -20.81 24.21 -7.19
C TRP D 255 -20.21 25.33 -6.34
N ASN D 256 -20.87 26.50 -6.33
CA ASN D 256 -20.53 27.53 -5.34
C ASN D 256 -20.67 26.94 -3.94
N PHE D 257 -21.70 26.14 -3.72
CA PHE D 257 -21.95 25.53 -2.44
C PHE D 257 -20.86 24.54 -2.08
N ILE D 258 -20.54 23.65 -3.02
CA ILE D 258 -19.49 22.68 -2.80
C ILE D 258 -18.17 23.41 -2.51
N THR D 259 -17.86 24.48 -3.24
CA THR D 259 -16.57 25.15 -2.99
C THR D 259 -16.57 25.96 -1.70
N ALA D 260 -17.77 26.25 -1.19
CA ALA D 260 -17.91 26.82 0.12
C ALA D 260 -17.42 25.83 1.20
N HIS D 261 -17.28 24.54 0.87
CA HIS D 261 -16.73 23.55 1.83
C HIS D 261 -15.21 23.36 1.74
N PHE D 262 -14.50 24.28 1.09
CA PHE D 262 -13.04 24.19 0.95
C PHE D 262 -12.27 24.00 2.29
N SER D 263 -12.70 24.75 3.32
CA SER D 263 -12.09 24.70 4.65
C SER D 263 -12.30 23.38 5.41
N MET D 264 -13.19 22.53 4.90
CA MET D 264 -13.59 21.26 5.54
C MET D 264 -13.00 20.03 4.85
N VAL D 265 -12.54 20.17 3.60
CA VAL D 265 -12.16 18.97 2.82
C VAL D 265 -10.85 19.07 2.05
N TYR D 266 -10.26 17.93 1.74
CA TYR D 266 -9.09 17.88 0.87
C TYR D 266 -9.45 17.44 -0.56
N TRP D 267 -10.50 16.61 -0.65
CA TRP D 267 -10.95 15.97 -1.88
C TRP D 267 -12.47 16.04 -2.00
N VAL D 268 -12.94 16.17 -3.24
CA VAL D 268 -14.34 15.98 -3.57
C VAL D 268 -14.46 14.81 -4.55
N LYS D 269 -15.32 13.87 -4.20
CA LYS D 269 -15.51 12.61 -4.92
C LYS D 269 -16.97 12.46 -5.33
N GLY D 270 -17.22 11.99 -6.53
CA GLY D 270 -18.57 12.00 -7.05
C GLY D 270 -18.82 11.16 -8.26
N ASP D 271 -20.11 10.90 -8.49
CA ASP D 271 -20.55 10.20 -9.70
C ASP D 271 -21.47 11.05 -10.57
N ILE D 272 -21.43 10.81 -11.87
CA ILE D 272 -22.33 11.40 -12.86
C ILE D 272 -22.94 10.26 -13.65
N TYR D 273 -24.27 10.19 -13.65
CA TYR D 273 -25.01 9.11 -14.30
C TYR D 273 -25.39 9.44 -15.76
N LYS D 274 -24.43 10.01 -16.50
CA LYS D 274 -24.60 10.53 -17.83
C LYS D 274 -23.18 10.67 -18.37
N ASN D 275 -22.95 10.35 -19.63
CA ASN D 275 -21.67 10.65 -20.23
C ASN D 275 -21.54 12.14 -20.53
N GLU D 276 -21.25 12.90 -19.49
CA GLU D 276 -20.96 14.34 -19.60
C GLU D 276 -19.76 14.60 -18.67
N PRO D 277 -18.52 14.46 -19.17
CA PRO D 277 -17.33 14.76 -18.37
C PRO D 277 -17.41 16.12 -17.63
N LEU D 278 -17.06 16.08 -16.34
CA LEU D 278 -16.99 17.27 -15.51
C LEU D 278 -15.80 18.14 -15.91
N ALA D 279 -14.73 17.51 -16.41
CA ALA D 279 -13.50 18.22 -16.75
C ALA D 279 -13.73 19.52 -17.55
N PHE D 280 -14.38 19.38 -18.71
CA PHE D 280 -14.65 20.49 -19.62
C PHE D 280 -15.45 21.61 -18.95
N LEU D 281 -16.31 21.25 -18.00
CA LEU D 281 -17.11 22.23 -17.22
C LEU D 281 -16.36 22.96 -16.07
N LEU D 282 -15.32 22.36 -15.52
CA LEU D 282 -14.47 23.03 -14.51
C LEU D 282 -13.44 23.98 -15.12
N GLU D 283 -13.01 24.94 -14.32
CA GLU D 283 -11.85 25.77 -14.65
C GLU D 283 -10.58 24.95 -14.76
N ASP D 284 -10.28 24.17 -13.71
CA ASP D 284 -9.16 23.24 -13.76
C ASP D 284 -9.60 21.89 -14.30
N SER D 285 -9.43 21.73 -15.62
CA SER D 285 -9.83 20.53 -16.35
C SER D 285 -8.79 19.40 -16.30
N GLN D 286 -7.61 19.66 -15.72
CA GLN D 286 -6.59 18.62 -15.54
C GLN D 286 -7.02 17.65 -14.46
N ILE D 287 -8.04 16.88 -14.78
CA ILE D 287 -8.49 15.78 -13.94
C ILE D 287 -8.63 14.59 -14.87
N LYS D 288 -8.68 13.41 -14.29
CA LYS D 288 -8.93 12.17 -15.01
C LYS D 288 -10.19 11.59 -14.36
N GLU D 289 -11.09 11.12 -15.20
CA GLU D 289 -12.35 10.64 -14.71
C GLU D 289 -12.43 9.23 -15.17
N SER D 290 -13.11 8.38 -14.42
CA SER D 290 -13.35 7.04 -14.90
C SER D 290 -14.66 7.06 -15.68
N ILE D 291 -14.77 6.19 -16.66
CA ILE D 291 -15.97 6.06 -17.42
C ILE D 291 -16.24 4.58 -17.59
N GLU D 292 -17.46 4.17 -17.25
CA GLU D 292 -17.87 2.80 -17.37
C GLU D 292 -19.32 2.73 -17.85
N PRO D 293 -19.59 1.88 -18.84
CA PRO D 293 -20.99 1.54 -19.17
C PRO D 293 -21.80 1.27 -17.91
N TYR D 294 -22.99 1.87 -17.80
CA TYR D 294 -23.82 1.74 -16.59
C TYR D 294 -25.13 0.96 -16.77
N TYR D 295 -25.81 1.15 -17.91
CA TYR D 295 -27.03 0.40 -18.25
C TYR D 295 -27.07 0.03 -19.73
N MET D 296 -27.82 -1.04 -20.03
CA MET D 296 -28.09 -1.48 -21.41
C MET D 296 -29.58 -1.30 -21.74
N ALA D 297 -29.88 -1.19 -23.03
CA ALA D 297 -31.26 -1.14 -23.48
C ALA D 297 -31.42 -1.91 -24.76
N ARG D 298 -32.67 -2.21 -25.07
CA ARG D 298 -33.02 -2.94 -26.26
C ARG D 298 -34.42 -2.54 -26.75
N ILE D 299 -34.53 -2.26 -28.04
CA ILE D 299 -35.82 -2.12 -28.69
C ILE D 299 -36.54 -3.49 -28.69
N VAL D 300 -37.69 -3.57 -28.03
CA VAL D 300 -38.47 -4.80 -28.02
C VAL D 300 -39.24 -5.00 -29.33
N ASP D 301 -39.85 -3.93 -29.85
CA ASP D 301 -40.64 -3.94 -31.10
C ASP D 301 -40.26 -2.72 -31.93
N VAL D 302 -39.69 -2.94 -33.12
CA VAL D 302 -39.08 -1.85 -33.91
C VAL D 302 -40.11 -0.85 -34.46
N LYS D 303 -41.16 -1.39 -35.07
CA LYS D 303 -42.22 -0.59 -35.65
C LYS D 303 -42.91 0.23 -34.56
N ALA D 304 -43.35 -0.40 -33.48
CA ALA D 304 -44.03 0.31 -32.42
C ALA D 304 -43.10 1.32 -31.71
N PHE D 305 -41.84 0.94 -31.52
CA PHE D 305 -40.88 1.89 -31.01
C PHE D 305 -40.67 3.06 -31.92
N LEU D 306 -40.46 2.79 -33.18
CA LEU D 306 -40.37 3.86 -34.14
C LEU D 306 -41.60 4.73 -34.33
N GLU D 307 -42.78 4.19 -34.21
CA GLU D 307 -43.90 5.01 -34.52
C GLU D 307 -44.24 5.99 -33.43
N ASN D 308 -43.71 5.77 -32.24
CA ASN D 308 -43.89 6.68 -31.15
C ASN D 308 -42.71 7.55 -30.86
N PHE D 309 -41.74 7.55 -31.74
CA PHE D 309 -40.42 8.15 -31.52
C PHE D 309 -40.37 9.60 -31.96
N PRO D 310 -39.90 10.49 -31.07
CA PRO D 310 -39.86 11.93 -31.36
C PRO D 310 -38.69 12.36 -32.27
N PHE D 311 -38.76 12.01 -33.54
CA PHE D 311 -37.81 12.52 -34.53
C PHE D 311 -37.75 14.07 -34.54
N GLU D 312 -36.54 14.57 -34.78
CA GLU D 312 -36.27 16.02 -34.73
C GLU D 312 -36.62 16.69 -36.04
N SER D 313 -36.82 15.85 -37.05
CA SER D 313 -37.02 16.35 -38.37
C SER D 313 -37.66 15.29 -39.20
N THR D 314 -38.06 15.77 -40.35
CA THR D 314 -38.56 15.04 -41.48
C THR D 314 -37.35 14.71 -42.37
N ALA D 315 -37.42 13.63 -43.14
CA ALA D 315 -36.41 13.34 -44.15
C ALA D 315 -37.07 12.72 -45.40
N LYS D 316 -36.33 12.73 -46.50
CA LYS D 316 -36.68 12.00 -47.71
C LYS D 316 -36.85 10.55 -47.31
N PRO D 317 -37.89 9.87 -47.81
CA PRO D 317 -38.14 8.51 -47.34
C PRO D 317 -36.95 7.57 -47.53
N PHE D 318 -36.82 6.64 -46.60
CA PHE D 318 -35.79 5.63 -46.62
C PHE D 318 -36.33 4.49 -45.74
N HIS D 319 -35.59 3.38 -45.69
CA HIS D 319 -36.01 2.25 -44.83
C HIS D 319 -34.83 1.66 -44.09
N PHE D 320 -35.13 1.05 -42.95
CA PHE D 320 -34.17 0.23 -42.23
C PHE D 320 -34.38 -1.20 -42.66
N VAL D 321 -33.27 -1.92 -42.91
CA VAL D 321 -33.26 -3.39 -42.93
C VAL D 321 -32.61 -3.86 -41.64
N VAL D 322 -33.38 -4.50 -40.78
CA VAL D 322 -32.98 -4.79 -39.41
C VAL D 322 -32.82 -6.29 -39.20
N LYS D 323 -31.71 -6.66 -38.54
CA LYS D 323 -31.40 -8.03 -38.16
C LYS D 323 -31.52 -8.12 -36.63
N ASP D 324 -32.47 -8.93 -36.18
CA ASP D 324 -32.68 -9.17 -34.76
C ASP D 324 -32.46 -10.68 -34.58
N PRO D 325 -31.54 -11.07 -33.67
CA PRO D 325 -31.15 -12.47 -33.47
C PRO D 325 -32.11 -13.31 -32.60
N VAL D 326 -32.94 -12.63 -31.81
CA VAL D 326 -33.87 -13.26 -30.91
C VAL D 326 -35.35 -13.04 -31.32
N ALA D 327 -35.69 -11.82 -31.78
CA ALA D 327 -37.09 -11.42 -32.00
C ALA D 327 -37.45 -11.41 -33.48
N GLU D 328 -38.19 -12.45 -33.87
CA GLU D 328 -38.66 -12.67 -35.25
C GLU D 328 -39.20 -11.39 -35.90
N TRP D 329 -40.08 -10.73 -35.17
CA TRP D 329 -40.84 -9.60 -35.66
C TRP D 329 -40.07 -8.30 -35.84
N ASN D 330 -38.81 -8.26 -35.41
CA ASN D 330 -37.95 -7.10 -35.62
C ASN D 330 -37.08 -7.28 -36.84
N ASN D 331 -37.15 -8.44 -37.48
CA ASN D 331 -36.37 -8.72 -38.67
C ASN D 331 -37.04 -8.18 -39.93
N GLY D 332 -36.29 -7.46 -40.77
CA GLY D 332 -36.83 -7.03 -42.06
C GLY D 332 -36.92 -5.53 -42.26
N ILE D 333 -37.99 -5.11 -42.93
CA ILE D 333 -38.03 -3.78 -43.53
C ILE D 333 -38.92 -2.84 -42.74
N PHE D 334 -38.34 -1.71 -42.35
CA PHE D 334 -39.10 -0.66 -41.66
C PHE D 334 -38.89 0.66 -42.40
N GLY D 335 -39.87 1.03 -43.22
CA GLY D 335 -39.81 2.23 -44.06
C GLY D 335 -40.31 3.44 -43.30
N LEU D 336 -39.68 4.58 -43.53
CA LEU D 336 -40.09 5.82 -42.87
C LEU D 336 -40.62 6.76 -43.90
N ILE D 337 -41.83 7.22 -43.68
CA ILE D 337 -42.34 8.34 -44.46
C ILE D 337 -43.07 9.32 -43.51
N TRP D 338 -42.92 10.61 -43.78
CA TRP D 338 -43.58 11.66 -43.03
C TRP D 338 -44.67 12.23 -43.91
N ASP D 339 -45.86 12.39 -43.35
CA ASP D 339 -46.97 12.88 -44.16
C ASP D 339 -46.99 14.43 -44.26
N GLU D 340 -48.11 14.96 -44.76
CA GLU D 340 -48.21 16.38 -45.08
C GLU D 340 -48.22 17.27 -43.83
N ASN D 341 -48.49 16.65 -42.69
CA ASN D 341 -48.34 17.28 -41.37
C ASN D 341 -47.03 16.94 -40.64
N ASP D 342 -46.06 16.43 -41.41
CA ASP D 342 -44.75 16.04 -40.89
C ASP D 342 -44.82 14.96 -39.81
N GLN D 343 -45.86 14.13 -39.86
CA GLN D 343 -45.98 13.02 -38.90
C GLN D 343 -45.41 11.79 -39.58
N VAL D 344 -44.56 11.07 -38.85
CA VAL D 344 -43.94 9.87 -39.36
C VAL D 344 -44.98 8.74 -39.43
N THR D 345 -44.85 7.92 -40.46
CA THR D 345 -45.56 6.66 -40.47
C THR D 345 -44.53 5.57 -40.75
N ILE D 346 -44.68 4.43 -40.07
CA ILE D 346 -43.74 3.32 -40.26
C ILE D 346 -44.39 2.24 -41.10
N THR D 347 -43.77 1.95 -42.25
CA THR D 347 -44.30 1.00 -43.21
C THR D 347 -43.55 -0.33 -43.27
N ASP D 348 -44.17 -1.26 -43.99
CA ASP D 348 -43.62 -2.56 -44.36
C ASP D 348 -42.79 -2.44 -45.65
N GLU D 349 -42.87 -1.28 -46.30
CA GLU D 349 -42.36 -1.07 -47.66
C GLU D 349 -40.99 -0.41 -47.67
N PRO D 350 -40.07 -0.92 -48.53
CA PRO D 350 -38.74 -0.31 -48.69
C PRO D 350 -38.73 0.92 -49.61
N LEU D 351 -39.12 2.06 -49.06
CA LEU D 351 -39.01 3.34 -49.75
C LEU D 351 -37.58 3.81 -49.73
N GLY D 352 -37.13 4.35 -50.85
CA GLY D 352 -35.81 4.98 -50.94
C GLY D 352 -34.67 4.08 -50.51
N THR D 353 -33.56 4.70 -50.13
CA THR D 353 -32.37 3.96 -49.81
C THR D 353 -32.50 3.19 -48.51
N ALA D 354 -31.86 2.01 -48.50
CA ALA D 354 -31.84 1.07 -47.38
C ALA D 354 -30.71 1.39 -46.40
N VAL D 355 -30.96 1.16 -45.11
CA VAL D 355 -29.99 1.37 -44.02
C VAL D 355 -29.92 0.04 -43.29
N HIS D 356 -28.81 -0.70 -43.51
CA HIS D 356 -28.61 -2.06 -42.96
C HIS D 356 -27.93 -1.99 -41.60
N LEU D 357 -28.50 -2.70 -40.64
CA LEU D 357 -27.94 -2.73 -39.30
C LEU D 357 -28.70 -3.76 -38.49
N ASP D 358 -28.18 -4.09 -37.32
CA ASP D 358 -28.86 -5.01 -36.41
C ASP D 358 -29.59 -4.22 -35.30
N ILE D 359 -30.37 -4.95 -34.51
CA ILE D 359 -31.14 -4.38 -33.42
C ILE D 359 -30.28 -3.65 -32.39
N GLN D 360 -29.07 -4.16 -32.17
CA GLN D 360 -28.11 -3.53 -31.26
C GLN D 360 -27.77 -2.12 -31.70
N THR D 361 -27.51 -1.91 -32.99
CA THR D 361 -27.02 -0.58 -33.43
C THR D 361 -28.16 0.39 -33.67
N LEU D 362 -29.34 -0.13 -33.98
CA LEU D 362 -30.56 0.66 -34.02
C LEU D 362 -30.88 1.14 -32.60
N THR D 363 -30.75 0.25 -31.61
CA THR D 363 -30.97 0.61 -30.23
C THR D 363 -29.98 1.68 -29.79
N CYS D 364 -28.71 1.47 -30.15
CA CYS D 364 -27.67 2.45 -29.95
C CYS D 364 -28.02 3.85 -30.51
N LEU D 365 -28.53 3.89 -31.74
CA LEU D 365 -28.99 5.15 -32.38
C LEU D 365 -30.11 5.86 -31.67
N VAL D 366 -31.17 5.13 -31.37
CA VAL D 366 -32.32 5.74 -30.69
C VAL D 366 -32.02 6.20 -29.26
N MET D 367 -31.04 5.57 -28.61
CA MET D 367 -30.62 5.95 -27.25
C MET D 367 -29.48 6.94 -27.33
N ASN D 368 -28.95 7.14 -28.53
CA ASN D 368 -27.88 8.11 -28.76
C ASN D 368 -26.58 7.81 -28.01
N TYR D 369 -26.25 6.55 -27.80
CA TYR D 369 -24.96 6.21 -27.19
C TYR D 369 -23.79 6.48 -28.13
N ARG D 370 -24.05 6.36 -29.41
CA ARG D 370 -23.17 6.85 -30.47
C ARG D 370 -24.05 7.42 -31.59
N ARG D 371 -23.48 8.37 -32.33
CA ARG D 371 -24.13 8.98 -33.46
C ARG D 371 -23.99 8.14 -34.72
N PRO D 372 -24.88 8.38 -35.71
CA PRO D 372 -24.84 7.69 -37.00
C PRO D 372 -23.48 7.74 -37.70
N SER D 373 -22.84 8.91 -37.70
CA SER D 373 -21.51 9.14 -38.28
C SER D 373 -20.49 8.07 -37.82
N TYR D 374 -20.39 7.91 -36.51
CA TYR D 374 -19.43 6.99 -35.91
C TYR D 374 -19.72 5.54 -36.28
N LEU D 375 -20.97 5.16 -36.18
CA LEU D 375 -21.37 3.81 -36.37
C LEU D 375 -21.20 3.42 -37.81
N HIS D 376 -21.47 4.33 -38.70
CA HIS D 376 -21.14 4.13 -40.07
C HIS D 376 -19.65 3.95 -40.28
N ARG D 377 -18.86 4.84 -39.72
CA ARG D 377 -17.44 4.81 -39.86
C ARG D 377 -16.85 3.51 -39.42
N ILE D 378 -17.40 2.91 -38.40
CA ILE D 378 -16.87 1.67 -37.89
C ILE D 378 -17.64 0.50 -38.42
N GLU D 379 -18.38 0.73 -39.49
CA GLU D 379 -19.00 -0.31 -40.29
C GLU D 379 -20.12 -1.02 -39.57
N ARG D 380 -20.84 -0.30 -38.73
CA ARG D 380 -21.95 -0.83 -38.00
C ARG D 380 -23.27 -0.45 -38.69
N ILE D 381 -23.23 0.57 -39.52
CA ILE D 381 -24.37 1.00 -40.31
C ILE D 381 -23.92 1.00 -41.76
N ASP D 382 -24.75 0.41 -42.61
CA ASP D 382 -24.46 0.36 -44.02
C ASP D 382 -25.52 1.10 -44.85
N THR D 383 -25.11 2.27 -45.35
CA THR D 383 -25.94 3.07 -46.23
C THR D 383 -25.04 4.12 -46.92
N ASP D 384 -25.64 5.06 -47.63
CA ASP D 384 -24.89 6.09 -48.39
C ASP D 384 -24.86 7.46 -47.66
N LYS D 385 -24.01 8.39 -48.09
CA LYS D 385 -23.80 9.64 -47.36
C LYS D 385 -25.13 10.40 -47.17
N GLU D 386 -25.89 10.56 -48.25
CA GLU D 386 -27.15 11.28 -48.23
C GLU D 386 -28.10 10.83 -47.10
N THR D 387 -28.22 9.51 -46.94
CA THR D 387 -29.12 8.90 -45.99
C THR D 387 -28.54 9.00 -44.56
N LEU D 388 -27.21 8.85 -44.49
CA LEU D 388 -26.46 9.05 -43.26
C LEU D 388 -26.74 10.45 -42.72
N ASN D 389 -26.79 11.44 -43.64
CA ASN D 389 -27.10 12.80 -43.25
C ASN D 389 -28.53 12.93 -42.77
N SER D 390 -29.44 12.15 -43.33
CA SER D 390 -30.82 12.12 -42.88
C SER D 390 -30.94 11.55 -41.47
N LEU D 391 -30.14 10.52 -41.18
CA LEU D 391 -30.09 9.95 -39.84
C LEU D 391 -29.63 10.96 -38.79
N GLU D 392 -28.54 11.68 -39.12
CA GLU D 392 -27.96 12.71 -38.26
C GLU D 392 -28.98 13.81 -37.99
N ARG D 393 -29.70 14.22 -39.01
CA ARG D 393 -30.71 15.23 -38.87
C ARG D 393 -31.94 14.80 -38.04
N ILE D 394 -32.43 13.57 -38.20
CA ILE D 394 -33.68 13.19 -37.57
C ILE D 394 -33.52 12.60 -36.16
N PHE D 395 -32.30 12.13 -35.85
CA PHE D 395 -32.01 11.62 -34.48
C PHE D 395 -31.51 12.71 -33.54
N PRO D 396 -32.26 12.96 -32.46
CA PRO D 396 -31.79 13.91 -31.46
C PRO D 396 -30.41 13.55 -30.89
N ASP D 397 -29.66 14.57 -30.47
CA ASP D 397 -28.32 14.38 -29.97
C ASP D 397 -28.23 14.83 -28.50
N GLN D 398 -28.66 13.97 -27.58
CA GLN D 398 -28.38 14.15 -26.15
C GLN D 398 -28.02 12.82 -25.54
N GLU D 399 -26.90 12.78 -24.79
CA GLU D 399 -26.47 11.59 -24.08
C GLU D 399 -27.52 11.18 -23.06
N ALA D 400 -27.75 9.87 -22.93
CA ALA D 400 -28.73 9.38 -21.98
C ALA D 400 -28.29 9.53 -20.51
N TYR D 401 -29.26 9.90 -19.67
CA TYR D 401 -29.11 9.96 -18.24
C TYR D 401 -29.94 8.83 -17.62
N PHE D 402 -29.35 8.08 -16.70
CA PHE D 402 -30.07 7.08 -15.92
C PHE D 402 -29.36 6.80 -14.59
N SER D 403 -30.09 6.96 -13.50
CA SER D 403 -29.62 7.02 -12.10
C SER D 403 -30.00 5.81 -11.27
N ASP D 404 -30.96 5.03 -11.75
CA ASP D 404 -31.68 4.07 -10.92
C ASP D 404 -31.10 2.69 -11.09
N TYR D 405 -31.45 1.78 -10.21
CA TYR D 405 -30.75 0.51 -10.22
C TYR D 405 -31.67 -0.58 -10.67
N PHE D 406 -32.40 -1.24 -9.77
CA PHE D 406 -33.08 -2.49 -10.14
C PHE D 406 -32.23 -3.23 -11.17
N THR E 11 -0.93 -21.07 45.52
CA THR E 11 -1.35 -22.47 45.57
C THR E 11 -2.02 -22.93 44.27
N LEU E 12 -1.42 -23.96 43.67
CA LEU E 12 -1.95 -24.62 42.48
C LEU E 12 -3.05 -25.63 42.84
N LYS E 13 -4.27 -25.34 42.38
CA LYS E 13 -5.45 -26.18 42.64
C LYS E 13 -6.44 -26.08 41.45
N PRO E 14 -7.46 -26.96 41.38
CA PRO E 14 -8.49 -26.85 40.34
C PRO E 14 -9.24 -25.53 40.35
N VAL E 15 -9.81 -25.18 39.21
CA VAL E 15 -10.65 -23.98 39.13
C VAL E 15 -12.08 -24.46 38.88
N GLU E 16 -13.00 -24.16 39.79
CA GLU E 16 -14.41 -24.55 39.61
C GLU E 16 -15.28 -23.35 39.23
N GLU E 17 -16.61 -23.48 39.33
CA GLU E 17 -17.57 -22.44 38.90
C GLU E 17 -17.37 -21.11 39.65
N GLU E 18 -16.89 -21.21 40.89
CA GLU E 18 -16.45 -20.05 41.68
C GLU E 18 -15.49 -19.13 40.90
N HIS E 19 -14.59 -19.72 40.11
CA HIS E 19 -13.50 -18.98 39.46
C HIS E 19 -13.67 -18.72 37.96
N ILE E 20 -14.89 -18.88 37.44
CA ILE E 20 -15.20 -18.71 36.00
C ILE E 20 -14.89 -17.33 35.44
N ASP E 21 -15.20 -16.29 36.22
CA ASP E 21 -15.05 -14.91 35.78
C ASP E 21 -13.58 -14.48 35.80
N GLN E 22 -12.84 -14.94 36.81
CA GLN E 22 -11.38 -14.70 36.89
C GLN E 22 -10.65 -15.38 35.72
N PHE E 23 -11.05 -16.61 35.43
CA PHE E 23 -10.52 -17.37 34.27
C PHE E 23 -10.76 -16.64 32.94
N ASN E 24 -12.01 -16.23 32.74
CA ASN E 24 -12.42 -15.41 31.59
C ASN E 24 -11.69 -14.07 31.46
N GLU E 25 -11.50 -13.38 32.58
CA GLU E 25 -10.76 -12.11 32.61
C GLU E 25 -9.31 -12.28 32.23
N LEU E 26 -8.64 -13.25 32.84
CA LEU E 26 -7.25 -13.55 32.51
C LEU E 26 -7.14 -13.84 31.03
N LEU E 27 -8.10 -14.57 30.48
CA LEU E 27 -8.08 -14.82 29.06
C LEU E 27 -8.31 -13.54 28.26
N SER E 28 -9.24 -12.72 28.73
CA SER E 28 -9.59 -11.53 27.98
C SER E 28 -8.42 -10.56 27.96
N TYR E 29 -7.48 -10.69 28.90
CA TYR E 29 -6.23 -9.91 28.85
C TYR E 29 -5.13 -10.57 28.05
N VAL E 30 -5.02 -11.89 28.11
CA VAL E 30 -3.86 -12.54 27.50
C VAL E 30 -4.13 -13.15 26.15
N PHE E 31 -5.38 -13.52 25.88
CA PHE E 31 -5.64 -14.35 24.72
C PHE E 31 -5.47 -13.51 23.49
N GLN E 32 -4.59 -13.94 22.60
CA GLN E 32 -4.39 -13.21 21.37
C GLN E 32 -5.39 -13.66 20.30
N VAL E 33 -6.18 -12.69 19.87
CA VAL E 33 -7.10 -12.83 18.79
C VAL E 33 -7.17 -11.46 18.14
N THR E 34 -7.36 -11.47 16.84
CA THR E 34 -7.39 -10.28 16.01
C THR E 34 -8.73 -9.57 16.15
N GLU E 35 -8.74 -8.25 15.97
CA GLU E 35 -10.00 -7.48 15.93
C GLU E 35 -10.90 -7.93 14.77
N ALA E 36 -10.31 -8.13 13.60
CA ALA E 36 -11.01 -8.70 12.45
C ALA E 36 -11.70 -10.03 12.79
N ASP E 37 -11.02 -10.87 13.56
CA ASP E 37 -11.56 -12.18 13.94
C ASP E 37 -12.65 -12.09 15.00
N ILE E 38 -12.58 -11.09 15.87
CA ILE E 38 -13.69 -10.90 16.80
C ILE E 38 -14.92 -10.46 16.01
N GLU E 39 -14.69 -9.57 15.04
CA GLU E 39 -15.74 -9.08 14.16
C GLU E 39 -16.34 -10.17 13.30
N GLU E 40 -15.50 -10.89 12.56
CA GLU E 40 -15.96 -11.94 11.63
C GLU E 40 -16.78 -12.97 12.36
N SER E 41 -16.31 -13.35 13.54
CA SER E 41 -16.96 -14.39 14.32
C SER E 41 -18.22 -13.94 15.04
N GLY E 42 -18.67 -12.72 14.77
CA GLY E 42 -19.98 -12.23 15.26
C GLY E 42 -20.07 -11.74 16.70
N PHE E 43 -18.94 -11.40 17.30
CA PHE E 43 -18.91 -10.83 18.64
C PHE E 43 -18.62 -9.31 18.64
N GLU E 44 -19.17 -8.63 19.63
CA GLU E 44 -19.06 -7.18 19.74
C GLU E 44 -17.69 -6.76 20.26
N ASN E 45 -17.23 -7.44 21.33
CA ASN E 45 -15.90 -7.20 21.87
C ASN E 45 -15.17 -8.51 22.24
N LYS E 46 -13.92 -8.36 22.66
CA LYS E 46 -13.09 -9.46 23.11
C LYS E 46 -13.75 -10.27 24.22
N ARG E 47 -14.29 -9.63 25.24
CA ARG E 47 -14.89 -10.35 26.38
C ARG E 47 -16.14 -11.16 26.00
N ALA E 48 -16.92 -10.68 25.03
CA ALA E 48 -18.04 -11.45 24.49
C ALA E 48 -17.53 -12.69 23.78
N PHE E 49 -16.44 -12.51 23.05
CA PHE E 49 -15.81 -13.58 22.29
C PHE E 49 -15.24 -14.64 23.23
N ILE E 50 -14.59 -14.19 24.30
CA ILE E 50 -14.01 -15.08 25.31
C ILE E 50 -15.09 -15.86 26.06
N LYS E 51 -16.16 -15.16 26.44
CA LYS E 51 -17.30 -15.78 27.15
C LYS E 51 -17.93 -16.97 26.43
N SER E 52 -17.95 -16.93 25.10
CA SER E 52 -18.54 -17.98 24.29
C SER E 52 -17.70 -19.24 24.23
N LYS E 53 -16.48 -19.19 24.78
CA LYS E 53 -15.65 -20.38 24.93
C LYS E 53 -16.17 -21.28 26.06
N GLN E 54 -17.12 -20.76 26.83
CA GLN E 54 -17.59 -21.38 28.07
C GLN E 54 -18.09 -22.84 27.98
N PRO E 55 -18.92 -23.14 26.96
CA PRO E 55 -19.31 -24.53 26.79
C PRO E 55 -18.12 -25.49 26.89
N ILE E 56 -17.09 -25.31 26.08
CA ILE E 56 -15.91 -26.22 26.13
C ILE E 56 -15.27 -26.24 27.54
N LEU E 57 -15.16 -25.07 28.15
CA LEU E 57 -14.54 -24.93 29.46
C LEU E 57 -15.30 -25.66 30.55
N GLU E 58 -16.63 -25.73 30.42
CA GLU E 58 -17.45 -26.55 31.34
C GLU E 58 -17.25 -28.07 31.17
N LEU E 59 -16.80 -28.49 29.99
CA LEU E 59 -16.56 -29.91 29.70
C LEU E 59 -15.18 -30.35 30.21
N SER E 60 -14.35 -29.40 30.60
CA SER E 60 -12.90 -29.64 30.73
C SER E 60 -12.42 -29.72 32.17
N LYS E 61 -11.19 -30.15 32.36
CA LYS E 61 -10.53 -30.08 33.66
C LYS E 61 -9.60 -28.89 33.70
N VAL E 62 -9.88 -27.94 34.58
CA VAL E 62 -9.15 -26.69 34.67
C VAL E 62 -8.37 -26.59 35.98
N PHE E 63 -7.07 -26.30 35.88
CA PHE E 63 -6.22 -26.05 37.03
C PHE E 63 -5.57 -24.69 36.88
N GLY E 64 -5.54 -23.93 37.97
CA GLY E 64 -4.86 -22.66 38.00
C GLY E 64 -3.88 -22.51 39.16
N TRP E 65 -2.99 -21.53 39.04
CA TRP E 65 -2.27 -20.99 40.19
C TRP E 65 -3.07 -19.81 40.77
N PHE E 66 -3.12 -19.72 42.10
CA PHE E 66 -3.80 -18.62 42.77
C PHE E 66 -2.84 -17.85 43.68
N HIS E 67 -2.82 -16.54 43.53
CA HIS E 67 -2.22 -15.65 44.52
C HIS E 67 -3.42 -15.26 45.37
N GLU E 68 -3.71 -16.08 46.36
CA GLU E 68 -5.09 -16.35 46.68
C GLU E 68 -5.81 -15.10 47.15
N ASN E 69 -7.04 -14.92 46.71
CA ASN E 69 -7.76 -15.87 45.88
C ASN E 69 -7.73 -15.46 44.41
N GLN E 70 -6.61 -14.87 44.00
CA GLN E 70 -6.49 -14.34 42.63
C GLN E 70 -5.83 -15.34 41.67
N LEU E 71 -6.61 -15.77 40.67
CA LEU E 71 -6.13 -16.64 39.59
C LEU E 71 -5.11 -15.90 38.72
N ILE E 72 -3.93 -16.46 38.58
CA ILE E 72 -2.82 -15.81 37.87
C ILE E 72 -2.25 -16.59 36.66
N SER E 73 -2.32 -17.92 36.70
CA SER E 73 -1.90 -18.79 35.59
C SER E 73 -2.92 -19.93 35.56
N GLN E 74 -3.12 -20.51 34.37
CA GLN E 74 -4.19 -21.48 34.19
C GLN E 74 -4.02 -22.35 32.93
N ILE E 75 -4.67 -23.51 32.97
CA ILE E 75 -4.66 -24.49 31.91
C ILE E 75 -5.99 -25.24 31.97
N ALA E 76 -6.45 -25.72 30.83
CA ALA E 76 -7.64 -26.55 30.77
C ALA E 76 -7.38 -27.75 29.88
N ILE E 77 -8.15 -28.82 30.11
CA ILE E 77 -7.98 -30.06 29.37
C ILE E 77 -9.33 -30.54 28.94
N TYR E 78 -9.55 -30.48 27.63
CA TYR E 78 -10.80 -30.81 26.99
C TYR E 78 -10.69 -32.26 26.53
N PRO E 79 -11.61 -33.13 26.98
CA PRO E 79 -11.63 -34.53 26.57
C PRO E 79 -12.18 -34.77 25.15
N CYS E 80 -11.37 -35.42 24.31
CA CYS E 80 -11.72 -35.74 22.92
C CYS E 80 -11.38 -37.21 22.57
N GLU E 81 -11.75 -37.60 21.36
CA GLU E 81 -11.39 -38.89 20.79
C GLU E 81 -10.84 -38.62 19.40
N VAL E 82 -9.66 -39.17 19.10
CA VAL E 82 -8.97 -38.97 17.80
C VAL E 82 -8.61 -40.29 17.08
N ASN E 83 -8.36 -40.21 15.77
CA ASN E 83 -7.89 -41.33 14.99
C ASN E 83 -6.35 -41.32 14.92
N ILE E 84 -5.77 -42.44 15.32
CA ILE E 84 -4.32 -42.62 15.31
C ILE E 84 -4.08 -43.84 14.46
N HIS E 85 -3.67 -43.58 13.23
CA HIS E 85 -3.51 -44.59 12.19
C HIS E 85 -4.62 -45.67 12.18
N GLY E 86 -5.87 -45.24 12.36
CA GLY E 86 -7.03 -46.13 12.39
C GLY E 86 -7.42 -46.64 13.77
N ALA E 87 -6.59 -46.36 14.76
CA ALA E 87 -6.91 -46.72 16.12
C ALA E 87 -7.53 -45.51 16.81
N LEU E 88 -8.55 -45.77 17.62
CA LEU E 88 -9.24 -44.74 18.36
C LEU E 88 -8.55 -44.56 19.69
N TYR E 89 -8.19 -43.30 19.99
CA TYR E 89 -7.56 -42.94 21.24
C TYR E 89 -8.35 -41.81 21.85
N LYS E 90 -8.40 -41.78 23.18
CA LYS E 90 -8.84 -40.60 23.90
C LYS E 90 -7.72 -39.60 23.90
N MET E 91 -8.08 -38.32 23.86
CA MET E 91 -7.12 -37.26 23.72
C MET E 91 -7.46 -36.15 24.70
N GLY E 92 -6.42 -35.61 25.32
CA GLY E 92 -6.56 -34.50 26.24
C GLY E 92 -6.12 -33.27 25.50
N GLY E 93 -7.13 -32.50 25.07
CA GLY E 93 -6.90 -31.32 24.28
C GLY E 93 -6.70 -30.13 25.17
N VAL E 94 -5.50 -29.53 25.13
CA VAL E 94 -5.25 -28.38 26.01
C VAL E 94 -5.59 -27.05 25.38
N THR E 95 -6.43 -26.30 26.12
CA THR E 95 -6.87 -24.94 25.81
C THR E 95 -6.76 -24.07 27.03
N GLY E 96 -6.92 -22.78 26.78
CA GLY E 96 -7.36 -21.82 27.79
C GLY E 96 -6.21 -21.40 28.64
N VAL E 97 -5.00 -21.61 28.14
CA VAL E 97 -3.83 -21.34 28.89
C VAL E 97 -3.55 -19.83 28.95
N GLY E 98 -2.97 -19.40 30.06
CA GLY E 98 -2.67 -18.01 30.22
C GLY E 98 -1.98 -17.75 31.51
N THR E 99 -1.06 -16.80 31.50
CA THR E 99 -0.46 -16.26 32.69
C THR E 99 -0.50 -14.72 32.56
N TYR E 100 -1.02 -14.05 33.59
CA TYR E 100 -0.89 -12.59 33.67
C TYR E 100 0.60 -12.32 33.53
N PRO E 101 0.98 -11.40 32.61
CA PRO E 101 2.40 -11.18 32.24
C PRO E 101 3.34 -10.82 33.39
N GLU E 102 2.85 -10.13 34.42
CA GLU E 102 3.57 -10.00 35.70
C GLU E 102 4.30 -11.29 36.07
N TYR E 103 3.54 -12.39 36.05
CA TYR E 103 4.01 -13.66 36.61
C TYR E 103 4.69 -14.57 35.59
N ALA E 104 4.96 -14.02 34.40
CA ALA E 104 5.28 -14.83 33.23
C ALA E 104 6.54 -15.71 33.28
N ASN E 105 7.44 -15.52 34.25
CA ASN E 105 8.73 -16.24 34.19
C ASN E 105 9.16 -16.85 35.51
N HIS E 106 8.20 -17.49 36.19
CA HIS E 106 8.43 -18.20 37.44
C HIS E 106 8.19 -19.70 37.30
N GLY E 107 8.34 -20.23 36.08
CA GLY E 107 8.09 -21.65 35.83
C GLY E 107 6.68 -22.13 36.14
N LEU E 108 5.75 -21.19 36.34
CA LEU E 108 4.39 -21.53 36.76
C LEU E 108 3.71 -22.50 35.83
N MET E 109 3.79 -22.22 34.53
CA MET E 109 3.17 -23.07 33.53
C MET E 109 3.74 -24.49 33.51
N LYS E 110 5.02 -24.67 33.82
CA LYS E 110 5.59 -26.03 33.80
C LYS E 110 4.90 -26.92 34.84
N ASP E 111 4.53 -26.35 35.98
CA ASP E 111 3.84 -27.09 37.05
C ASP E 111 2.41 -27.40 36.67
N LEU E 112 1.71 -26.42 36.12
CA LEU E 112 0.37 -26.61 35.60
C LEU E 112 0.36 -27.70 34.54
N ILE E 113 1.32 -27.66 33.63
CA ILE E 113 1.47 -28.68 32.60
C ILE E 113 1.72 -30.06 33.21
N GLN E 114 2.66 -30.11 34.14
CA GLN E 114 2.92 -31.33 34.91
C GLN E 114 1.60 -31.90 35.50
N THR E 115 0.89 -31.09 36.28
CA THR E 115 -0.46 -31.44 36.78
C THR E 115 -1.44 -31.89 35.69
N ALA E 116 -1.46 -31.18 34.57
CA ALA E 116 -2.30 -31.56 33.44
C ALA E 116 -1.93 -32.95 32.87
N LEU E 117 -0.63 -33.19 32.69
CA LEU E 117 -0.14 -34.49 32.24
C LEU E 117 -0.49 -35.65 33.23
N GLU E 118 -0.28 -35.43 34.53
CA GLU E 118 -0.77 -36.35 35.56
C GLU E 118 -2.26 -36.68 35.37
N GLU E 119 -3.08 -35.64 35.25
CA GLU E 119 -4.52 -35.79 35.09
C GLU E 119 -4.94 -36.51 33.80
N MET E 120 -4.19 -36.28 32.72
CA MET E 120 -4.43 -36.95 31.45
C MET E 120 -4.11 -38.46 31.55
N ARG E 121 -3.03 -38.80 32.24
CA ARG E 121 -2.68 -40.21 32.46
C ARG E 121 -3.76 -40.97 33.25
N GLN E 122 -4.19 -40.38 34.36
CA GLN E 122 -5.36 -40.83 35.12
C GLN E 122 -6.60 -41.11 34.27
N ASP E 123 -6.86 -40.24 33.27
CA ASP E 123 -8.07 -40.37 32.46
C ASP E 123 -7.83 -41.20 31.18
N LYS E 124 -6.66 -41.81 31.10
CA LYS E 124 -6.35 -42.73 30.03
C LYS E 124 -6.38 -42.04 28.67
N GLN E 125 -5.93 -40.79 28.71
CA GLN E 125 -5.68 -39.97 27.52
C GLN E 125 -4.19 -40.07 27.28
N TRP E 126 -3.81 -40.95 26.36
CA TRP E 126 -2.40 -41.21 26.09
C TRP E 126 -1.82 -40.26 25.06
N ILE E 127 -2.68 -39.42 24.50
CA ILE E 127 -2.26 -38.43 23.50
C ILE E 127 -2.94 -37.07 23.81
N SER E 128 -2.18 -36.01 23.60
CA SER E 128 -2.62 -34.64 23.87
C SER E 128 -2.43 -33.76 22.63
N TYR E 129 -3.48 -33.07 22.20
CA TYR E 129 -3.36 -32.12 21.09
C TYR E 129 -3.45 -30.71 21.67
N LEU E 130 -2.77 -29.78 20.99
CA LEU E 130 -2.60 -28.40 21.44
C LEU E 130 -2.53 -27.49 20.19
N PHE E 131 -3.30 -26.39 20.19
CA PHE E 131 -3.08 -25.30 19.21
C PHE E 131 -1.85 -24.50 19.67
N PRO E 132 -0.85 -24.39 18.80
CA PRO E 132 0.37 -23.75 19.21
C PRO E 132 0.25 -22.21 19.23
N TYR E 133 0.29 -21.60 20.40
CA TYR E 133 0.34 -20.14 20.41
C TYR E 133 1.78 -19.72 20.66
N ASN E 134 2.55 -20.53 21.39
CA ASN E 134 4.00 -20.41 21.29
C ASN E 134 4.68 -21.76 21.13
N ILE E 135 4.89 -22.15 19.88
CA ILE E 135 5.55 -23.41 19.53
C ILE E 135 6.80 -23.74 20.36
N PRO E 136 7.77 -22.79 20.46
CA PRO E 136 8.97 -23.08 21.25
C PRO E 136 8.76 -23.33 22.75
N TYR E 137 7.77 -22.71 23.39
CA TYR E 137 7.58 -23.00 24.83
C TYR E 137 6.95 -24.39 24.99
N TYR E 138 5.90 -24.65 24.22
CA TYR E 138 5.31 -25.97 24.17
C TYR E 138 6.26 -27.09 23.71
N ARG E 139 7.01 -26.88 22.63
CA ARG E 139 7.98 -27.90 22.23
C ARG E 139 8.89 -28.26 23.42
N ARG E 140 9.38 -27.23 24.10
CA ARG E 140 10.21 -27.37 25.30
C ARG E 140 9.57 -28.14 26.46
N LYS E 141 8.23 -28.15 26.52
CA LYS E 141 7.50 -28.90 27.55
C LYS E 141 7.05 -30.30 27.07
N GLY E 142 7.46 -30.65 25.85
CA GLY E 142 7.30 -31.99 25.31
C GLY E 142 6.49 -32.14 24.03
N TRP E 143 5.73 -31.11 23.66
CA TRP E 143 4.92 -31.15 22.43
C TRP E 143 5.76 -31.09 21.18
N GLU E 144 5.20 -31.52 20.08
CA GLU E 144 5.80 -31.38 18.77
C GLU E 144 4.68 -31.19 17.76
N ILE E 145 4.97 -30.53 16.66
CA ILE E 145 4.00 -30.37 15.56
C ILE E 145 3.55 -31.72 14.99
N MET E 146 2.23 -31.86 14.89
CA MET E 146 1.58 -33.08 14.39
C MET E 146 1.06 -32.94 12.96
N SER E 147 0.64 -31.72 12.59
CA SER E 147 -0.06 -31.46 11.32
C SER E 147 0.18 -30.05 10.80
N ASP E 148 0.11 -29.91 9.48
CA ASP E 148 0.26 -28.64 8.74
C ASP E 148 -1.09 -28.24 8.15
N LYS E 149 -1.25 -26.92 7.97
CA LYS E 149 -2.37 -26.36 7.21
C LYS E 149 -1.81 -25.68 5.97
N LEU E 150 -2.40 -26.00 4.84
CA LEU E 150 -1.99 -25.42 3.58
C LEU E 150 -3.05 -24.50 3.03
N SER E 151 -2.58 -23.42 2.39
CA SER E 151 -3.46 -22.41 1.84
C SER E 151 -3.04 -22.09 0.42
N PHE E 152 -4.03 -22.01 -0.45
CA PHE E 152 -3.76 -21.90 -1.87
C PHE E 152 -4.66 -20.89 -2.54
N LYS E 153 -4.14 -20.38 -3.64
CA LYS E 153 -4.85 -19.45 -4.50
C LYS E 153 -4.63 -19.93 -5.93
N ILE E 154 -5.70 -20.30 -6.60
CA ILE E 154 -5.63 -20.65 -8.01
C ILE E 154 -6.55 -19.75 -8.88
N ARG E 155 -5.92 -19.08 -9.83
CA ARG E 155 -6.61 -18.27 -10.84
C ARG E 155 -7.65 -19.07 -11.62
N ASP E 156 -8.73 -18.40 -12.02
CA ASP E 156 -9.79 -19.01 -12.83
C ASP E 156 -9.25 -19.76 -14.04
N THR E 157 -8.18 -19.19 -14.53
CA THR E 157 -7.50 -19.52 -15.74
C THR E 157 -6.61 -20.78 -15.55
N GLN E 158 -6.30 -21.13 -14.30
CA GLN E 158 -5.56 -22.34 -13.98
C GLN E 158 -6.44 -23.47 -13.43
N LEU E 159 -7.76 -23.31 -13.47
CA LEU E 159 -8.64 -24.33 -12.92
C LEU E 159 -8.46 -25.69 -13.62
N PRO E 160 -8.68 -26.80 -12.89
CA PRO E 160 -8.56 -28.13 -13.51
C PRO E 160 -9.68 -28.44 -14.52
N LYS E 161 -9.32 -29.08 -15.63
CA LYS E 161 -10.31 -29.44 -16.64
C LYS E 161 -11.21 -30.53 -16.08
N THR E 162 -12.50 -30.42 -16.36
CA THR E 162 -13.49 -31.43 -15.98
C THR E 162 -12.99 -32.85 -16.20
N VAL E 163 -12.85 -33.60 -15.12
CA VAL E 163 -12.54 -35.04 -15.15
C VAL E 163 -13.85 -35.83 -15.13
N PRO E 164 -14.06 -36.74 -16.10
CA PRO E 164 -15.34 -37.45 -16.20
C PRO E 164 -15.57 -38.44 -15.05
N VAL E 165 -16.73 -38.34 -14.40
CA VAL E 165 -17.08 -39.22 -13.27
C VAL E 165 -18.53 -39.69 -13.38
N PRO E 166 -18.84 -40.87 -12.82
CA PRO E 166 -20.19 -41.46 -12.93
C PRO E 166 -21.22 -40.98 -11.89
N GLY E 167 -20.79 -40.18 -10.91
CA GLY E 167 -21.70 -39.73 -9.84
C GLY E 167 -22.24 -38.34 -10.09
N MET E 168 -22.90 -37.74 -9.10
CA MET E 168 -23.25 -36.32 -9.22
C MET E 168 -23.30 -35.54 -7.91
N ILE E 169 -23.19 -34.21 -8.01
CA ILE E 169 -23.09 -33.33 -6.83
C ILE E 169 -24.45 -32.76 -6.45
N GLU E 170 -24.61 -32.38 -5.19
CA GLU E 170 -25.77 -31.64 -4.75
C GLU E 170 -25.39 -30.59 -3.72
N ARG E 171 -25.99 -29.42 -3.81
CA ARG E 171 -25.83 -28.40 -2.80
C ARG E 171 -26.72 -28.81 -1.64
N LEU E 172 -26.12 -29.11 -0.48
CA LEU E 172 -26.90 -29.35 0.72
C LEU E 172 -26.53 -28.30 1.77
N ALA E 173 -27.31 -28.25 2.85
CA ALA E 173 -26.94 -27.48 4.03
C ALA E 173 -25.75 -28.20 4.68
N VAL E 174 -24.95 -27.44 5.46
CA VAL E 174 -23.75 -27.99 6.10
C VAL E 174 -24.03 -28.94 7.27
N ASP E 175 -25.27 -28.96 7.74
CA ASP E 175 -25.70 -29.91 8.75
C ASP E 175 -26.60 -30.99 8.17
N HIS E 176 -26.55 -31.18 6.85
CA HIS E 176 -27.21 -32.33 6.23
C HIS E 176 -26.59 -33.65 6.78
N PRO E 177 -27.44 -34.65 7.05
CA PRO E 177 -27.03 -35.99 7.48
C PRO E 177 -25.86 -36.63 6.72
N ASP E 178 -25.81 -36.38 5.41
CA ASP E 178 -24.79 -36.99 4.58
C ASP E 178 -23.41 -36.35 4.79
N VAL E 179 -23.40 -35.15 5.38
CA VAL E 179 -22.15 -34.46 5.70
C VAL E 179 -21.50 -35.15 6.90
N PHE E 180 -22.29 -35.34 7.95
CA PHE E 180 -21.86 -36.05 9.17
C PHE E 180 -21.41 -37.47 8.88
N ASP E 181 -22.13 -38.12 7.96
CA ASP E 181 -21.88 -39.51 7.58
C ASP E 181 -20.59 -39.65 6.79
N VAL E 182 -20.40 -38.81 5.79
CA VAL E 182 -19.13 -38.81 5.07
C VAL E 182 -17.97 -38.57 6.07
N TYR E 183 -18.10 -37.56 6.93
CA TYR E 183 -17.01 -37.23 7.81
C TYR E 183 -16.69 -38.33 8.82
N ALA E 184 -17.73 -38.92 9.40
CA ALA E 184 -17.58 -40.05 10.33
C ALA E 184 -16.70 -41.15 9.73
N ARG E 185 -16.97 -41.50 8.48
CA ARG E 185 -16.15 -42.44 7.73
C ARG E 185 -14.76 -41.87 7.41
N PHE E 186 -14.69 -40.61 7.03
CA PHE E 186 -13.40 -39.99 6.71
C PHE E 186 -12.43 -39.97 7.92
N ALA E 187 -12.98 -39.67 9.09
CA ALA E 187 -12.22 -39.55 10.31
C ALA E 187 -11.64 -40.89 10.75
N ARG E 188 -12.29 -41.99 10.38
CA ARG E 188 -11.83 -43.33 10.75
C ARG E 188 -10.85 -43.92 9.76
N GLN E 189 -10.67 -43.29 8.60
CA GLN E 189 -9.65 -43.78 7.68
C GLN E 189 -8.58 -42.77 7.33
N ASN E 190 -8.52 -41.72 8.12
CA ASN E 190 -7.51 -40.70 7.94
C ASN E 190 -6.87 -40.39 9.26
N HIS E 191 -5.57 -40.66 9.33
CA HIS E 191 -4.78 -40.49 10.53
C HIS E 191 -4.84 -39.07 11.03
N GLY E 192 -5.01 -38.93 12.35
CA GLY E 192 -4.98 -37.64 13.01
C GLY E 192 -6.34 -37.06 13.38
N ALA E 193 -7.38 -37.45 12.66
CA ALA E 193 -8.66 -36.71 12.68
C ALA E 193 -9.39 -36.81 14.00
N LEU E 194 -10.04 -35.72 14.40
CA LEU E 194 -10.94 -35.76 15.54
C LEU E 194 -12.18 -36.56 15.19
N ILE E 195 -12.60 -37.43 16.11
CA ILE E 195 -13.88 -38.11 15.97
C ILE E 195 -14.93 -37.18 16.56
N ARG E 196 -15.84 -36.71 15.71
CA ARG E 196 -16.73 -35.61 16.09
C ARG E 196 -18.08 -36.09 16.61
N SER E 197 -18.43 -35.57 17.79
CA SER E 197 -19.81 -35.60 18.27
C SER E 197 -20.64 -34.50 17.58
N ALA E 198 -21.93 -34.48 17.88
CA ALA E 198 -22.79 -33.36 17.49
C ALA E 198 -22.23 -32.03 18.02
N PHE E 199 -21.70 -32.06 19.24
CA PHE E 199 -21.17 -30.87 19.87
C PHE E 199 -19.88 -30.37 19.21
N ASN E 200 -19.01 -31.30 18.80
CA ASN E 200 -17.79 -30.95 18.07
C ASN E 200 -18.14 -30.27 16.76
N TRP E 201 -19.13 -30.85 16.10
CA TRP E 201 -19.60 -30.33 14.85
C TRP E 201 -20.19 -28.94 14.99
N GLU E 202 -20.78 -28.63 16.13
CA GLU E 202 -21.35 -27.30 16.28
C GLU E 202 -20.27 -26.26 16.63
N GLU E 203 -19.25 -26.63 17.41
CA GLU E 203 -18.05 -25.80 17.58
C GLU E 203 -17.36 -25.50 16.26
N TYR E 204 -17.22 -26.54 15.43
CA TYR E 204 -16.55 -26.39 14.14
C TYR E 204 -17.12 -25.17 13.41
N TRP E 205 -18.45 -25.07 13.42
CA TRP E 205 -19.16 -24.05 12.67
C TRP E 205 -19.45 -22.73 13.40
N ARG E 206 -19.16 -22.63 14.70
CA ARG E 206 -19.73 -21.52 15.49
C ARG E 206 -19.21 -20.10 15.16
N PHE E 207 -18.14 -19.98 14.37
CA PHE E 207 -17.58 -18.65 14.02
C PHE E 207 -18.00 -18.12 12.66
N GLU E 208 -19.08 -18.67 12.13
CA GLU E 208 -19.54 -18.39 10.78
C GLU E 208 -21.04 -18.64 10.68
N ASN E 209 -21.68 -17.97 9.74
CA ASN E 209 -23.11 -18.13 9.54
C ASN E 209 -23.22 -19.30 8.57
N GLU E 210 -23.80 -20.37 9.08
CA GLU E 210 -23.72 -21.67 8.44
C GLU E 210 -24.72 -21.84 7.30
N GLU E 211 -25.68 -20.91 7.19
CA GLU E 211 -26.48 -20.82 5.96
C GLU E 211 -25.78 -19.92 4.94
N GLU E 212 -24.90 -19.02 5.40
CA GLU E 212 -23.91 -18.35 4.52
C GLU E 212 -22.79 -19.31 4.02
N ARG E 213 -23.09 -20.59 3.87
CA ARG E 213 -22.11 -21.64 3.56
C ARG E 213 -22.89 -22.82 3.06
N THR E 214 -22.34 -23.54 2.08
CA THR E 214 -23.03 -24.68 1.53
C THR E 214 -22.11 -25.91 1.45
N ALA E 215 -22.71 -27.08 1.36
CA ALA E 215 -21.98 -28.33 1.24
C ALA E 215 -22.24 -29.00 -0.10
N ALA E 216 -21.28 -28.86 -1.01
CA ALA E 216 -21.31 -29.66 -2.23
C ALA E 216 -20.93 -31.08 -1.86
N VAL E 217 -21.93 -31.95 -1.79
CA VAL E 217 -21.72 -33.35 -1.47
C VAL E 217 -21.78 -34.11 -2.76
N TYR E 218 -20.75 -34.91 -3.03
CA TYR E 218 -20.71 -35.74 -4.22
C TYR E 218 -21.16 -37.15 -3.90
N TYR E 219 -21.95 -37.71 -4.81
CA TYR E 219 -22.56 -39.01 -4.65
C TYR E 219 -22.06 -39.90 -5.75
N GLY E 220 -21.81 -41.17 -5.42
CA GLY E 220 -21.35 -42.13 -6.41
C GLY E 220 -22.49 -42.69 -7.24
N ALA E 221 -22.16 -43.68 -8.07
CA ALA E 221 -23.15 -44.33 -8.93
C ALA E 221 -24.29 -44.99 -8.15
N ASN E 222 -24.01 -45.56 -6.97
CA ASN E 222 -25.07 -46.14 -6.14
C ASN E 222 -25.53 -45.24 -5.00
N GLN E 223 -25.54 -43.93 -5.22
CA GLN E 223 -26.17 -42.97 -4.29
C GLN E 223 -25.50 -42.73 -2.93
N GLU E 224 -24.34 -43.35 -2.69
CA GLU E 224 -23.65 -43.14 -1.41
C GLU E 224 -22.78 -41.88 -1.48
N PRO E 225 -22.91 -41.00 -0.47
CA PRO E 225 -22.07 -39.82 -0.42
C PRO E 225 -20.62 -40.18 -0.10
N LEU E 226 -19.72 -39.71 -0.95
CA LEU E 226 -18.30 -40.04 -0.85
C LEU E 226 -17.41 -38.85 -0.52
N GLY E 227 -17.95 -37.64 -0.49
CA GLY E 227 -17.13 -36.43 -0.41
C GLY E 227 -17.91 -35.15 -0.21
N VAL E 228 -17.28 -34.18 0.44
CA VAL E 228 -17.94 -32.98 0.91
C VAL E 228 -17.02 -31.77 0.77
N LEU E 229 -17.56 -30.72 0.15
CA LEU E 229 -16.87 -29.45 -0.02
C LEU E 229 -17.65 -28.35 0.70
N PHE E 230 -17.00 -27.65 1.62
CA PHE E 230 -17.58 -26.48 2.29
C PHE E 230 -17.07 -25.23 1.59
N TYR E 231 -18.00 -24.41 1.09
CA TYR E 231 -17.61 -23.25 0.29
C TYR E 231 -18.66 -22.15 0.29
N TRP E 232 -18.21 -20.98 -0.15
CA TRP E 232 -19.07 -19.86 -0.48
C TRP E 232 -18.39 -19.00 -1.55
N VAL E 233 -19.17 -18.17 -2.25
CA VAL E 233 -18.62 -17.21 -3.23
C VAL E 233 -18.85 -15.79 -2.73
N ALA E 234 -17.82 -14.96 -2.80
CA ALA E 234 -17.93 -13.59 -2.38
C ALA E 234 -16.80 -12.74 -2.99
N ASP E 235 -17.19 -11.58 -3.54
CA ASP E 235 -16.31 -10.67 -4.28
C ASP E 235 -15.58 -11.39 -5.39
N GLU E 236 -16.34 -12.20 -6.13
CA GLU E 236 -15.81 -12.94 -7.29
C GLU E 236 -14.59 -13.83 -6.95
N VAL E 237 -14.67 -14.41 -5.75
CA VAL E 237 -13.74 -15.42 -5.28
C VAL E 237 -14.56 -16.65 -4.84
N PHE E 238 -14.12 -17.84 -5.28
CA PHE E 238 -14.68 -19.09 -4.76
C PHE E 238 -13.86 -19.49 -3.51
N HIS E 239 -14.51 -19.42 -2.34
CA HIS E 239 -13.84 -19.77 -1.07
C HIS E 239 -14.12 -21.21 -0.67
N ILE E 240 -13.04 -21.94 -0.43
CA ILE E 240 -13.13 -23.31 0.05
C ILE E 240 -12.73 -23.35 1.51
N LYS E 241 -13.70 -23.55 2.40
CA LYS E 241 -13.37 -23.70 3.81
C LYS E 241 -12.53 -24.99 3.95
N GLU E 242 -13.10 -26.09 3.48
CA GLU E 242 -12.30 -27.26 3.15
C GLU E 242 -13.09 -28.24 2.32
N MET E 243 -12.38 -29.24 1.82
CA MET E 243 -13.02 -30.44 1.30
C MET E 243 -12.34 -31.67 1.94
N PHE E 244 -13.12 -32.71 2.17
CA PHE E 244 -12.61 -34.02 2.56
C PHE E 244 -13.36 -35.01 1.73
N TYR E 245 -12.67 -36.07 1.34
CA TYR E 245 -13.24 -37.11 0.47
C TYR E 245 -12.71 -38.50 0.82
N LEU E 246 -13.48 -39.52 0.43
CA LEU E 246 -13.16 -40.91 0.73
C LEU E 246 -12.33 -41.55 -0.36
N ASN E 247 -12.49 -41.10 -1.60
CA ASN E 247 -11.67 -41.58 -2.71
C ASN E 247 -11.35 -40.46 -3.69
N GLN E 248 -10.57 -40.81 -4.72
CA GLN E 248 -10.16 -39.87 -5.75
C GLN E 248 -11.27 -39.52 -6.70
N GLU E 249 -12.19 -40.46 -6.94
CA GLU E 249 -13.33 -40.20 -7.81
C GLU E 249 -14.16 -39.04 -7.24
N ALA E 250 -14.24 -38.94 -5.93
CA ALA E 250 -15.02 -37.91 -5.29
C ALA E 250 -14.27 -36.58 -5.39
N ARG E 251 -12.96 -36.62 -5.13
CA ARG E 251 -12.11 -35.46 -5.27
C ARG E 251 -12.27 -34.85 -6.67
N ASN E 252 -12.22 -35.70 -7.69
CA ASN E 252 -12.40 -35.27 -9.07
C ASN E 252 -13.77 -34.65 -9.26
N GLY E 253 -14.78 -35.34 -8.75
CA GLY E 253 -16.15 -34.87 -8.77
C GLY E 253 -16.38 -33.51 -8.15
N LEU E 254 -15.68 -33.21 -7.07
CA LEU E 254 -15.83 -31.92 -6.39
C LEU E 254 -15.09 -30.80 -7.12
N TRP E 255 -14.02 -31.14 -7.80
CA TRP E 255 -13.27 -30.15 -8.55
C TRP E 255 -14.02 -29.81 -9.85
N ASN E 256 -14.63 -30.81 -10.47
CA ASN E 256 -15.53 -30.56 -11.60
C ASN E 256 -16.52 -29.44 -11.27
N PHE E 257 -17.17 -29.59 -10.12
CA PHE E 257 -18.12 -28.63 -9.59
C PHE E 257 -17.48 -27.25 -9.40
N ILE E 258 -16.30 -27.24 -8.79
CA ILE E 258 -15.57 -26.00 -8.54
C ILE E 258 -15.26 -25.27 -9.83
N THR E 259 -14.76 -25.97 -10.85
CA THR E 259 -14.37 -25.29 -12.09
C THR E 259 -15.56 -24.89 -12.95
N ALA E 260 -16.72 -25.48 -12.70
CA ALA E 260 -17.97 -25.00 -13.29
C ALA E 260 -18.36 -23.56 -12.85
N HIS E 261 -17.64 -23.00 -11.87
CA HIS E 261 -17.93 -21.66 -11.36
C HIS E 261 -17.00 -20.61 -11.97
N PHE E 262 -16.20 -21.02 -12.95
CA PHE E 262 -15.32 -20.12 -13.74
C PHE E 262 -15.98 -18.79 -14.17
N SER E 263 -17.23 -18.84 -14.61
CA SER E 263 -17.95 -17.66 -15.11
C SER E 263 -18.30 -16.68 -13.97
N MET E 264 -18.25 -17.21 -12.75
CA MET E 264 -18.66 -16.50 -11.56
C MET E 264 -17.44 -15.89 -10.84
N VAL E 265 -16.21 -16.34 -11.14
CA VAL E 265 -15.05 -16.01 -10.27
C VAL E 265 -13.72 -15.78 -10.99
N TYR E 266 -12.83 -14.99 -10.37
CA TYR E 266 -11.45 -14.79 -10.85
C TYR E 266 -10.44 -15.72 -10.19
N TRP E 267 -10.71 -16.09 -8.94
CA TRP E 267 -9.79 -16.89 -8.12
C TRP E 267 -10.54 -17.93 -7.35
N VAL E 268 -9.86 -19.04 -7.07
CA VAL E 268 -10.31 -19.99 -6.08
C VAL E 268 -9.32 -19.98 -4.94
N LYS E 269 -9.85 -19.86 -3.72
CA LYS E 269 -9.04 -19.75 -2.52
C LYS E 269 -9.51 -20.77 -1.49
N GLY E 270 -8.56 -21.40 -0.83
CA GLY E 270 -8.88 -22.49 0.09
C GLY E 270 -7.78 -22.92 1.03
N ASP E 271 -8.17 -23.80 1.95
CA ASP E 271 -7.25 -24.45 2.85
C ASP E 271 -7.38 -25.97 2.78
N ILE E 272 -6.25 -26.63 3.04
CA ILE E 272 -6.19 -28.08 3.25
C ILE E 272 -5.56 -28.30 4.63
N TYR E 273 -6.24 -29.08 5.47
CA TYR E 273 -5.80 -29.35 6.85
C TYR E 273 -4.95 -30.64 6.95
N LYS E 274 -4.07 -30.80 5.98
CA LYS E 274 -3.22 -31.98 5.84
C LYS E 274 -2.02 -31.50 5.09
N ASN E 275 -0.83 -31.97 5.44
CA ASN E 275 0.34 -31.65 4.63
C ASN E 275 0.31 -32.40 3.29
N GLU E 276 -0.52 -31.92 2.36
CA GLU E 276 -0.69 -32.53 1.04
C GLU E 276 -0.89 -31.47 -0.03
N PRO E 277 0.21 -30.98 -0.61
CA PRO E 277 0.15 -29.92 -1.63
C PRO E 277 -0.84 -30.19 -2.76
N LEU E 278 -1.58 -29.15 -3.12
CA LEU E 278 -2.59 -29.22 -4.16
C LEU E 278 -2.03 -29.26 -5.59
N ALA E 279 -1.02 -28.44 -5.86
CA ALA E 279 -0.39 -28.33 -7.18
C ALA E 279 -0.09 -29.67 -7.81
N PHE E 280 0.58 -30.54 -7.07
CA PHE E 280 0.97 -31.84 -7.55
C PHE E 280 -0.21 -32.67 -8.08
N LEU E 281 -1.40 -32.47 -7.49
CA LEU E 281 -2.67 -33.05 -7.99
C LEU E 281 -3.37 -32.28 -9.14
N LEU E 282 -2.78 -31.23 -9.69
CA LEU E 282 -3.45 -30.43 -10.75
C LEU E 282 -2.50 -30.00 -11.90
N GLU E 283 -3.09 -29.61 -13.05
CA GLU E 283 -2.36 -29.48 -14.32
C GLU E 283 -1.33 -28.34 -14.29
N ASP E 284 -1.78 -27.14 -13.91
CA ASP E 284 -0.86 -26.04 -13.60
C ASP E 284 -0.49 -26.10 -12.14
N SER E 285 0.79 -26.40 -11.88
CA SER E 285 1.36 -26.48 -10.53
C SER E 285 2.10 -25.21 -10.08
N GLN E 286 2.30 -24.25 -10.99
CA GLN E 286 2.90 -22.98 -10.62
C GLN E 286 1.86 -22.12 -9.93
N ILE E 287 1.31 -22.65 -8.82
CA ILE E 287 0.24 -21.96 -8.11
C ILE E 287 0.76 -21.53 -6.77
N LYS E 288 0.05 -20.56 -6.21
CA LYS E 288 0.45 -19.92 -4.98
C LYS E 288 -0.16 -20.78 -3.88
N GLU E 289 0.71 -21.43 -3.11
CA GLU E 289 0.30 -22.08 -1.86
C GLU E 289 1.37 -22.02 -0.78
N SER E 290 0.91 -21.88 0.46
CA SER E 290 1.80 -21.81 1.61
C SER E 290 1.44 -22.87 2.66
N ILE E 291 2.41 -23.15 3.51
CA ILE E 291 2.30 -24.22 4.49
C ILE E 291 2.74 -23.71 5.84
N GLU E 292 1.93 -23.99 6.86
CA GLU E 292 2.32 -23.67 8.25
C GLU E 292 1.85 -24.72 9.26
N PRO E 293 2.67 -25.00 10.28
CA PRO E 293 2.20 -25.79 11.42
C PRO E 293 0.78 -25.40 11.88
N TYR E 294 -0.13 -26.37 11.92
CA TYR E 294 -1.49 -26.13 12.40
C TYR E 294 -1.67 -26.59 13.87
N TYR E 295 -1.38 -27.85 14.17
CA TYR E 295 -1.50 -28.36 15.54
C TYR E 295 -0.23 -29.02 16.05
N MET E 296 -0.06 -29.03 17.37
CA MET E 296 0.91 -29.87 18.06
C MET E 296 0.23 -31.08 18.74
N ALA E 297 1.04 -32.09 19.02
CA ALA E 297 0.61 -33.25 19.77
C ALA E 297 1.77 -33.69 20.67
N ARG E 298 1.41 -34.45 21.70
CA ARG E 298 2.37 -34.95 22.69
C ARG E 298 1.94 -36.33 23.18
N ILE E 299 2.87 -37.27 23.26
CA ILE E 299 2.61 -38.53 23.96
C ILE E 299 2.56 -38.23 25.45
N VAL E 300 1.45 -38.64 26.06
CA VAL E 300 1.22 -38.48 27.51
C VAL E 300 1.91 -39.62 28.27
N ASP E 301 1.61 -40.86 27.89
CA ASP E 301 2.19 -42.08 28.52
C ASP E 301 2.79 -42.93 27.40
N VAL E 302 4.11 -43.09 27.42
CA VAL E 302 4.79 -43.84 26.37
C VAL E 302 4.34 -45.31 26.29
N LYS E 303 4.37 -46.00 27.43
CA LYS E 303 4.01 -47.42 27.49
C LYS E 303 2.60 -47.66 27.02
N ALA E 304 1.68 -46.86 27.55
CA ALA E 304 0.28 -47.07 27.33
C ALA E 304 -0.07 -46.74 25.92
N PHE E 305 0.58 -45.73 25.36
CA PHE E 305 0.37 -45.35 24.00
C PHE E 305 0.89 -46.33 22.98
N LEU E 306 2.12 -46.79 23.17
CA LEU E 306 2.70 -47.76 22.28
C LEU E 306 2.00 -49.10 22.29
N GLU E 307 1.43 -49.46 23.41
CA GLU E 307 0.74 -50.70 23.51
C GLU E 307 -0.61 -50.73 22.84
N ASN E 308 -1.15 -49.56 22.56
CA ASN E 308 -2.36 -49.43 21.73
C ASN E 308 -2.10 -49.06 20.27
N PHE E 309 -0.84 -48.96 19.92
CA PHE E 309 -0.46 -48.38 18.65
C PHE E 309 -0.49 -49.40 17.51
N PRO E 310 -1.21 -49.07 16.42
CA PRO E 310 -1.35 -49.99 15.30
C PRO E 310 -0.10 -50.04 14.42
N PHE E 311 0.96 -50.64 14.95
CA PHE E 311 2.16 -50.87 14.17
C PHE E 311 1.77 -51.57 12.86
N GLU E 312 2.47 -51.17 11.79
CA GLU E 312 2.13 -51.63 10.45
C GLU E 312 2.83 -52.94 10.11
N SER E 313 3.75 -53.36 10.97
CA SER E 313 4.55 -54.52 10.72
C SER E 313 5.23 -54.91 12.01
N THR E 314 6.17 -55.84 11.91
CA THR E 314 6.81 -56.50 13.03
C THR E 314 8.30 -56.29 12.87
N ALA E 315 9.04 -56.44 13.96
CA ALA E 315 10.46 -56.31 13.87
C ALA E 315 11.20 -57.08 14.94
N LYS E 316 12.47 -57.34 14.63
CA LYS E 316 13.45 -57.84 15.59
C LYS E 316 13.36 -56.98 16.84
N PRO E 317 13.26 -57.61 18.03
CA PRO E 317 13.17 -56.79 19.23
C PRO E 317 14.23 -55.70 19.37
N PHE E 318 13.79 -54.54 19.86
CA PHE E 318 14.66 -53.38 20.06
C PHE E 318 14.01 -52.52 21.16
N HIS E 319 14.71 -51.51 21.65
CA HIS E 319 14.10 -50.63 22.63
C HIS E 319 14.32 -49.14 22.32
N PHE E 320 13.38 -48.33 22.81
CA PHE E 320 13.53 -46.89 22.92
C PHE E 320 14.14 -46.50 24.27
N VAL E 321 15.08 -45.55 24.25
CA VAL E 321 15.52 -44.87 25.45
C VAL E 321 15.02 -43.44 25.28
N VAL E 322 14.06 -43.07 26.13
CA VAL E 322 13.32 -41.83 26.00
C VAL E 322 13.69 -40.83 27.08
N LYS E 323 13.81 -39.59 26.66
CA LYS E 323 14.03 -38.47 27.54
C LYS E 323 12.74 -37.65 27.47
N ASP E 324 12.12 -37.44 28.63
CA ASP E 324 10.94 -36.57 28.74
C ASP E 324 11.26 -35.51 29.80
N PRO E 325 11.12 -34.21 29.44
CA PRO E 325 11.44 -33.12 30.36
C PRO E 325 10.39 -32.79 31.42
N VAL E 326 9.19 -33.37 31.37
CA VAL E 326 8.15 -33.02 32.34
C VAL E 326 7.57 -34.24 33.05
N ALA E 327 7.35 -35.31 32.29
CA ALA E 327 6.68 -36.51 32.81
C ALA E 327 7.70 -37.61 33.12
N GLU E 328 7.94 -37.79 34.42
CA GLU E 328 8.90 -38.77 34.97
C GLU E 328 8.73 -40.16 34.39
N TRP E 329 7.48 -40.58 34.23
CA TRP E 329 7.12 -41.95 33.85
C TRP E 329 7.40 -42.24 32.38
N ASN E 330 7.80 -41.21 31.63
CA ASN E 330 8.15 -41.35 30.21
C ASN E 330 9.65 -41.40 29.98
N ASN E 331 10.40 -41.36 31.08
CA ASN E 331 11.84 -41.44 31.02
C ASN E 331 12.32 -42.87 31.15
N GLY E 332 13.06 -43.35 30.17
CA GLY E 332 13.70 -44.62 30.29
C GLY E 332 13.47 -45.53 29.12
N ILE E 333 13.49 -46.83 29.43
CA ILE E 333 13.55 -47.89 28.43
C ILE E 333 12.16 -48.41 28.12
N PHE E 334 11.89 -48.51 26.83
CA PHE E 334 10.68 -49.08 26.34
C PHE E 334 11.06 -50.10 25.27
N GLY E 335 10.98 -51.38 25.67
CA GLY E 335 11.31 -52.51 24.79
C GLY E 335 10.08 -52.93 24.01
N LEU E 336 10.28 -53.30 22.75
CA LEU E 336 9.18 -53.81 21.89
C LEU E 336 9.47 -55.24 21.36
N ILE E 337 8.47 -56.11 21.50
CA ILE E 337 8.52 -57.48 20.98
C ILE E 337 7.14 -57.88 20.46
N TRP E 338 7.12 -58.57 19.31
CA TRP E 338 5.88 -59.10 18.73
C TRP E 338 5.80 -60.61 18.86
N ASP E 339 4.60 -61.12 19.15
CA ASP E 339 4.38 -62.56 19.15
C ASP E 339 4.18 -63.13 17.71
N GLU E 340 3.89 -64.43 17.61
CA GLU E 340 3.73 -65.10 16.32
C GLU E 340 2.54 -64.50 15.54
N ASN E 341 1.54 -63.97 16.22
CA ASN E 341 0.43 -63.26 15.56
C ASN E 341 0.49 -61.73 15.65
N ASP E 342 1.70 -61.17 15.61
CA ASP E 342 1.95 -59.73 15.51
C ASP E 342 1.33 -58.83 16.59
N GLN E 343 0.96 -59.40 17.74
CA GLN E 343 0.61 -58.60 18.91
C GLN E 343 1.92 -58.15 19.56
N VAL E 344 2.06 -56.85 19.78
CA VAL E 344 3.19 -56.26 20.48
C VAL E 344 3.00 -56.41 21.99
N THR E 345 4.10 -56.50 22.73
CA THR E 345 4.09 -56.12 24.15
C THR E 345 5.25 -55.14 24.41
N ILE E 346 5.03 -54.25 25.38
CA ILE E 346 5.97 -53.17 25.69
C ILE E 346 6.58 -53.48 27.04
N THR E 347 7.90 -53.60 27.07
CA THR E 347 8.65 -54.00 28.26
C THR E 347 9.51 -52.84 28.74
N ASP E 348 9.99 -52.96 29.97
CA ASP E 348 11.05 -52.08 30.48
C ASP E 348 12.45 -52.73 30.37
N GLU E 349 12.63 -53.62 29.40
CA GLU E 349 13.86 -54.38 29.23
C GLU E 349 14.58 -53.89 27.98
N PRO E 350 15.86 -53.50 28.08
CA PRO E 350 16.57 -53.08 26.87
C PRO E 350 16.81 -54.23 25.86
N LEU E 351 15.71 -54.80 25.38
CA LEU E 351 15.73 -55.76 24.30
C LEU E 351 16.52 -55.19 23.14
N GLY E 352 17.58 -55.89 22.74
CA GLY E 352 18.29 -55.58 21.49
C GLY E 352 18.85 -54.17 21.39
N THR E 353 18.73 -53.56 20.22
CA THR E 353 19.44 -52.32 19.95
C THR E 353 18.67 -51.08 20.45
N ALA E 354 19.41 -50.12 20.98
CA ALA E 354 18.83 -48.95 21.57
C ALA E 354 18.53 -47.88 20.51
N VAL E 355 17.43 -47.17 20.73
CA VAL E 355 17.02 -46.04 19.91
C VAL E 355 16.82 -44.86 20.85
N HIS E 356 17.77 -43.93 20.85
CA HIS E 356 17.73 -42.77 21.72
C HIS E 356 17.05 -41.61 21.04
N LEU E 357 16.09 -41.00 21.76
CA LEU E 357 15.34 -39.86 21.28
C LEU E 357 14.58 -39.24 22.46
N ASP E 358 14.21 -37.98 22.31
CA ASP E 358 13.37 -37.32 23.30
C ASP E 358 11.87 -37.55 23.02
N ILE E 359 11.03 -37.08 23.90
CA ILE E 359 9.59 -37.32 23.78
C ILE E 359 8.98 -36.55 22.59
N GLN E 360 9.57 -35.41 22.26
CA GLN E 360 9.15 -34.60 21.14
C GLN E 360 9.34 -35.39 19.87
N THR E 361 10.47 -36.06 19.70
CA THR E 361 10.72 -36.75 18.42
C THR E 361 10.03 -38.12 18.33
N LEU E 362 9.64 -38.67 19.48
CA LEU E 362 8.90 -39.92 19.52
C LEU E 362 7.46 -39.68 19.09
N THR E 363 6.92 -38.58 19.60
CA THR E 363 5.63 -38.08 19.18
C THR E 363 5.62 -37.77 17.69
N CYS E 364 6.66 -37.10 17.23
CA CYS E 364 6.82 -36.84 15.80
C CYS E 364 6.80 -38.13 14.97
N LEU E 365 7.44 -39.20 15.49
CA LEU E 365 7.40 -40.52 14.83
C LEU E 365 6.00 -41.11 14.77
N VAL E 366 5.32 -41.19 15.91
CA VAL E 366 3.99 -41.84 15.96
C VAL E 366 2.92 -41.05 15.21
N MET E 367 3.09 -39.73 15.12
CA MET E 367 2.18 -38.88 14.35
C MET E 367 2.60 -38.75 12.87
N ASN E 368 3.77 -39.26 12.53
CA ASN E 368 4.32 -39.26 11.16
C ASN E 368 4.51 -37.85 10.58
N TYR E 369 4.78 -36.89 11.45
CA TYR E 369 5.04 -35.55 10.95
C TYR E 369 6.32 -35.52 10.15
N ARG E 370 7.28 -36.31 10.58
CA ARG E 370 8.49 -36.64 9.82
C ARG E 370 8.75 -38.13 9.90
N ARG E 371 9.42 -38.66 8.88
CA ARG E 371 9.79 -40.07 8.89
C ARG E 371 11.13 -40.32 9.58
N PRO E 372 11.33 -41.55 10.07
CA PRO E 372 12.56 -41.93 10.80
C PRO E 372 13.85 -41.58 10.03
N SER E 373 13.84 -41.81 8.73
CA SER E 373 14.95 -41.46 7.87
C SER E 373 15.42 -40.01 8.10
N TYR E 374 14.51 -39.05 7.99
CA TYR E 374 14.84 -37.63 8.23
C TYR E 374 15.33 -37.30 9.68
N LEU E 375 14.64 -37.85 10.68
CA LEU E 375 14.94 -37.54 12.09
C LEU E 375 16.30 -38.05 12.49
N HIS E 376 16.68 -39.20 11.93
CA HIS E 376 18.01 -39.76 12.10
C HIS E 376 19.06 -38.86 11.42
N ARG E 377 18.76 -38.49 10.18
CA ARG E 377 19.66 -37.65 9.39
C ARG E 377 20.04 -36.36 10.10
N ILE E 378 19.09 -35.75 10.82
CA ILE E 378 19.31 -34.49 11.48
C ILE E 378 19.56 -34.66 12.93
N GLU E 379 19.93 -35.87 13.31
CA GLU E 379 20.53 -36.20 14.59
C GLU E 379 19.55 -36.15 15.72
N ARG E 380 18.36 -36.60 15.46
CA ARG E 380 17.30 -36.50 16.40
C ARG E 380 16.95 -37.89 16.91
N ILE E 381 17.28 -38.90 16.13
CA ILE E 381 17.23 -40.28 16.53
C ILE E 381 18.67 -40.83 16.51
N ASP E 382 19.15 -41.35 17.65
CA ASP E 382 20.44 -42.10 17.73
C ASP E 382 20.19 -43.62 17.70
N THR E 383 20.45 -44.26 16.56
CA THR E 383 20.43 -45.72 16.42
C THR E 383 21.19 -46.16 15.18
N ASP E 384 21.19 -47.46 14.88
CA ASP E 384 21.86 -47.99 13.70
C ASP E 384 20.92 -48.20 12.50
N LYS E 385 21.50 -48.48 11.33
CA LYS E 385 20.74 -48.55 10.08
C LYS E 385 19.70 -49.66 10.11
N GLU E 386 20.08 -50.78 10.70
CA GLU E 386 19.19 -51.93 10.84
C GLU E 386 17.93 -51.57 11.59
N THR E 387 18.10 -51.02 12.79
CA THR E 387 16.97 -50.63 13.63
C THR E 387 16.14 -49.48 12.97
N LEU E 388 16.84 -48.56 12.31
CA LEU E 388 16.22 -47.52 11.51
C LEU E 388 15.27 -48.10 10.49
N ASN E 389 15.67 -49.19 9.84
CA ASN E 389 14.80 -49.81 8.83
C ASN E 389 13.59 -50.49 9.46
N SER E 390 13.75 -51.01 10.67
CA SER E 390 12.59 -51.53 11.40
C SER E 390 11.55 -50.43 11.68
N LEU E 391 12.02 -49.23 12.02
CA LEU E 391 11.12 -48.12 12.31
C LEU E 391 10.35 -47.71 11.06
N GLU E 392 11.07 -47.59 9.95
CA GLU E 392 10.45 -47.24 8.68
C GLU E 392 9.33 -48.25 8.38
N ARG E 393 9.66 -49.53 8.55
CA ARG E 393 8.77 -50.65 8.28
C ARG E 393 7.51 -50.67 9.19
N ILE E 394 7.69 -50.46 10.50
CA ILE E 394 6.60 -50.61 11.46
C ILE E 394 5.70 -49.36 11.70
N PHE E 395 6.21 -48.16 11.41
CA PHE E 395 5.43 -46.92 11.55
C PHE E 395 4.72 -46.65 10.25
N PRO E 396 3.38 -46.45 10.27
CA PRO E 396 2.67 -46.10 9.05
C PRO E 396 3.11 -44.77 8.47
N ASP E 397 3.06 -44.67 7.15
CA ASP E 397 3.28 -43.44 6.42
C ASP E 397 1.97 -42.80 5.91
N GLN E 398 1.38 -41.94 6.74
CA GLN E 398 0.32 -41.04 6.29
C GLN E 398 0.41 -39.72 7.07
N GLU E 399 0.31 -38.61 6.34
CA GLU E 399 0.30 -37.28 6.95
C GLU E 399 -0.98 -37.09 7.73
N ALA E 400 -0.89 -36.48 8.92
CA ALA E 400 -2.04 -36.29 9.78
C ALA E 400 -2.98 -35.21 9.24
N TYR E 401 -4.27 -35.49 9.36
CA TYR E 401 -5.33 -34.54 9.03
C TYR E 401 -5.98 -34.09 10.33
N PHE E 402 -6.14 -32.78 10.50
CA PHE E 402 -6.83 -32.23 11.64
C PHE E 402 -7.34 -30.81 11.34
N SER E 403 -8.66 -30.64 11.39
CA SER E 403 -9.31 -29.40 10.99
C SER E 403 -10.16 -28.74 12.09
N ASP E 404 -10.01 -29.19 13.34
CA ASP E 404 -10.78 -28.65 14.47
C ASP E 404 -9.90 -27.69 15.24
N TYR E 405 -10.43 -27.09 16.32
CA TYR E 405 -9.72 -26.01 16.96
C TYR E 405 -9.87 -25.77 18.48
N PHE E 406 -10.99 -26.00 19.12
CA PHE E 406 -11.03 -25.82 20.61
C PHE E 406 -10.05 -24.84 21.29
N GLN F 9 6.60 -29.45 -45.36
CA GLN F 9 6.40 -28.00 -45.07
C GLN F 9 5.62 -27.84 -43.75
N LEU F 10 6.27 -27.39 -42.67
CA LEU F 10 7.64 -26.81 -42.65
C LEU F 10 8.79 -27.84 -42.40
N THR F 11 9.98 -27.37 -42.04
CA THR F 11 11.15 -28.23 -41.83
C THR F 11 11.74 -28.12 -40.41
N LEU F 12 12.31 -29.24 -39.94
CA LEU F 12 12.89 -29.36 -38.59
C LEU F 12 14.37 -29.80 -38.65
N LYS F 13 15.28 -28.87 -38.33
CA LYS F 13 16.72 -29.08 -38.46
C LYS F 13 17.49 -28.46 -37.29
N PRO F 14 18.77 -28.87 -37.09
CA PRO F 14 19.58 -28.24 -36.04
C PRO F 14 19.83 -26.74 -36.29
N VAL F 15 19.95 -25.96 -35.22
CA VAL F 15 20.24 -24.54 -35.39
C VAL F 15 21.75 -24.35 -35.40
N GLU F 16 22.30 -24.32 -36.61
CA GLU F 16 23.68 -23.95 -36.84
C GLU F 16 23.96 -22.52 -36.37
N GLU F 17 25.23 -22.16 -36.36
CA GLU F 17 25.70 -20.87 -35.87
C GLU F 17 25.10 -19.65 -36.59
N GLU F 18 24.65 -19.84 -37.83
CA GLU F 18 24.06 -18.74 -38.61
C GLU F 18 22.64 -18.42 -38.18
N HIS F 19 22.00 -19.35 -37.47
CA HIS F 19 20.63 -19.15 -36.96
C HIS F 19 20.62 -18.58 -35.53
N ILE F 20 21.79 -18.17 -35.03
CA ILE F 20 21.97 -17.74 -33.64
C ILE F 20 21.21 -16.45 -33.29
N ASP F 21 21.16 -15.50 -34.21
CA ASP F 21 20.49 -14.23 -33.95
C ASP F 21 18.98 -14.36 -33.98
N GLN F 22 18.47 -15.22 -34.88
CA GLN F 22 17.04 -15.57 -34.91
C GLN F 22 16.63 -16.24 -33.60
N PHE F 23 17.55 -17.02 -33.04
CA PHE F 23 17.36 -17.72 -31.77
C PHE F 23 17.24 -16.74 -30.60
N ASN F 24 18.20 -15.81 -30.51
CA ASN F 24 18.22 -14.76 -29.51
C ASN F 24 17.00 -13.87 -29.67
N GLU F 25 16.72 -13.48 -30.92
CA GLU F 25 15.49 -12.76 -31.27
C GLU F 25 14.21 -13.43 -30.73
N LEU F 26 14.03 -14.70 -31.05
CA LEU F 26 12.87 -15.45 -30.56
C LEU F 26 12.81 -15.42 -29.04
N LEU F 27 13.94 -15.70 -28.38
CA LEU F 27 13.99 -15.70 -26.91
C LEU F 27 13.59 -14.35 -26.31
N SER F 28 14.12 -13.26 -26.86
CA SER F 28 13.80 -11.94 -26.34
C SER F 28 12.29 -11.63 -26.42
N TYR F 29 11.62 -12.16 -27.43
CA TYR F 29 10.16 -12.00 -27.55
C TYR F 29 9.39 -12.81 -26.52
N VAL F 30 9.61 -14.12 -26.49
CA VAL F 30 8.78 -15.02 -25.69
C VAL F 30 9.27 -15.32 -24.26
N PHE F 31 10.57 -15.12 -24.00
CA PHE F 31 11.16 -15.47 -22.71
C PHE F 31 10.72 -14.48 -21.64
N GLN F 32 9.98 -15.00 -20.66
CA GLN F 32 9.51 -14.15 -19.58
C GLN F 32 10.59 -14.01 -18.53
N VAL F 33 11.05 -12.77 -18.37
CA VAL F 33 11.94 -12.42 -17.28
C VAL F 33 11.52 -11.07 -16.75
N THR F 34 11.30 -11.04 -15.45
CA THR F 34 10.90 -9.86 -14.73
C THR F 34 11.84 -8.67 -15.01
N GLU F 35 11.28 -7.47 -14.93
CA GLU F 35 12.01 -6.22 -15.21
C GLU F 35 13.04 -5.95 -14.10
N ALA F 36 12.62 -6.16 -12.86
CA ALA F 36 13.50 -6.12 -11.71
C ALA F 36 14.75 -7.02 -11.86
N ASP F 37 14.55 -8.24 -12.35
CA ASP F 37 15.64 -9.20 -12.53
C ASP F 37 16.65 -8.67 -13.54
N ILE F 38 16.17 -8.27 -14.71
CA ILE F 38 17.06 -7.75 -15.77
C ILE F 38 17.95 -6.64 -15.20
N GLU F 39 17.35 -5.74 -14.42
CA GLU F 39 18.11 -4.66 -13.79
C GLU F 39 19.07 -5.14 -12.68
N GLU F 40 18.57 -5.98 -11.78
CA GLU F 40 19.40 -6.56 -10.70
C GLU F 40 20.66 -7.26 -11.22
N SER F 41 20.54 -7.96 -12.34
CA SER F 41 21.68 -8.60 -12.99
C SER F 41 22.52 -7.65 -13.85
N GLY F 42 22.24 -6.34 -13.76
CA GLY F 42 23.11 -5.33 -14.32
C GLY F 42 23.21 -5.38 -15.83
N PHE F 43 22.08 -5.51 -16.51
CA PHE F 43 22.01 -5.40 -17.96
C PHE F 43 21.09 -4.24 -18.31
N GLU F 44 21.39 -3.55 -19.41
CA GLU F 44 20.62 -2.38 -19.82
C GLU F 44 19.21 -2.75 -20.30
N ASN F 45 19.05 -3.97 -20.81
CA ASN F 45 17.78 -4.41 -21.39
C ASN F 45 17.64 -5.95 -21.53
N LYS F 46 16.45 -6.37 -21.95
CA LYS F 46 16.16 -7.77 -22.25
C LYS F 46 17.13 -8.36 -23.29
N ARG F 47 17.54 -7.57 -24.28
CA ARG F 47 18.39 -8.09 -25.35
C ARG F 47 19.83 -8.31 -24.93
N ALA F 48 20.30 -7.53 -23.96
CA ALA F 48 21.61 -7.75 -23.36
C ALA F 48 21.57 -9.01 -22.48
N PHE F 49 20.43 -9.20 -21.81
CA PHE F 49 20.24 -10.28 -20.86
C PHE F 49 20.25 -11.68 -21.49
N ILE F 50 19.65 -11.84 -22.67
CA ILE F 50 19.69 -13.14 -23.36
C ILE F 50 20.99 -13.31 -24.19
N LYS F 51 21.61 -12.21 -24.60
CA LYS F 51 22.93 -12.27 -25.22
C LYS F 51 23.99 -12.87 -24.28
N SER F 52 23.77 -12.71 -22.97
CA SER F 52 24.69 -13.24 -21.98
C SER F 52 24.49 -14.75 -21.74
N LYS F 53 23.41 -15.31 -22.28
CA LYS F 53 23.16 -16.76 -22.25
C LYS F 53 23.98 -17.51 -23.30
N GLN F 54 24.68 -16.77 -24.16
CA GLN F 54 25.44 -17.33 -25.26
C GLN F 54 26.42 -18.47 -24.87
N PRO F 55 27.21 -18.26 -23.79
CA PRO F 55 28.17 -19.30 -23.40
C PRO F 55 27.53 -20.69 -23.26
N ILE F 56 26.52 -20.81 -22.40
CA ILE F 56 25.78 -22.07 -22.21
C ILE F 56 25.20 -22.60 -23.52
N LEU F 57 24.72 -21.69 -24.34
CA LEU F 57 24.07 -22.02 -25.60
C LEU F 57 25.06 -22.61 -26.63
N GLU F 58 26.32 -22.16 -26.55
CA GLU F 58 27.39 -22.66 -27.42
C GLU F 58 27.78 -24.09 -27.03
N LEU F 59 27.70 -24.38 -25.73
CA LEU F 59 27.99 -25.71 -25.18
C LEU F 59 26.85 -26.74 -25.37
N SER F 60 25.73 -26.30 -25.94
CA SER F 60 24.49 -27.10 -26.00
C SER F 60 24.18 -27.62 -27.41
N LYS F 61 23.49 -28.75 -27.48
CA LYS F 61 22.92 -29.23 -28.73
C LYS F 61 21.54 -28.59 -28.96
N VAL F 62 21.35 -27.98 -30.13
CA VAL F 62 20.21 -27.08 -30.35
C VAL F 62 19.45 -27.41 -31.66
N PHE F 63 18.11 -27.46 -31.59
CA PHE F 63 17.27 -27.74 -32.78
C PHE F 63 16.10 -26.74 -32.91
N GLY F 64 15.43 -26.74 -34.06
CA GLY F 64 14.33 -25.80 -34.27
C GLY F 64 13.53 -25.97 -35.56
N TRP F 65 12.32 -25.46 -35.53
CA TRP F 65 11.40 -25.57 -36.64
C TRP F 65 11.56 -24.33 -37.47
N PHE F 66 11.88 -24.48 -38.73
CA PHE F 66 11.96 -23.31 -39.58
C PHE F 66 10.76 -23.16 -40.45
N HIS F 67 10.37 -21.92 -40.66
CA HIS F 67 9.33 -21.59 -41.61
C HIS F 67 9.96 -20.74 -42.67
N GLU F 68 10.39 -21.40 -43.71
CA GLU F 68 11.80 -21.66 -43.81
C GLU F 68 12.34 -20.47 -44.55
N ASN F 69 13.64 -20.35 -44.65
CA ASN F 69 14.47 -20.00 -43.51
C ASN F 69 13.78 -18.93 -42.67
N GLN F 70 13.29 -19.32 -41.50
CA GLN F 70 12.84 -18.45 -40.42
C GLN F 70 12.50 -19.26 -39.16
N LEU F 71 13.39 -19.20 -38.17
CA LEU F 71 13.26 -19.96 -36.93
C LEU F 71 12.00 -19.57 -36.12
N ILE F 72 11.03 -20.49 -36.02
CA ILE F 72 9.76 -20.21 -35.33
C ILE F 72 9.55 -20.96 -34.01
N SER F 73 10.36 -21.97 -33.76
CA SER F 73 10.26 -22.76 -32.52
C SER F 73 11.64 -23.35 -32.26
N GLN F 74 12.05 -23.43 -31.00
CA GLN F 74 13.43 -23.86 -30.72
C GLN F 74 13.56 -24.60 -29.39
N ILE F 75 14.63 -25.41 -29.30
CA ILE F 75 15.02 -26.06 -28.04
C ILE F 75 16.53 -26.31 -27.99
N ALA F 76 17.08 -26.28 -26.78
CA ALA F 76 18.50 -26.50 -26.54
C ALA F 76 18.67 -27.54 -25.45
N ILE F 77 19.71 -28.36 -25.56
CA ILE F 77 20.06 -29.37 -24.53
C ILE F 77 21.46 -29.12 -23.99
N TYR F 78 21.55 -28.80 -22.69
CA TYR F 78 22.83 -28.41 -22.06
C TYR F 78 23.43 -29.54 -21.21
N PRO F 79 24.62 -30.05 -21.60
CA PRO F 79 25.24 -31.16 -20.86
C PRO F 79 25.68 -30.83 -19.45
N CYS F 80 25.33 -31.71 -18.50
CA CYS F 80 25.57 -31.52 -17.08
C CYS F 80 25.79 -32.87 -16.40
N GLU F 81 26.12 -32.81 -15.11
CA GLU F 81 26.37 -33.98 -14.29
C GLU F 81 25.71 -33.73 -12.92
N VAL F 82 24.99 -34.75 -12.42
CA VAL F 82 24.20 -34.65 -11.18
C VAL F 82 24.39 -35.85 -10.25
N ASN F 83 23.95 -35.69 -9.00
CA ASN F 83 24.02 -36.74 -7.98
C ASN F 83 22.63 -37.29 -7.76
N ILE F 84 22.49 -38.59 -7.89
CA ILE F 84 21.22 -39.27 -7.69
C ILE F 84 21.42 -40.35 -6.64
N HIS F 85 21.06 -40.00 -5.41
CA HIS F 85 21.15 -40.89 -4.25
C HIS F 85 22.55 -41.52 -4.05
N GLY F 86 23.59 -40.73 -4.37
CA GLY F 86 24.99 -41.17 -4.23
C GLY F 86 25.72 -41.37 -5.56
N ALA F 87 24.98 -41.63 -6.63
CA ALA F 87 25.54 -41.93 -7.94
C ALA F 87 25.48 -40.76 -8.92
N LEU F 88 26.61 -40.52 -9.58
CA LEU F 88 26.68 -39.52 -10.63
C LEU F 88 25.97 -39.99 -11.89
N TYR F 89 25.26 -39.08 -12.54
CA TYR F 89 24.58 -39.35 -13.81
C TYR F 89 24.86 -38.22 -14.77
N LYS F 90 24.89 -38.53 -16.05
CA LYS F 90 24.98 -37.51 -17.07
C LYS F 90 23.60 -36.89 -17.32
N MET F 91 23.42 -35.65 -16.91
CA MET F 91 22.12 -34.98 -17.07
C MET F 91 22.11 -34.16 -18.36
N GLY F 92 20.98 -34.19 -19.06
CA GLY F 92 20.73 -33.26 -20.16
C GLY F 92 19.80 -32.15 -19.68
N GLY F 93 20.26 -30.91 -19.76
CA GLY F 93 19.46 -29.77 -19.33
C GLY F 93 18.82 -29.03 -20.48
N VAL F 94 17.49 -29.02 -20.54
CA VAL F 94 16.79 -28.33 -21.63
C VAL F 94 16.56 -26.84 -21.29
N THR F 95 16.80 -25.98 -22.29
CA THR F 95 16.74 -24.53 -22.17
C THR F 95 16.44 -23.96 -23.53
N GLY F 96 16.33 -22.64 -23.62
CA GLY F 96 16.20 -21.95 -24.88
C GLY F 96 14.82 -22.08 -25.48
N VAL F 97 13.95 -22.84 -24.83
CA VAL F 97 12.65 -23.20 -25.42
C VAL F 97 11.78 -21.96 -25.69
N GLY F 98 11.11 -21.99 -26.83
CA GLY F 98 10.21 -20.93 -27.23
C GLY F 98 9.53 -21.26 -28.54
N THR F 99 8.28 -20.82 -28.68
CA THR F 99 7.58 -20.77 -29.96
C THR F 99 6.98 -19.36 -30.14
N TYR F 100 7.14 -18.78 -31.32
CA TYR F 100 6.42 -17.56 -31.65
C TYR F 100 4.91 -17.89 -31.62
N PRO F 101 4.11 -17.06 -30.90
CA PRO F 101 2.72 -17.38 -30.54
C PRO F 101 1.67 -17.45 -31.69
N GLU F 102 2.04 -17.09 -32.92
CA GLU F 102 1.17 -17.32 -34.10
C GLU F 102 1.20 -18.80 -34.49
N TYR F 103 2.24 -19.50 -34.02
CA TYR F 103 2.50 -20.89 -34.39
C TYR F 103 2.31 -21.86 -33.23
N ALA F 104 2.02 -21.34 -32.04
CA ALA F 104 2.04 -22.14 -30.81
C ALA F 104 0.75 -22.93 -30.60
N ASN F 105 0.39 -23.74 -31.59
CA ASN F 105 -0.85 -24.52 -31.54
C ASN F 105 -0.90 -25.65 -32.58
N HIS F 106 0.28 -26.06 -33.05
CA HIS F 106 0.43 -27.09 -34.06
C HIS F 106 1.32 -28.21 -33.50
N GLY F 107 1.38 -28.33 -32.17
CA GLY F 107 2.25 -29.29 -31.49
C GLY F 107 3.67 -29.35 -32.05
N LEU F 108 4.20 -28.17 -32.40
CA LEU F 108 5.55 -28.05 -32.92
C LEU F 108 6.54 -28.50 -31.85
N MET F 109 6.33 -27.99 -30.64
CA MET F 109 7.24 -28.26 -29.53
C MET F 109 7.33 -29.75 -29.15
N LYS F 110 6.23 -30.49 -29.32
CA LYS F 110 6.24 -31.93 -29.03
C LYS F 110 7.24 -32.70 -29.91
N ASP F 111 7.37 -32.32 -31.17
CA ASP F 111 8.32 -32.95 -32.10
C ASP F 111 9.77 -32.57 -31.79
N LEU F 112 9.97 -31.34 -31.31
CA LEU F 112 11.28 -30.90 -30.86
C LEU F 112 11.73 -31.67 -29.60
N ILE F 113 10.77 -32.10 -28.78
CA ILE F 113 11.08 -32.88 -27.58
C ILE F 113 11.49 -34.32 -27.94
N GLN F 114 10.73 -34.93 -28.84
CA GLN F 114 11.10 -36.20 -29.48
C GLN F 114 12.59 -36.22 -29.85
N THR F 115 12.96 -35.31 -30.76
CA THR F 115 14.33 -35.14 -31.21
C THR F 115 15.31 -35.05 -30.02
N ALA F 116 14.96 -34.19 -29.06
CA ALA F 116 15.83 -33.90 -27.91
C ALA F 116 16.12 -35.13 -27.07
N LEU F 117 15.06 -35.87 -26.75
CA LEU F 117 15.16 -37.10 -25.95
C LEU F 117 15.94 -38.18 -26.68
N GLU F 118 15.72 -38.28 -28.00
CA GLU F 118 16.52 -39.14 -28.87
C GLU F 118 18.00 -38.78 -28.80
N GLU F 119 18.29 -37.48 -28.91
CA GLU F 119 19.65 -36.98 -28.79
C GLU F 119 20.18 -37.29 -27.41
N MET F 120 19.38 -37.01 -26.39
CA MET F 120 19.78 -37.24 -24.99
C MET F 120 20.15 -38.69 -24.75
N ARG F 121 19.34 -39.60 -25.27
CA ARG F 121 19.61 -41.05 -25.19
C ARG F 121 20.95 -41.42 -25.85
N GLN F 122 21.12 -41.00 -27.11
CA GLN F 122 22.41 -41.13 -27.81
C GLN F 122 23.62 -40.76 -26.93
N ASP F 123 23.51 -39.58 -26.31
CA ASP F 123 24.62 -38.99 -25.56
C ASP F 123 24.73 -39.56 -24.13
N LYS F 124 23.89 -40.57 -23.84
CA LYS F 124 23.92 -41.35 -22.59
C LYS F 124 23.54 -40.51 -21.39
N GLN F 125 22.62 -39.58 -21.64
CA GLN F 125 21.97 -38.78 -20.61
C GLN F 125 20.68 -39.46 -20.23
N TRP F 126 20.73 -40.24 -19.16
CA TRP F 126 19.58 -41.06 -18.75
C TRP F 126 18.53 -40.27 -17.90
N ILE F 127 18.94 -39.13 -17.34
CA ILE F 127 18.03 -38.22 -16.65
C ILE F 127 18.10 -36.81 -17.26
N SER F 128 16.96 -36.12 -17.30
CA SER F 128 16.87 -34.74 -17.77
C SER F 128 16.36 -33.81 -16.65
N TYR F 129 16.95 -32.63 -16.51
CA TYR F 129 16.44 -31.59 -15.62
C TYR F 129 15.96 -30.44 -16.49
N LEU F 130 15.03 -29.65 -15.95
CA LEU F 130 14.34 -28.60 -16.70
C LEU F 130 13.80 -27.56 -15.69
N PHE F 131 13.86 -26.28 -16.04
CA PHE F 131 13.19 -25.23 -15.26
C PHE F 131 11.78 -25.08 -15.81
N PRO F 132 10.75 -25.23 -14.95
CA PRO F 132 9.38 -25.30 -15.43
C PRO F 132 8.83 -23.97 -15.91
N TYR F 133 8.49 -23.91 -17.20
CA TYR F 133 7.78 -22.76 -17.75
C TYR F 133 6.28 -23.02 -17.66
N ASN F 134 5.73 -23.81 -18.59
CA ASN F 134 4.33 -24.22 -18.54
C ASN F 134 4.26 -25.63 -18.00
N ILE F 135 4.37 -25.75 -16.67
CA ILE F 135 4.32 -27.05 -15.97
C ILE F 135 3.30 -28.04 -16.57
N PRO F 136 2.06 -27.59 -16.85
CA PRO F 136 1.16 -28.49 -17.58
C PRO F 136 1.81 -29.09 -18.82
N TYR F 137 2.26 -28.24 -19.75
CA TYR F 137 2.82 -28.71 -21.03
C TYR F 137 3.96 -29.70 -20.79
N TYR F 138 4.86 -29.36 -19.87
CA TYR F 138 6.05 -30.19 -19.66
C TYR F 138 5.81 -31.43 -18.78
N ARG F 139 4.83 -31.37 -17.88
CA ARG F 139 4.32 -32.59 -17.24
C ARG F 139 3.59 -33.46 -18.26
N ARG F 140 2.80 -32.83 -19.13
CA ARG F 140 2.15 -33.56 -20.24
C ARG F 140 3.16 -34.18 -21.19
N LYS F 141 4.35 -33.60 -21.24
CA LYS F 141 5.37 -34.09 -22.14
C LYS F 141 6.30 -35.07 -21.44
N GLY F 142 6.01 -35.37 -20.17
CA GLY F 142 6.66 -36.46 -19.45
C GLY F 142 7.48 -36.08 -18.24
N TRP F 143 7.64 -34.77 -17.99
CA TRP F 143 8.40 -34.30 -16.84
C TRP F 143 7.57 -34.35 -15.54
N GLU F 144 8.28 -34.25 -14.42
CA GLU F 144 7.65 -34.09 -13.14
C GLU F 144 8.58 -33.28 -12.26
N ILE F 145 8.04 -32.68 -11.20
CA ILE F 145 8.82 -31.87 -10.28
C ILE F 145 9.72 -32.78 -9.49
N MET F 146 10.96 -32.35 -9.29
CA MET F 146 11.98 -33.12 -8.59
C MET F 146 12.36 -32.53 -7.25
N SER F 147 12.27 -31.19 -7.16
CA SER F 147 12.66 -30.44 -5.99
C SER F 147 11.77 -29.20 -5.77
N ASP F 148 11.77 -28.71 -4.53
CA ASP F 148 11.12 -27.45 -4.21
C ASP F 148 12.12 -26.40 -3.78
N LYS F 149 11.75 -25.14 -3.98
CA LYS F 149 12.43 -24.01 -3.37
C LYS F 149 11.53 -23.44 -2.28
N LEU F 150 12.09 -23.29 -1.09
CA LEU F 150 11.41 -22.69 0.04
C LEU F 150 11.98 -21.31 0.37
N SER F 151 11.10 -20.40 0.75
CA SER F 151 11.54 -19.05 1.12
C SER F 151 10.96 -18.71 2.45
N PHE F 152 11.78 -18.13 3.30
CA PHE F 152 11.38 -17.86 4.66
C PHE F 152 11.74 -16.42 5.05
N LYS F 153 11.04 -15.92 6.07
CA LYS F 153 11.33 -14.63 6.70
C LYS F 153 11.26 -14.79 8.24
N ILE F 154 12.29 -14.39 8.95
CA ILE F 154 12.24 -14.54 10.39
C ILE F 154 12.75 -13.29 11.17
N ARG F 155 11.89 -12.82 12.04
CA ARG F 155 12.14 -11.66 12.89
C ARG F 155 13.39 -11.86 13.73
N ASP F 156 14.15 -10.79 13.93
CA ASP F 156 15.32 -10.80 14.83
C ASP F 156 15.05 -11.49 16.17
N THR F 157 13.78 -11.48 16.51
CA THR F 157 13.29 -11.89 17.79
C THR F 157 13.01 -13.43 17.79
N GLN F 158 12.80 -13.99 16.60
CA GLN F 158 12.65 -15.43 16.44
C GLN F 158 13.99 -16.13 16.14
N LEU F 159 15.12 -15.45 16.31
CA LEU F 159 16.41 -16.03 15.94
C LEU F 159 16.79 -17.11 16.92
N PRO F 160 17.42 -18.19 16.42
CA PRO F 160 17.78 -19.31 17.30
C PRO F 160 18.84 -18.94 18.35
N LYS F 161 18.58 -19.34 19.59
CA LYS F 161 19.60 -19.34 20.66
C LYS F 161 20.93 -19.97 20.17
N THR F 162 22.05 -19.40 20.63
CA THR F 162 23.39 -19.90 20.29
C THR F 162 23.58 -21.36 20.74
N VAL F 163 23.87 -22.23 19.77
CA VAL F 163 24.18 -23.64 20.05
C VAL F 163 25.71 -23.84 20.13
N PRO F 164 26.23 -24.17 21.33
CA PRO F 164 27.68 -24.36 21.46
C PRO F 164 28.27 -25.34 20.44
N VAL F 165 29.38 -24.93 19.83
CA VAL F 165 30.12 -25.75 18.88
C VAL F 165 31.63 -25.61 19.15
N PRO F 166 32.44 -26.61 18.75
CA PRO F 166 33.91 -26.49 18.86
C PRO F 166 34.60 -25.75 17.69
N GLY F 167 33.90 -25.54 16.57
CA GLY F 167 34.53 -24.91 15.41
C GLY F 167 34.50 -23.39 15.43
N MET F 168 34.78 -22.79 14.27
CA MET F 168 34.79 -21.33 14.12
C MET F 168 34.41 -20.93 12.70
N ILE F 169 34.01 -19.67 12.54
CA ILE F 169 33.64 -19.12 11.23
C ILE F 169 34.77 -18.28 10.67
N GLU F 170 34.82 -18.18 9.34
CA GLU F 170 35.67 -17.22 8.66
C GLU F 170 34.85 -16.58 7.59
N ARG F 171 35.06 -15.29 7.35
CA ARG F 171 34.51 -14.68 6.15
C ARG F 171 35.52 -14.78 5.04
N LEU F 172 35.13 -15.46 3.96
CA LEU F 172 35.94 -15.58 2.76
C LEU F 172 35.15 -14.98 1.62
N ALA F 173 35.84 -14.74 0.51
CA ALA F 173 35.19 -14.44 -0.75
C ALA F 173 34.42 -15.67 -1.17
N VAL F 174 33.41 -15.48 -2.00
CA VAL F 174 32.52 -16.57 -2.42
C VAL F 174 33.21 -17.60 -3.33
N ASP F 175 34.26 -17.16 -4.03
CA ASP F 175 35.01 -18.03 -4.95
C ASP F 175 36.33 -18.51 -4.33
N HIS F 176 36.43 -18.47 -3.00
CA HIS F 176 37.59 -18.98 -2.27
C HIS F 176 37.64 -20.52 -2.32
N PRO F 177 38.86 -21.11 -2.39
CA PRO F 177 39.07 -22.58 -2.46
C PRO F 177 38.19 -23.44 -1.55
N ASP F 178 38.20 -23.13 -0.26
CA ASP F 178 37.46 -23.89 0.73
C ASP F 178 35.94 -23.90 0.49
N VAL F 179 35.41 -22.93 -0.26
CA VAL F 179 33.99 -22.93 -0.63
C VAL F 179 33.68 -24.06 -1.61
N PHE F 180 34.40 -24.07 -2.74
CA PHE F 180 34.23 -25.07 -3.79
C PHE F 180 34.27 -26.50 -3.24
N ASP F 181 35.20 -26.74 -2.32
CA ASP F 181 35.41 -28.07 -1.79
C ASP F 181 34.43 -28.46 -0.68
N VAL F 182 33.70 -27.50 -0.11
CA VAL F 182 32.56 -27.83 0.79
C VAL F 182 31.35 -28.25 -0.08
N TYR F 183 31.14 -27.54 -1.18
CA TYR F 183 30.08 -27.93 -2.12
C TYR F 183 30.37 -29.26 -2.80
N ALA F 184 31.61 -29.46 -3.24
CA ALA F 184 32.04 -30.72 -3.84
C ALA F 184 31.59 -31.89 -3.00
N ARG F 185 31.91 -31.82 -1.70
CA ARG F 185 31.53 -32.82 -0.69
C ARG F 185 30.03 -32.90 -0.45
N PHE F 186 29.34 -31.75 -0.56
CA PHE F 186 27.92 -31.65 -0.24
C PHE F 186 27.09 -32.26 -1.36
N ALA F 187 27.44 -31.92 -2.59
CA ALA F 187 26.75 -32.43 -3.76
C ALA F 187 26.90 -33.96 -3.95
N ARG F 188 27.83 -34.59 -3.22
CA ARG F 188 27.97 -36.06 -3.20
C ARG F 188 27.14 -36.71 -2.09
N GLN F 189 26.87 -35.97 -1.01
CA GLN F 189 26.13 -36.51 0.12
C GLN F 189 24.66 -36.10 0.09
N ASN F 190 24.24 -35.50 -1.03
CA ASN F 190 22.89 -34.95 -1.16
C ASN F 190 22.28 -35.14 -2.55
N HIS F 191 21.24 -35.96 -2.59
CA HIS F 191 20.48 -36.29 -3.80
C HIS F 191 19.92 -35.08 -4.59
N GLY F 192 20.13 -35.14 -5.90
CA GLY F 192 19.60 -34.18 -6.85
C GLY F 192 20.68 -33.22 -7.34
N ALA F 193 21.70 -33.02 -6.52
CA ALA F 193 22.60 -31.86 -6.63
C ALA F 193 23.47 -31.89 -7.88
N LEU F 194 23.55 -30.72 -8.53
CA LEU F 194 24.47 -30.53 -9.66
C LEU F 194 25.93 -30.75 -9.23
N ILE F 195 26.69 -31.48 -10.04
CA ILE F 195 28.16 -31.56 -9.86
C ILE F 195 28.81 -30.38 -10.59
N ARG F 196 29.43 -29.47 -9.82
CA ARG F 196 29.81 -28.17 -10.38
C ARG F 196 31.23 -28.07 -10.89
N SER F 197 31.34 -27.72 -12.17
CA SER F 197 32.61 -27.24 -12.74
C SER F 197 32.80 -25.77 -12.35
N ALA F 198 34.01 -25.26 -12.53
CA ALA F 198 34.29 -23.83 -12.36
C ALA F 198 33.37 -22.97 -13.23
N PHE F 199 33.05 -23.44 -14.43
CA PHE F 199 32.09 -22.75 -15.29
C PHE F 199 30.67 -22.74 -14.69
N ASN F 200 30.26 -23.85 -14.08
CA ASN F 200 28.94 -23.89 -13.43
C ASN F 200 28.89 -22.84 -12.34
N TRP F 201 29.89 -22.85 -11.46
CA TRP F 201 30.00 -21.85 -10.43
C TRP F 201 29.84 -20.41 -10.93
N GLU F 202 30.49 -20.09 -12.04
CA GLU F 202 30.43 -18.72 -12.57
C GLU F 202 29.07 -18.42 -13.25
N GLU F 203 28.30 -19.45 -13.60
CA GLU F 203 26.91 -19.26 -14.04
C GLU F 203 25.94 -19.07 -12.87
N TYR F 204 26.34 -19.59 -11.71
CA TYR F 204 25.56 -19.53 -10.48
C TYR F 204 25.61 -18.13 -9.91
N TRP F 205 26.77 -17.51 -10.12
CA TRP F 205 27.15 -16.26 -9.52
C TRP F 205 27.02 -15.05 -10.46
N ARG F 206 26.52 -15.22 -11.68
CA ARG F 206 26.70 -14.20 -12.71
C ARG F 206 25.64 -13.09 -12.76
N PHE F 207 24.60 -13.20 -11.93
CA PHE F 207 23.54 -12.15 -11.87
C PHE F 207 23.72 -11.25 -10.66
N GLU F 208 24.96 -11.12 -10.23
CA GLU F 208 25.26 -10.74 -8.87
C GLU F 208 26.70 -10.30 -8.73
N ASN F 209 26.90 -9.21 -7.99
CA ASN F 209 28.24 -8.76 -7.67
C ASN F 209 28.75 -9.61 -6.52
N GLU F 210 29.61 -10.54 -6.86
CA GLU F 210 30.17 -11.49 -5.93
C GLU F 210 31.04 -10.84 -4.86
N GLU F 211 31.48 -9.60 -5.10
CA GLU F 211 32.18 -8.82 -4.06
C GLU F 211 31.13 -8.33 -3.05
N GLU F 212 29.92 -8.04 -3.53
CA GLU F 212 28.78 -7.66 -2.66
C GLU F 212 28.18 -8.82 -1.86
N ARG F 213 28.63 -10.04 -2.14
CA ARG F 213 28.22 -11.21 -1.37
C ARG F 213 29.41 -11.65 -0.57
N THR F 214 29.18 -12.51 0.40
CA THR F 214 30.25 -13.05 1.26
C THR F 214 29.94 -14.49 1.69
N ALA F 215 30.97 -15.28 1.92
CA ALA F 215 30.79 -16.66 2.29
C ALA F 215 31.28 -16.88 3.71
N ALA F 216 30.35 -16.98 4.65
CA ALA F 216 30.70 -17.46 6.00
C ALA F 216 30.92 -18.96 5.89
N VAL F 217 32.15 -19.40 6.20
CA VAL F 217 32.50 -20.80 6.17
C VAL F 217 32.77 -21.29 7.59
N TYR F 218 32.02 -22.31 8.01
CA TYR F 218 32.25 -22.96 9.29
C TYR F 218 33.40 -23.95 9.12
N TYR F 219 34.17 -24.14 10.19
CA TYR F 219 35.33 -25.00 10.25
C TYR F 219 35.23 -25.82 11.52
N GLY F 220 35.45 -27.14 11.40
CA GLY F 220 35.39 -28.02 12.57
C GLY F 220 36.67 -27.95 13.40
N ALA F 221 36.68 -28.75 14.46
CA ALA F 221 37.83 -28.83 15.37
C ALA F 221 39.15 -29.17 14.67
N ASN F 222 39.11 -29.92 13.57
CA ASN F 222 40.35 -30.31 12.86
C ASN F 222 40.65 -29.40 11.69
N GLN F 223 40.32 -28.11 11.81
CA GLN F 223 40.50 -27.15 10.70
C GLN F 223 39.79 -27.53 9.39
N GLU F 224 38.89 -28.51 9.41
CA GLU F 224 38.19 -28.91 8.18
C GLU F 224 36.92 -28.07 7.96
N PRO F 225 36.75 -27.52 6.75
CA PRO F 225 35.55 -26.75 6.41
C PRO F 225 34.32 -27.63 6.20
N LEU F 226 33.25 -27.32 6.92
CA LEU F 226 32.06 -28.16 6.97
C LEU F 226 30.78 -27.47 6.50
N GLY F 227 30.75 -26.14 6.53
CA GLY F 227 29.56 -25.41 6.11
C GLY F 227 29.84 -24.09 5.45
N VAL F 228 29.03 -23.75 4.45
CA VAL F 228 29.08 -22.45 3.78
C VAL F 228 27.74 -21.68 3.93
N LEU F 229 27.82 -20.38 4.19
CA LEU F 229 26.67 -19.49 4.11
C LEU F 229 26.97 -18.36 3.14
N PHE F 230 26.16 -18.24 2.09
CA PHE F 230 26.19 -17.07 1.20
C PHE F 230 25.21 -15.99 1.67
N TYR F 231 25.74 -14.81 2.00
CA TYR F 231 24.91 -13.78 2.62
C TYR F 231 25.27 -12.33 2.29
N TRP F 232 24.35 -11.45 2.66
CA TRP F 232 24.58 -10.01 2.67
C TRP F 232 23.56 -9.27 3.56
N VAL F 233 24.02 -8.25 4.28
CA VAL F 233 23.16 -7.37 5.05
C VAL F 233 22.80 -6.15 4.18
N ALA F 234 21.51 -5.84 4.09
CA ALA F 234 21.08 -4.64 3.39
C ALA F 234 19.76 -4.13 3.99
N ASP F 235 19.73 -2.85 4.36
CA ASP F 235 18.53 -2.20 4.90
C ASP F 235 17.98 -2.98 6.09
N GLU F 236 18.88 -3.28 7.01
CA GLU F 236 18.58 -3.98 8.24
C GLU F 236 17.90 -5.35 8.04
N VAL F 237 18.22 -6.01 6.92
CA VAL F 237 17.82 -7.40 6.65
C VAL F 237 19.07 -8.24 6.36
N PHE F 238 19.19 -9.38 7.06
CA PHE F 238 20.23 -10.38 6.76
C PHE F 238 19.65 -11.25 5.66
N HIS F 239 20.19 -11.12 4.45
CA HIS F 239 19.77 -11.95 3.33
C HIS F 239 20.65 -13.17 3.22
N ILE F 240 19.99 -14.31 3.06
CA ILE F 240 20.64 -15.59 2.87
C ILE F 240 20.34 -16.03 1.47
N LYS F 241 21.37 -15.98 0.61
CA LYS F 241 21.25 -16.54 -0.77
C LYS F 241 20.95 -18.04 -0.67
N GLU F 242 21.82 -18.74 0.07
CA GLU F 242 21.57 -20.07 0.58
C GLU F 242 22.68 -20.50 1.51
N MET F 243 22.42 -21.54 2.28
CA MET F 243 23.45 -22.18 3.04
C MET F 243 23.47 -23.66 2.67
N PHE F 244 24.62 -24.28 2.86
CA PHE F 244 24.75 -25.74 2.77
C PHE F 244 25.83 -26.20 3.73
N TYR F 245 25.56 -27.30 4.40
CA TYR F 245 26.41 -27.79 5.47
C TYR F 245 26.44 -29.33 5.40
N LEU F 246 27.43 -29.93 6.05
CA LEU F 246 27.67 -31.36 5.96
C LEU F 246 27.25 -32.07 7.23
N ASN F 247 26.93 -31.30 8.26
CA ASN F 247 26.34 -31.86 9.46
C ASN F 247 25.63 -30.82 10.30
N GLN F 248 24.92 -31.28 11.31
CA GLN F 248 24.22 -30.42 12.22
C GLN F 248 25.09 -29.53 13.13
N GLU F 249 26.39 -29.84 13.21
CA GLU F 249 27.31 -28.99 13.95
C GLU F 249 27.57 -27.72 13.14
N ALA F 250 27.79 -27.88 11.84
CA ALA F 250 28.00 -26.81 10.92
C ALA F 250 26.79 -25.90 10.91
N ARG F 251 25.64 -26.48 10.60
CA ARG F 251 24.35 -25.80 10.68
C ARG F 251 24.26 -24.93 11.94
N ASN F 252 24.51 -25.56 13.09
CA ASN F 252 24.56 -24.86 14.36
C ASN F 252 25.59 -23.72 14.42
N GLY F 253 26.75 -23.93 13.82
CA GLY F 253 27.76 -22.91 13.74
C GLY F 253 27.34 -21.74 12.86
N LEU F 254 26.76 -22.05 11.70
CA LEU F 254 26.31 -21.05 10.76
C LEU F 254 25.13 -20.19 11.31
N TRP F 255 24.27 -20.78 12.13
CA TRP F 255 23.16 -20.06 12.74
C TRP F 255 23.61 -19.27 13.96
N ASN F 256 24.60 -19.79 14.68
CA ASN F 256 25.24 -19.03 15.74
C ASN F 256 25.72 -17.66 15.20
N PHE F 257 26.31 -17.72 14.01
CA PHE F 257 26.86 -16.59 13.29
C PHE F 257 25.75 -15.64 12.92
N ILE F 258 24.78 -16.16 12.19
CA ILE F 258 23.62 -15.40 11.81
C ILE F 258 22.99 -14.68 13.01
N THR F 259 22.83 -15.36 14.14
CA THR F 259 22.10 -14.72 15.23
C THR F 259 22.99 -13.76 16.04
N ALA F 260 24.30 -13.81 15.78
CA ALA F 260 25.20 -12.74 16.25
C ALA F 260 25.01 -11.40 15.47
N HIS F 261 24.21 -11.37 14.41
CA HIS F 261 23.87 -10.14 13.71
C HIS F 261 22.53 -9.57 14.16
N PHE F 262 22.03 -10.03 15.31
CA PHE F 262 20.76 -9.53 15.86
C PHE F 262 20.82 -8.00 15.97
N SER F 263 21.96 -7.47 16.42
CA SER F 263 22.18 -6.03 16.54
C SER F 263 21.96 -5.22 15.25
N MET F 264 22.20 -5.80 14.09
CA MET F 264 22.24 -5.02 12.87
C MET F 264 20.99 -5.14 12.05
N VAL F 265 20.08 -6.04 12.45
CA VAL F 265 18.94 -6.37 11.59
C VAL F 265 17.65 -6.60 12.36
N TYR F 266 16.54 -6.39 11.67
CA TYR F 266 15.19 -6.67 12.15
C TYR F 266 14.63 -8.00 11.61
N TRP F 267 15.21 -8.45 10.50
CA TRP F 267 14.73 -9.60 9.75
C TRP F 267 15.87 -10.41 9.10
N VAL F 268 15.66 -11.72 9.01
CA VAL F 268 16.50 -12.63 8.22
C VAL F 268 15.62 -13.20 7.12
N LYS F 269 15.98 -12.97 5.87
CA LYS F 269 15.20 -13.48 4.73
C LYS F 269 16.10 -14.45 3.95
N GLY F 270 15.53 -15.52 3.41
CA GLY F 270 16.35 -16.52 2.78
C GLY F 270 15.61 -17.54 1.97
N ASP F 271 16.38 -18.33 1.24
CA ASP F 271 15.87 -19.38 0.35
C ASP F 271 16.53 -20.71 0.69
N ILE F 272 15.78 -21.79 0.46
CA ILE F 272 16.29 -23.16 0.69
C ILE F 272 15.89 -23.96 -0.52
N TYR F 273 16.87 -24.68 -1.07
CA TYR F 273 16.72 -25.31 -2.37
C TYR F 273 16.44 -26.81 -2.27
N LYS F 274 15.48 -27.11 -1.42
CA LYS F 274 15.16 -28.45 -1.00
C LYS F 274 13.93 -28.29 -0.15
N ASN F 275 13.00 -29.23 -0.28
CA ASN F 275 11.90 -29.34 0.65
C ASN F 275 12.33 -29.81 2.05
N GLU F 276 12.75 -28.88 2.88
CA GLU F 276 13.01 -29.18 4.27
C GLU F 276 12.68 -27.93 5.09
N PRO F 277 11.40 -27.79 5.50
CA PRO F 277 11.00 -26.69 6.35
C PRO F 277 12.02 -26.33 7.42
N LEU F 278 12.39 -25.06 7.45
CA LEU F 278 13.28 -24.51 8.44
C LEU F 278 12.57 -24.41 9.75
N ALA F 279 11.25 -24.22 9.68
CA ALA F 279 10.37 -24.19 10.86
C ALA F 279 10.75 -25.26 11.85
N PHE F 280 10.62 -26.53 11.41
CA PHE F 280 10.80 -27.70 12.27
C PHE F 280 12.19 -27.76 12.87
N LEU F 281 13.15 -27.13 12.21
CA LEU F 281 14.51 -26.98 12.76
C LEU F 281 14.68 -25.70 13.64
N LEU F 282 13.73 -24.77 13.59
CA LEU F 282 13.76 -23.52 14.40
C LEU F 282 13.01 -23.68 15.72
N GLU F 283 13.58 -23.20 16.83
CA GLU F 283 12.85 -23.17 18.10
C GLU F 283 11.49 -22.51 17.85
N ASP F 284 11.46 -21.32 17.24
CA ASP F 284 10.14 -20.77 16.85
C ASP F 284 9.77 -21.25 15.45
N SER F 285 8.86 -22.21 15.37
CA SER F 285 8.41 -22.75 14.09
C SER F 285 7.22 -21.99 13.48
N GLN F 286 6.70 -21.01 14.21
CA GLN F 286 5.52 -20.26 13.80
C GLN F 286 5.83 -19.24 12.70
N ILE F 287 6.32 -19.76 11.58
CA ILE F 287 6.63 -18.97 10.41
C ILE F 287 5.90 -19.61 9.22
N LYS F 288 5.60 -18.79 8.23
CA LYS F 288 5.21 -19.29 6.94
C LYS F 288 6.48 -19.25 6.12
N GLU F 289 6.50 -20.18 5.19
CA GLU F 289 7.60 -20.33 4.31
C GLU F 289 6.93 -20.67 3.00
N SER F 290 7.02 -19.81 2.01
CA SER F 290 6.48 -20.19 0.74
C SER F 290 7.22 -21.49 0.34
N ILE F 291 6.44 -22.46 -0.14
CA ILE F 291 6.95 -23.64 -0.79
C ILE F 291 6.54 -23.47 -2.24
N GLU F 292 7.46 -23.77 -3.16
CA GLU F 292 7.10 -23.85 -4.57
C GLU F 292 8.03 -24.78 -5.33
N PRO F 293 7.49 -25.48 -6.33
CA PRO F 293 8.28 -26.24 -7.28
C PRO F 293 9.46 -25.41 -7.80
N TYR F 294 10.68 -25.95 -7.73
CA TYR F 294 11.82 -25.24 -8.25
C TYR F 294 12.24 -25.80 -9.60
N TYR F 295 12.64 -27.07 -9.59
CA TYR F 295 13.09 -27.76 -10.79
C TYR F 295 12.23 -28.98 -11.10
N MET F 296 12.29 -29.42 -12.35
CA MET F 296 11.61 -30.61 -12.81
C MET F 296 12.67 -31.63 -13.25
N ALA F 297 12.23 -32.87 -13.44
CA ALA F 297 13.10 -33.94 -13.95
C ALA F 297 12.34 -34.90 -14.86
N ARG F 298 13.09 -35.70 -15.62
CA ARG F 298 12.50 -36.65 -16.56
C ARG F 298 13.45 -37.82 -16.83
N ILE F 299 12.95 -39.05 -16.69
CA ILE F 299 13.72 -40.24 -17.09
C ILE F 299 13.76 -40.30 -18.62
N VAL F 300 14.98 -40.36 -19.15
CA VAL F 300 15.19 -40.38 -20.58
C VAL F 300 15.07 -41.82 -21.09
N ASP F 301 15.81 -42.72 -20.44
CA ASP F 301 15.85 -44.12 -20.79
C ASP F 301 15.69 -44.92 -19.51
N VAL F 302 14.52 -45.59 -19.39
CA VAL F 302 14.14 -46.31 -18.15
C VAL F 302 15.14 -47.40 -17.84
N LYS F 303 15.45 -48.20 -18.85
CA LYS F 303 16.38 -49.31 -18.65
C LYS F 303 17.72 -48.75 -18.25
N ALA F 304 18.23 -47.88 -19.10
CA ALA F 304 19.51 -47.29 -18.89
C ALA F 304 19.54 -46.67 -17.54
N PHE F 305 18.53 -45.86 -17.23
CA PHE F 305 18.41 -45.28 -15.91
C PHE F 305 18.26 -46.31 -14.82
N LEU F 306 17.41 -47.27 -15.05
CA LEU F 306 17.25 -48.29 -14.07
C LEU F 306 18.49 -49.09 -13.79
N GLU F 307 19.25 -49.48 -14.80
CA GLU F 307 20.44 -50.27 -14.51
C GLU F 307 21.45 -49.59 -13.64
N ASN F 308 21.31 -48.27 -13.57
CA ASN F 308 22.34 -47.46 -12.98
C ASN F 308 21.99 -46.96 -11.61
N PHE F 309 20.71 -47.05 -11.30
CA PHE F 309 20.16 -46.54 -10.06
C PHE F 309 20.74 -47.28 -8.84
N PRO F 310 21.11 -46.54 -7.77
CA PRO F 310 21.57 -47.18 -6.53
C PRO F 310 20.42 -47.54 -5.58
N PHE F 311 19.69 -48.60 -5.93
CA PHE F 311 18.62 -49.13 -5.06
C PHE F 311 19.22 -49.35 -3.66
N GLU F 312 18.43 -49.04 -2.64
CA GLU F 312 18.88 -49.05 -1.24
C GLU F 312 18.78 -50.44 -0.65
N SER F 313 18.02 -51.29 -1.32
CA SER F 313 17.76 -52.63 -0.85
C SER F 313 17.37 -53.49 -2.05
N THR F 314 17.37 -54.79 -1.83
CA THR F 314 17.00 -55.77 -2.82
C THR F 314 15.61 -56.30 -2.49
N ALA F 315 14.87 -56.75 -3.50
CA ALA F 315 13.51 -57.27 -3.27
C ALA F 315 13.18 -58.45 -4.17
N LYS F 316 12.10 -59.15 -3.83
CA LYS F 316 11.50 -60.17 -4.71
C LYS F 316 11.19 -59.58 -6.09
N PRO F 317 11.56 -60.31 -7.17
CA PRO F 317 11.35 -59.82 -8.55
C PRO F 317 9.95 -59.34 -8.88
N PHE F 318 9.87 -58.13 -9.43
CA PHE F 318 8.61 -57.57 -9.94
C PHE F 318 8.94 -56.83 -11.23
N HIS F 319 7.92 -56.29 -11.90
CA HIS F 319 8.18 -55.45 -13.06
C HIS F 319 7.34 -54.14 -13.09
N PHE F 320 7.94 -53.09 -13.63
CA PHE F 320 7.19 -51.92 -14.03
C PHE F 320 6.57 -52.16 -15.39
N VAL F 321 5.30 -51.74 -15.51
CA VAL F 321 4.67 -51.52 -16.80
C VAL F 321 4.57 -50.01 -16.99
N VAL F 322 5.31 -49.49 -17.97
CA VAL F 322 5.48 -48.04 -18.14
C VAL F 322 4.80 -47.47 -19.39
N LYS F 323 4.14 -46.34 -19.21
CA LYS F 323 3.49 -45.62 -20.30
C LYS F 323 4.21 -44.27 -20.46
N ASP F 324 4.71 -44.01 -21.67
CA ASP F 324 5.46 -42.78 -21.97
C ASP F 324 4.85 -42.07 -23.18
N PRO F 325 4.29 -40.87 -22.96
CA PRO F 325 3.57 -40.17 -24.04
C PRO F 325 4.45 -39.66 -25.20
N VAL F 326 5.78 -39.75 -25.07
CA VAL F 326 6.71 -39.19 -26.06
C VAL F 326 7.76 -40.23 -26.51
N ALA F 327 8.56 -40.72 -25.56
CA ALA F 327 9.63 -41.68 -25.82
C ALA F 327 9.15 -43.14 -26.02
N GLU F 328 9.10 -43.57 -27.29
CA GLU F 328 8.83 -44.96 -27.72
C GLU F 328 9.41 -46.05 -26.80
N TRP F 329 10.67 -45.90 -26.47
CA TRP F 329 11.47 -46.95 -25.84
C TRP F 329 11.25 -47.05 -24.33
N ASN F 330 10.51 -46.10 -23.77
CA ASN F 330 10.15 -46.14 -22.34
C ASN F 330 8.75 -46.77 -22.13
N ASN F 331 8.00 -46.90 -23.21
CA ASN F 331 6.78 -47.70 -23.18
C ASN F 331 7.10 -49.18 -23.14
N GLY F 332 6.50 -49.88 -22.17
CA GLY F 332 6.61 -51.35 -22.08
C GLY F 332 6.88 -51.86 -20.68
N ILE F 333 7.61 -52.98 -20.61
CA ILE F 333 7.83 -53.74 -19.39
C ILE F 333 9.28 -53.65 -19.00
N PHE F 334 9.53 -53.59 -17.69
CA PHE F 334 10.89 -53.50 -17.16
C PHE F 334 11.03 -54.30 -15.85
N GLY F 335 11.32 -55.60 -16.00
CA GLY F 335 11.43 -56.51 -14.86
C GLY F 335 12.73 -56.34 -14.11
N LEU F 336 12.67 -56.40 -12.78
CA LEU F 336 13.86 -56.20 -11.95
C LEU F 336 14.16 -57.45 -11.16
N ILE F 337 15.43 -57.88 -11.19
CA ILE F 337 15.92 -58.98 -10.38
C ILE F 337 17.36 -58.69 -9.95
N TRP F 338 17.69 -59.05 -8.73
CA TRP F 338 19.04 -58.92 -8.18
C TRP F 338 19.58 -60.29 -7.83
N ASP F 339 20.91 -60.46 -7.92
CA ASP F 339 21.55 -61.76 -7.64
C ASP F 339 22.09 -61.85 -6.18
N GLU F 340 23.01 -62.79 -5.92
CA GLU F 340 23.65 -62.91 -4.58
C GLU F 340 24.53 -61.69 -4.26
N ASN F 341 25.14 -61.10 -5.27
CA ASN F 341 25.95 -59.87 -5.09
C ASN F 341 25.10 -58.63 -4.78
N ASP F 342 23.78 -58.78 -4.89
CA ASP F 342 22.81 -57.68 -4.83
C ASP F 342 22.86 -56.83 -6.11
N GLN F 343 23.50 -57.34 -7.16
CA GLN F 343 23.60 -56.60 -8.42
C GLN F 343 22.32 -56.79 -9.22
N VAL F 344 21.58 -55.71 -9.44
CA VAL F 344 20.34 -55.78 -10.21
C VAL F 344 20.63 -56.11 -11.67
N THR F 345 19.63 -56.64 -12.37
CA THR F 345 19.63 -56.71 -13.83
C THR F 345 18.22 -56.34 -14.29
N ILE F 346 18.11 -55.53 -15.36
CA ILE F 346 16.79 -55.05 -15.84
C ILE F 346 16.39 -55.72 -17.16
N THR F 347 15.25 -56.39 -17.14
CA THR F 347 14.79 -57.20 -18.27
C THR F 347 13.52 -56.65 -18.94
N ASP F 348 13.17 -57.28 -20.07
CA ASP F 348 11.91 -57.04 -20.79
C ASP F 348 10.83 -58.14 -20.46
N GLU F 349 11.14 -59.01 -19.48
CA GLU F 349 10.27 -60.12 -19.04
C GLU F 349 9.34 -59.70 -17.90
N PRO F 350 8.01 -59.94 -18.03
CA PRO F 350 7.10 -59.60 -16.93
C PRO F 350 7.30 -60.42 -15.64
N LEU F 351 8.48 -60.30 -15.04
CA LEU F 351 8.81 -61.03 -13.82
C LEU F 351 7.91 -60.60 -12.67
N GLY F 352 7.22 -61.56 -12.05
CA GLY F 352 6.38 -61.27 -10.88
C GLY F 352 5.28 -60.23 -11.11
N THR F 353 4.95 -59.50 -10.05
CA THR F 353 3.79 -58.57 -10.05
C THR F 353 4.06 -57.27 -10.82
N ALA F 354 3.06 -56.82 -11.57
CA ALA F 354 3.14 -55.56 -12.32
C ALA F 354 2.96 -54.33 -11.42
N VAL F 355 3.80 -53.32 -11.66
CA VAL F 355 3.61 -51.98 -11.10
C VAL F 355 3.32 -51.04 -12.26
N HIS F 356 2.05 -50.64 -12.42
CA HIS F 356 1.64 -49.77 -13.52
C HIS F 356 1.82 -48.31 -13.13
N LEU F 357 2.33 -47.52 -14.07
CA LEU F 357 2.54 -46.08 -13.89
C LEU F 357 2.97 -45.43 -15.20
N ASP F 358 2.81 -44.12 -15.27
CA ASP F 358 3.36 -43.33 -16.38
C ASP F 358 4.81 -42.89 -16.09
N ILE F 359 5.48 -42.29 -17.08
CA ILE F 359 6.90 -41.93 -16.94
C ILE F 359 7.13 -40.80 -15.88
N GLN F 360 6.14 -39.91 -15.77
CA GLN F 360 6.14 -38.84 -14.77
C GLN F 360 6.27 -39.40 -13.35
N THR F 361 5.48 -40.44 -13.06
CA THR F 361 5.43 -40.96 -11.69
C THR F 361 6.59 -41.94 -11.38
N LEU F 362 7.16 -42.53 -12.43
CA LEU F 362 8.45 -43.24 -12.29
C LEU F 362 9.55 -42.25 -11.93
N THR F 363 9.64 -41.17 -12.71
CA THR F 363 10.54 -40.06 -12.40
C THR F 363 10.35 -39.58 -10.97
N CYS F 364 9.10 -39.29 -10.60
CA CYS F 364 8.76 -38.85 -9.25
C CYS F 364 9.34 -39.76 -8.17
N LEU F 365 9.19 -41.06 -8.39
CA LEU F 365 9.72 -42.14 -7.51
C LEU F 365 11.23 -42.12 -7.31
N VAL F 366 11.94 -42.11 -8.43
CA VAL F 366 13.41 -42.16 -8.44
C VAL F 366 14.03 -40.88 -7.85
N MET F 367 13.35 -39.74 -8.09
CA MET F 367 13.76 -38.43 -7.52
C MET F 367 13.19 -38.18 -6.13
N ASN F 368 12.23 -39.01 -5.71
CA ASN F 368 11.67 -38.99 -4.35
C ASN F 368 10.93 -37.69 -4.00
N TYR F 369 10.29 -37.10 -5.00
CA TYR F 369 9.42 -35.97 -4.77
C TYR F 369 8.25 -36.41 -3.90
N ARG F 370 7.72 -37.61 -4.19
CA ARG F 370 6.78 -38.31 -3.32
C ARG F 370 7.24 -39.76 -3.17
N ARG F 371 6.77 -40.40 -2.10
CA ARG F 371 7.10 -41.77 -1.81
C ARG F 371 6.06 -42.71 -2.43
N PRO F 372 6.43 -43.99 -2.63
CA PRO F 372 5.53 -45.02 -3.17
C PRO F 372 4.12 -45.05 -2.58
N SER F 373 4.01 -44.95 -1.27
CA SER F 373 2.71 -45.14 -0.57
C SER F 373 1.70 -44.01 -0.78
N TYR F 374 2.18 -42.77 -0.91
CA TYR F 374 1.34 -41.64 -1.30
C TYR F 374 0.88 -41.79 -2.74
N LEU F 375 1.79 -42.16 -3.62
CA LEU F 375 1.47 -42.31 -5.04
C LEU F 375 0.55 -43.49 -5.28
N HIS F 376 0.61 -44.48 -4.39
CA HIS F 376 -0.33 -45.57 -4.42
C HIS F 376 -1.69 -44.99 -4.03
N ARG F 377 -1.74 -44.49 -2.81
CA ARG F 377 -2.92 -43.88 -2.25
C ARG F 377 -3.71 -43.01 -3.18
N ILE F 378 -3.05 -42.29 -4.07
CA ILE F 378 -3.76 -41.38 -4.93
C ILE F 378 -3.83 -41.90 -6.33
N GLU F 379 -3.67 -43.19 -6.49
CA GLU F 379 -4.13 -43.89 -7.67
C GLU F 379 -3.26 -43.55 -8.83
N ARG F 380 -1.97 -43.68 -8.58
CA ARG F 380 -0.94 -43.07 -9.37
C ARG F 380 0.03 -44.18 -9.72
N ILE F 381 0.13 -45.10 -8.78
CA ILE F 381 0.75 -46.40 -8.98
C ILE F 381 -0.32 -47.51 -8.80
N ASP F 382 -0.38 -48.41 -9.77
CA ASP F 382 -1.34 -49.53 -9.76
C ASP F 382 -0.63 -50.86 -9.45
N THR F 383 -0.72 -51.31 -8.19
CA THR F 383 -0.04 -52.53 -7.73
C THR F 383 -0.55 -52.99 -6.34
N ASP F 384 -0.12 -54.17 -5.87
CA ASP F 384 -0.54 -54.65 -4.54
C ASP F 384 0.39 -54.15 -3.42
N LYS F 385 -0.04 -54.39 -2.18
CA LYS F 385 0.69 -53.96 -0.98
C LYS F 385 2.07 -54.57 -0.85
N GLU F 386 2.18 -55.87 -1.10
CA GLU F 386 3.47 -56.57 -1.04
C GLU F 386 4.52 -55.86 -1.90
N THR F 387 4.09 -55.47 -3.09
CA THR F 387 4.98 -54.84 -4.06
C THR F 387 5.30 -53.39 -3.61
N LEU F 388 4.27 -52.67 -3.19
CA LEU F 388 4.41 -51.34 -2.60
C LEU F 388 5.50 -51.34 -1.51
N ASN F 389 5.45 -52.29 -0.59
CA ASN F 389 6.44 -52.35 0.48
C ASN F 389 7.85 -52.57 -0.04
N SER F 390 7.99 -53.29 -1.16
CA SER F 390 9.30 -53.48 -1.80
C SER F 390 9.83 -52.14 -2.29
N LEU F 391 8.98 -51.38 -2.98
CA LEU F 391 9.32 -50.02 -3.43
C LEU F 391 9.78 -49.19 -2.24
N GLU F 392 8.92 -49.10 -1.22
CA GLU F 392 9.28 -48.39 0.01
C GLU F 392 10.71 -48.73 0.49
N ARG F 393 11.02 -50.03 0.51
CA ARG F 393 12.34 -50.50 0.95
C ARG F 393 13.50 -50.22 -0.03
N ILE F 394 13.30 -50.45 -1.32
CA ILE F 394 14.39 -50.28 -2.29
C ILE F 394 14.70 -48.80 -2.59
N PHE F 395 13.64 -48.00 -2.67
CA PHE F 395 13.78 -46.58 -3.00
C PHE F 395 14.26 -45.81 -1.79
N PRO F 396 15.37 -45.07 -1.95
CA PRO F 396 15.90 -44.36 -0.80
C PRO F 396 15.05 -43.12 -0.52
N ASP F 397 15.06 -42.71 0.75
CA ASP F 397 14.22 -41.60 1.23
C ASP F 397 15.10 -40.39 1.55
N GLN F 398 15.30 -39.54 0.56
CA GLN F 398 15.90 -38.23 0.77
C GLN F 398 15.36 -37.26 -0.28
N GLU F 399 14.95 -36.08 0.18
CA GLU F 399 14.39 -35.04 -0.68
C GLU F 399 15.48 -34.41 -1.55
N ALA F 400 15.17 -34.16 -2.83
CA ALA F 400 16.13 -33.59 -3.76
C ALA F 400 16.55 -32.15 -3.37
N TYR F 401 17.85 -31.89 -3.46
CA TYR F 401 18.43 -30.56 -3.33
C TYR F 401 18.86 -30.12 -4.71
N PHE F 402 18.60 -28.87 -5.03
CA PHE F 402 19.04 -28.31 -6.31
C PHE F 402 18.97 -26.78 -6.33
N SER F 403 20.14 -26.16 -6.48
CA SER F 403 20.28 -24.72 -6.41
C SER F 403 20.78 -24.07 -7.67
N ASP F 404 20.84 -24.80 -8.78
CA ASP F 404 21.36 -24.24 -10.02
C ASP F 404 20.24 -23.83 -10.95
N TYR F 405 20.63 -23.18 -12.05
CA TYR F 405 19.67 -22.54 -12.94
C TYR F 405 20.28 -22.35 -14.32
N PHE F 406 19.50 -22.62 -15.36
CA PHE F 406 20.02 -22.58 -16.73
C PHE F 406 18.89 -22.54 -17.76
#